data_1GRX
#
_entry.id   1GRX
#
_cell.length_a   1.000
_cell.length_b   1.000
_cell.length_c   1.000
_cell.angle_alpha   90.00
_cell.angle_beta   90.00
_cell.angle_gamma   90.00
#
_symmetry.space_group_name_H-M   'P 1'
#
loop_
_entity.id
_entity.type
_entity.pdbx_description
1 polymer GLUTAREDOXIN
2 non-polymer GLUTATHIONE
#
_entity_poly.entity_id   1
_entity_poly.type   'polypeptide(L)'
_entity_poly.pdbx_seq_one_letter_code
;MQTVIFGRSGCPYSVRAKDLAEKLSNERDDFQYQYVDIRAEGITKEDLQQKAGKPVETVPQIFVDQQHIGGYTDFAAWVK
ENLDA
;
_entity_poly.pdbx_strand_id   A
#
# COMPACT_ATOMS: atom_id res chain seq x y z
N MET A 1 8.65 -11.67 0.42
CA MET A 1 7.44 -10.87 0.11
C MET A 1 7.82 -9.68 -0.76
N GLN A 2 6.87 -8.89 -1.26
CA GLN A 2 7.15 -7.65 -1.98
C GLN A 2 5.96 -6.71 -1.89
N THR A 3 6.17 -5.48 -1.43
CA THR A 3 5.14 -4.48 -1.28
C THR A 3 5.20 -3.49 -2.46
N VAL A 4 4.06 -2.93 -2.88
CA VAL A 4 3.98 -1.91 -3.91
C VAL A 4 3.14 -0.76 -3.34
N ILE A 5 3.51 0.51 -3.55
CA ILE A 5 2.74 1.66 -3.08
C ILE A 5 2.16 2.28 -4.35
N PHE A 6 0.84 2.40 -4.46
CA PHE A 6 0.19 2.97 -5.62
C PHE A 6 -0.21 4.40 -5.29
N GLY A 7 0.36 5.38 -5.97
CA GLY A 7 -0.12 6.76 -5.91
C GLY A 7 0.11 7.39 -4.55
N ARG A 8 -0.61 8.47 -4.23
CA ARG A 8 -0.31 9.30 -3.07
C ARG A 8 -1.58 9.93 -2.52
N SER A 9 -1.63 10.07 -1.21
CA SER A 9 -2.55 10.93 -0.50
C SER A 9 -1.95 12.33 -0.43
N GLY A 10 -0.90 12.48 0.36
CA GLY A 10 -0.36 13.76 0.78
C GLY A 10 -0.77 14.06 2.22
N CYS A 11 -1.86 13.45 2.69
CA CYS A 11 -2.36 13.63 4.05
C CYS A 11 -1.42 12.86 4.97
N PRO A 12 -0.85 13.46 6.03
CA PRO A 12 0.12 12.80 6.89
C PRO A 12 -0.40 11.48 7.44
N TYR A 13 -1.66 11.48 7.88
CA TYR A 13 -2.30 10.34 8.51
C TYR A 13 -2.20 9.08 7.64
N SER A 14 -2.57 9.19 6.39
CA SER A 14 -2.59 8.09 5.47
C SER A 14 -1.15 7.68 5.10
N VAL A 15 -0.31 8.70 4.85
CA VAL A 15 1.11 8.58 4.52
C VAL A 15 1.86 7.70 5.51
N ARG A 16 1.40 7.62 6.77
CA ARG A 16 1.85 6.61 7.72
C ARG A 16 2.04 5.25 7.04
N ALA A 17 1.14 4.86 6.14
CA ALA A 17 1.25 3.60 5.40
C ALA A 17 2.58 3.48 4.64
N LYS A 18 2.96 4.53 3.90
CA LYS A 18 4.15 4.48 3.07
C LYS A 18 5.32 4.34 4.04
N ASP A 19 5.37 5.25 5.01
CA ASP A 19 6.42 5.30 6.01
C ASP A 19 6.60 3.92 6.65
N LEU A 20 5.47 3.31 7.00
CA LEU A 20 5.41 2.00 7.61
C LEU A 20 6.05 0.96 6.68
N ALA A 21 5.63 0.88 5.42
CA ALA A 21 6.24 -0.06 4.48
C ALA A 21 7.75 0.15 4.40
N GLU A 22 8.18 1.40 4.24
CA GLU A 22 9.59 1.68 4.13
C GLU A 22 10.31 1.20 5.38
N LYS A 23 9.84 1.64 6.55
CA LYS A 23 10.47 1.31 7.82
C LYS A 23 10.52 -0.21 7.99
N LEU A 24 9.43 -0.89 7.66
CA LEU A 24 9.40 -2.33 7.67
C LEU A 24 10.49 -2.91 6.76
N SER A 25 10.82 -2.25 5.66
CA SER A 25 11.89 -2.69 4.76
C SER A 25 13.28 -2.26 5.27
N ASN A 26 13.36 -1.74 6.50
CA ASN A 26 14.56 -1.67 7.31
C ASN A 26 14.52 -2.73 8.41
N GLU A 27 13.35 -2.96 9.00
CA GLU A 27 13.20 -3.84 10.15
C GLU A 27 13.35 -5.30 9.70
N ARG A 28 12.66 -5.66 8.62
CA ARG A 28 12.78 -6.96 7.98
C ARG A 28 13.83 -6.85 6.89
N ASP A 29 14.39 -7.99 6.48
CA ASP A 29 15.49 -8.05 5.53
C ASP A 29 15.18 -9.15 4.53
N ASP A 30 14.10 -8.97 3.78
CA ASP A 30 13.71 -9.84 2.68
C ASP A 30 12.88 -9.02 1.73
N PHE A 31 11.78 -8.47 2.25
CA PHE A 31 10.79 -7.87 1.42
C PHE A 31 11.26 -6.45 1.14
N GLN A 32 11.42 -6.17 -0.15
CA GLN A 32 11.55 -4.83 -0.64
C GLN A 32 10.13 -4.33 -0.78
N TYR A 33 9.98 -3.02 -0.79
CA TYR A 33 8.78 -2.42 -1.32
C TYR A 33 9.21 -1.71 -2.61
N GLN A 34 8.26 -1.29 -3.42
CA GLN A 34 8.50 -0.33 -4.48
C GLN A 34 7.35 0.66 -4.46
N TYR A 35 7.62 1.91 -4.78
CA TYR A 35 6.57 2.91 -4.93
C TYR A 35 6.35 3.11 -6.43
N VAL A 36 5.10 3.35 -6.81
CA VAL A 36 4.62 3.43 -8.18
C VAL A 36 3.73 4.68 -8.28
N ASP A 37 3.97 5.48 -9.33
CA ASP A 37 3.16 6.65 -9.63
C ASP A 37 2.04 6.36 -10.63
N ILE A 38 0.81 6.48 -10.15
CA ILE A 38 -0.36 6.64 -10.99
C ILE A 38 -0.18 7.74 -12.05
N ARG A 39 0.65 8.77 -11.79
CA ARG A 39 0.88 9.83 -12.77
C ARG A 39 1.77 9.37 -13.91
N ALA A 40 2.62 8.40 -13.66
CA ALA A 40 3.52 7.85 -14.69
C ALA A 40 2.74 6.83 -15.48
N GLU A 41 2.25 5.79 -14.78
CA GLU A 41 1.61 4.66 -15.41
C GLU A 41 0.21 4.99 -15.92
N GLY A 42 -0.44 6.00 -15.34
CA GLY A 42 -1.69 6.54 -15.84
C GLY A 42 -2.84 5.63 -15.41
N ILE A 43 -3.17 5.70 -14.13
CA ILE A 43 -4.20 4.89 -13.49
C ILE A 43 -5.15 5.82 -12.73
N THR A 44 -6.45 5.55 -12.82
CA THR A 44 -7.50 6.35 -12.23
C THR A 44 -7.81 5.84 -10.83
N LYS A 45 -8.51 6.66 -10.04
CA LYS A 45 -9.07 6.24 -8.77
C LYS A 45 -10.08 5.12 -9.02
N GLU A 46 -10.82 5.23 -10.13
CA GLU A 46 -11.71 4.19 -10.62
C GLU A 46 -10.90 2.92 -10.85
N ASP A 47 -9.86 2.99 -11.69
CA ASP A 47 -9.04 1.82 -12.02
C ASP A 47 -8.63 1.15 -10.73
N LEU A 48 -8.03 1.94 -9.84
CA LEU A 48 -7.55 1.46 -8.57
C LEU A 48 -8.61 0.64 -7.86
N GLN A 49 -9.83 1.16 -7.68
CA GLN A 49 -10.89 0.46 -7.01
C GLN A 49 -11.34 -0.78 -7.80
N GLN A 50 -11.37 -0.68 -9.13
CA GLN A 50 -11.65 -1.79 -10.02
C GLN A 50 -10.65 -2.92 -9.74
N LYS A 51 -9.37 -2.67 -9.96
CA LYS A 51 -8.31 -3.65 -9.85
C LYS A 51 -8.24 -4.18 -8.41
N ALA A 52 -8.33 -3.27 -7.44
CA ALA A 52 -8.37 -3.60 -6.02
C ALA A 52 -9.50 -4.58 -5.72
N GLY A 53 -10.58 -4.52 -6.49
CA GLY A 53 -11.70 -5.44 -6.37
C GLY A 53 -12.76 -4.89 -5.41
N LYS A 54 -12.77 -3.59 -5.14
CA LYS A 54 -13.74 -2.99 -4.23
C LYS A 54 -13.70 -1.47 -4.39
N PRO A 55 -14.77 -0.75 -4.02
CA PRO A 55 -14.78 0.70 -4.04
C PRO A 55 -13.90 1.28 -2.94
N VAL A 56 -12.58 1.11 -3.03
CA VAL A 56 -11.65 1.90 -2.24
C VAL A 56 -11.59 3.29 -2.83
N GLU A 57 -11.80 4.25 -1.95
CA GLU A 57 -11.78 5.67 -2.23
C GLU A 57 -10.80 6.37 -1.29
N THR A 58 -10.28 5.70 -0.26
CA THR A 58 -9.20 6.25 0.53
C THR A 58 -7.90 5.96 -0.22
N VAL A 59 -6.90 6.82 -0.09
CA VAL A 59 -5.57 6.59 -0.63
C VAL A 59 -4.58 6.76 0.53
N PRO A 60 -3.32 6.28 0.45
CA PRO A 60 -2.74 5.54 -0.66
C PRO A 60 -3.38 4.15 -0.75
N GLN A 61 -3.08 3.44 -1.83
CA GLN A 61 -3.23 2.01 -1.87
C GLN A 61 -1.82 1.43 -1.73
N ILE A 62 -1.69 0.31 -1.01
CA ILE A 62 -0.48 -0.48 -0.94
C ILE A 62 -0.93 -1.90 -1.25
N PHE A 63 -0.26 -2.54 -2.19
CA PHE A 63 -0.41 -3.97 -2.43
C PHE A 63 0.73 -4.66 -1.70
N VAL A 64 0.50 -5.86 -1.16
CA VAL A 64 1.58 -6.75 -0.74
C VAL A 64 1.40 -8.02 -1.54
N ASP A 65 2.47 -8.57 -2.10
CA ASP A 65 2.46 -9.75 -2.96
C ASP A 65 1.29 -9.69 -3.93
N GLN A 66 1.24 -8.60 -4.70
CA GLN A 66 0.25 -8.33 -5.73
C GLN A 66 -1.20 -8.33 -5.23
N GLN A 67 -1.44 -8.36 -3.91
CA GLN A 67 -2.76 -8.39 -3.30
C GLN A 67 -3.03 -7.02 -2.71
N HIS A 68 -4.15 -6.41 -3.12
CA HIS A 68 -4.63 -5.14 -2.62
C HIS A 68 -4.91 -5.26 -1.12
N ILE A 69 -4.32 -4.38 -0.31
CA ILE A 69 -4.57 -4.37 1.11
C ILE A 69 -5.69 -3.37 1.44
N GLY A 70 -5.50 -2.12 1.02
CA GLY A 70 -6.31 -0.99 1.46
C GLY A 70 -5.39 0.14 1.91
N GLY A 71 -5.78 0.91 2.93
CA GLY A 71 -5.04 2.06 3.38
C GLY A 71 -4.08 1.71 4.51
N TYR A 72 -3.59 2.74 5.20
CA TYR A 72 -2.70 2.60 6.34
C TYR A 72 -3.18 1.56 7.36
N THR A 73 -4.35 1.75 7.92
CA THR A 73 -4.85 0.90 8.99
C THR A 73 -5.11 -0.52 8.45
N ASP A 74 -5.58 -0.65 7.21
CA ASP A 74 -5.66 -1.94 6.55
C ASP A 74 -4.29 -2.60 6.53
N PHE A 75 -3.26 -1.84 6.15
CA PHE A 75 -1.93 -2.37 5.97
C PHE A 75 -1.35 -2.82 7.30
N ALA A 76 -1.57 -2.05 8.35
CA ALA A 76 -1.25 -2.46 9.71
C ALA A 76 -1.95 -3.79 9.98
N ALA A 77 -3.27 -3.82 9.80
CA ALA A 77 -4.08 -5.00 10.03
C ALA A 77 -3.52 -6.21 9.27
N TRP A 78 -3.12 -6.04 8.00
CA TRP A 78 -2.75 -7.16 7.17
C TRP A 78 -1.44 -7.71 7.73
N VAL A 79 -0.48 -6.81 7.98
CA VAL A 79 0.80 -7.18 8.59
C VAL A 79 0.56 -7.89 9.92
N LYS A 80 -0.49 -7.49 10.65
CA LYS A 80 -0.89 -8.24 11.82
C LYS A 80 -1.31 -9.65 11.41
N GLU A 81 -2.47 -9.85 10.79
CA GLU A 81 -2.98 -11.20 10.59
C GLU A 81 -2.00 -12.13 9.86
N ASN A 82 -1.09 -11.57 9.05
CA ASN A 82 -0.07 -12.33 8.35
C ASN A 82 1.18 -12.54 9.20
N LEU A 83 1.76 -11.49 9.79
CA LEU A 83 3.04 -11.56 10.49
C LEU A 83 2.84 -11.44 12.01
N ASP A 84 2.49 -10.25 12.50
CA ASP A 84 2.50 -9.92 13.93
C ASP A 84 1.44 -10.66 14.75
N ALA A 85 0.44 -11.18 14.06
CA ALA A 85 -0.66 -12.06 14.45
C ALA A 85 -1.99 -11.31 14.48
N MET A 1 8.55 -12.31 -1.85
CA MET A 1 7.65 -11.47 -1.06
C MET A 1 7.83 -10.00 -1.48
N GLN A 2 6.77 -9.26 -1.78
CA GLN A 2 6.89 -7.87 -2.24
C GLN A 2 5.67 -7.05 -1.85
N THR A 3 5.82 -5.73 -1.86
CA THR A 3 4.79 -4.78 -1.46
C THR A 3 4.88 -3.51 -2.32
N VAL A 4 3.96 -3.33 -3.27
CA VAL A 4 3.93 -2.12 -4.09
C VAL A 4 2.98 -1.13 -3.42
N ILE A 5 3.33 0.16 -3.32
CA ILE A 5 2.43 1.20 -2.85
C ILE A 5 1.93 1.86 -4.12
N PHE A 6 0.63 1.93 -4.34
CA PHE A 6 0.07 2.78 -5.37
C PHE A 6 -0.47 4.01 -4.64
N GLY A 7 0.23 5.15 -4.67
CA GLY A 7 -0.18 6.33 -3.92
C GLY A 7 -0.02 7.61 -4.75
N ARG A 8 -0.73 8.68 -4.39
CA ARG A 8 -0.58 9.97 -5.08
C ARG A 8 0.55 10.75 -4.46
N SER A 9 0.39 10.96 -3.17
CA SER A 9 1.13 11.76 -2.22
C SER A 9 0.15 12.65 -1.43
N GLY A 10 0.47 12.91 -0.17
CA GLY A 10 -0.31 13.78 0.70
C GLY A 10 -1.26 12.99 1.60
N CYS A 11 -1.97 13.69 2.48
CA CYS A 11 -2.79 13.13 3.56
C CYS A 11 -1.96 12.25 4.51
N PRO A 12 -1.48 12.80 5.64
CA PRO A 12 -0.41 12.17 6.42
C PRO A 12 -0.78 10.80 7.00
N TYR A 13 -2.07 10.54 7.25
CA TYR A 13 -2.53 9.21 7.63
C TYR A 13 -2.29 8.23 6.48
N SER A 14 -2.59 8.64 5.26
CA SER A 14 -2.37 7.82 4.09
C SER A 14 -0.86 7.57 3.95
N VAL A 15 -0.06 8.61 4.16
CA VAL A 15 1.41 8.55 4.11
C VAL A 15 1.95 7.52 5.10
N ARG A 16 1.25 7.23 6.21
CA ARG A 16 1.71 6.17 7.10
C ARG A 16 1.89 4.85 6.36
N ALA A 17 1.26 4.67 5.20
CA ALA A 17 1.35 3.47 4.40
C ALA A 17 2.78 3.36 3.85
N LYS A 18 3.23 4.44 3.21
CA LYS A 18 4.60 4.62 2.75
C LYS A 18 5.56 4.39 3.90
N ASP A 19 5.34 5.12 5.00
CA ASP A 19 6.18 5.04 6.17
C ASP A 19 6.30 3.60 6.66
N LEU A 20 5.15 2.93 6.82
CA LEU A 20 5.08 1.57 7.29
C LEU A 20 5.84 0.63 6.37
N ALA A 21 5.57 0.63 5.07
CA ALA A 21 6.29 -0.24 4.13
C ALA A 21 7.79 0.03 4.19
N GLU A 22 8.20 1.29 4.24
CA GLU A 22 9.62 1.61 4.15
C GLU A 22 10.28 1.16 5.46
N LYS A 23 9.65 1.45 6.59
CA LYS A 23 10.17 1.06 7.88
C LYS A 23 10.21 -0.46 7.98
N LEU A 24 9.16 -1.15 7.53
CA LEU A 24 9.17 -2.59 7.48
C LEU A 24 10.40 -3.06 6.69
N SER A 25 10.70 -2.37 5.59
CA SER A 25 11.87 -2.66 4.77
C SER A 25 13.21 -2.31 5.47
N ASN A 26 13.17 -1.64 6.62
CA ASN A 26 14.31 -1.48 7.49
C ASN A 26 14.36 -2.58 8.54
N GLU A 27 13.23 -2.95 9.15
CA GLU A 27 13.26 -3.94 10.21
C GLU A 27 13.48 -5.34 9.61
N ARG A 28 12.69 -5.69 8.59
CA ARG A 28 12.87 -6.88 7.77
C ARG A 28 13.88 -6.56 6.67
N ASP A 29 14.40 -7.63 6.03
CA ASP A 29 15.19 -7.52 4.79
C ASP A 29 14.65 -8.49 3.72
N ASP A 30 13.63 -9.30 4.05
CA ASP A 30 13.28 -10.49 3.29
C ASP A 30 12.41 -10.11 2.10
N PHE A 31 11.39 -9.29 2.33
CA PHE A 31 10.54 -8.75 1.30
C PHE A 31 11.22 -7.52 0.71
N GLN A 32 10.73 -7.06 -0.43
CA GLN A 32 11.13 -5.80 -1.05
C GLN A 32 9.87 -4.96 -1.16
N TYR A 33 9.95 -3.66 -1.41
CA TYR A 33 8.76 -2.85 -1.63
C TYR A 33 9.05 -1.81 -2.70
N GLN A 34 8.06 -1.33 -3.45
CA GLN A 34 8.25 -0.27 -4.44
C GLN A 34 7.16 0.76 -4.23
N TYR A 35 7.45 2.04 -4.52
CA TYR A 35 6.43 3.08 -4.54
C TYR A 35 6.12 3.45 -5.98
N VAL A 36 4.91 3.09 -6.38
CA VAL A 36 4.24 3.51 -7.57
C VAL A 36 3.51 4.82 -7.26
N ASP A 37 4.08 5.95 -7.67
CA ASP A 37 3.36 7.22 -7.66
C ASP A 37 2.36 7.25 -8.82
N ILE A 38 1.08 7.04 -8.51
CA ILE A 38 0.04 6.89 -9.51
C ILE A 38 -0.09 8.10 -10.43
N ARG A 39 0.52 9.24 -10.07
CA ARG A 39 0.43 10.45 -10.87
C ARG A 39 1.29 10.31 -12.12
N ALA A 40 2.36 9.54 -12.01
CA ALA A 40 3.29 9.27 -13.10
C ALA A 40 2.57 8.48 -14.19
N GLU A 41 2.06 7.28 -13.88
CA GLU A 41 1.35 6.48 -14.87
C GLU A 41 -0.04 7.05 -15.16
N GLY A 42 -0.62 7.77 -14.20
CA GLY A 42 -1.89 8.48 -14.38
C GLY A 42 -3.08 7.57 -14.13
N ILE A 43 -3.00 6.73 -13.09
CA ILE A 43 -4.08 5.78 -12.79
C ILE A 43 -5.15 6.49 -11.97
N THR A 44 -6.41 6.05 -12.06
CA THR A 44 -7.55 6.64 -11.37
C THR A 44 -7.96 5.80 -10.16
N LYS A 45 -8.47 6.45 -9.11
CA LYS A 45 -9.02 5.83 -7.91
C LYS A 45 -10.05 4.78 -8.29
N GLU A 46 -10.90 5.11 -9.26
CA GLU A 46 -11.81 4.21 -9.92
C GLU A 46 -11.06 2.93 -10.34
N ASP A 47 -10.06 3.06 -11.21
CA ASP A 47 -9.42 1.91 -11.81
C ASP A 47 -8.72 1.09 -10.75
N LEU A 48 -8.02 1.79 -9.87
CA LEU A 48 -7.42 1.24 -8.67
C LEU A 48 -8.44 0.37 -7.92
N GLN A 49 -9.69 0.81 -7.78
CA GLN A 49 -10.74 -0.01 -7.21
C GLN A 49 -10.95 -1.31 -8.00
N GLN A 50 -10.90 -1.24 -9.32
CA GLN A 50 -11.08 -2.41 -10.18
C GLN A 50 -9.90 -3.37 -10.06
N LYS A 51 -8.68 -2.88 -10.22
CA LYS A 51 -7.48 -3.67 -10.02
C LYS A 51 -7.47 -4.27 -8.62
N ALA A 52 -7.89 -3.51 -7.62
CA ALA A 52 -8.05 -4.01 -6.27
C ALA A 52 -8.99 -5.20 -6.28
N GLY A 53 -10.17 -4.99 -6.88
CA GLY A 53 -11.28 -5.90 -6.81
C GLY A 53 -12.13 -5.55 -5.60
N LYS A 54 -12.23 -4.27 -5.26
CA LYS A 54 -13.21 -3.79 -4.31
C LYS A 54 -13.54 -2.33 -4.54
N PRO A 55 -14.71 -1.85 -4.07
CA PRO A 55 -14.97 -0.44 -3.97
C PRO A 55 -14.07 0.14 -2.86
N VAL A 56 -12.89 0.63 -3.23
CA VAL A 56 -12.13 1.58 -2.41
C VAL A 56 -12.45 3.00 -2.88
N GLU A 57 -12.24 3.95 -1.98
CA GLU A 57 -12.41 5.37 -2.19
C GLU A 57 -11.46 6.12 -1.24
N THR A 58 -10.27 5.58 -1.00
CA THR A 58 -9.21 6.30 -0.33
C THR A 58 -7.91 5.94 -1.05
N VAL A 59 -6.95 6.86 -1.06
CA VAL A 59 -5.59 6.60 -1.52
C VAL A 59 -4.68 6.65 -0.30
N PRO A 60 -3.51 5.99 -0.27
CA PRO A 60 -2.98 5.13 -1.31
C PRO A 60 -3.59 3.74 -1.20
N GLN A 61 -3.07 2.81 -2.00
CA GLN A 61 -3.41 1.41 -1.98
C GLN A 61 -2.12 0.61 -2.09
N ILE A 62 -1.69 -0.03 -1.01
CA ILE A 62 -0.60 -0.98 -1.07
C ILE A 62 -1.16 -2.33 -1.49
N PHE A 63 -0.51 -2.95 -2.45
CA PHE A 63 -0.74 -4.33 -2.84
C PHE A 63 0.45 -5.13 -2.30
N VAL A 64 0.19 -6.11 -1.46
CA VAL A 64 1.20 -7.04 -0.99
C VAL A 64 1.08 -8.27 -1.87
N ASP A 65 2.16 -8.66 -2.55
CA ASP A 65 2.20 -9.81 -3.45
C ASP A 65 0.94 -9.87 -4.31
N GLN A 66 0.68 -8.75 -4.99
CA GLN A 66 -0.47 -8.41 -5.80
C GLN A 66 -1.85 -8.82 -5.25
N GLN A 67 -2.02 -8.91 -3.94
CA GLN A 67 -3.32 -8.86 -3.30
C GLN A 67 -3.45 -7.44 -2.78
N HIS A 68 -4.57 -6.79 -3.09
CA HIS A 68 -4.92 -5.50 -2.53
C HIS A 68 -4.99 -5.61 -1.01
N ILE A 69 -4.22 -4.78 -0.30
CA ILE A 69 -4.33 -4.64 1.14
C ILE A 69 -5.21 -3.45 1.46
N GLY A 70 -4.84 -2.29 0.93
CA GLY A 70 -5.48 -1.01 1.21
C GLY A 70 -4.40 0.01 1.60
N GLY A 71 -4.80 1.12 2.21
CA GLY A 71 -3.87 2.17 2.63
C GLY A 71 -3.19 1.80 3.94
N TYR A 72 -2.77 2.79 4.73
CA TYR A 72 -2.05 2.55 5.97
C TYR A 72 -2.89 1.74 6.93
N THR A 73 -4.04 2.26 7.33
CA THR A 73 -4.82 1.65 8.39
C THR A 73 -5.24 0.24 7.97
N ASP A 74 -5.53 0.08 6.69
CA ASP A 74 -5.78 -1.23 6.11
C ASP A 74 -4.54 -2.11 6.26
N PHE A 75 -3.36 -1.55 5.98
CA PHE A 75 -2.12 -2.29 5.92
C PHE A 75 -1.67 -2.68 7.32
N ALA A 76 -1.73 -1.76 8.29
CA ALA A 76 -1.45 -2.02 9.69
C ALA A 76 -2.24 -3.25 10.12
N ALA A 77 -3.54 -3.26 9.85
CA ALA A 77 -4.35 -4.43 10.13
C ALA A 77 -3.72 -5.69 9.55
N TRP A 78 -3.42 -5.71 8.24
CA TRP A 78 -2.86 -6.88 7.59
C TRP A 78 -1.55 -7.30 8.27
N VAL A 79 -0.66 -6.34 8.52
CA VAL A 79 0.61 -6.57 9.18
C VAL A 79 0.34 -7.27 10.51
N LYS A 80 -0.63 -6.80 11.28
CA LYS A 80 -0.95 -7.46 12.53
C LYS A 80 -1.45 -8.89 12.28
N GLU A 81 -2.35 -9.09 11.31
CA GLU A 81 -2.80 -10.42 10.90
C GLU A 81 -1.64 -11.33 10.44
N ASN A 82 -0.45 -10.81 10.18
CA ASN A 82 0.64 -11.56 9.60
C ASN A 82 1.82 -11.60 10.55
N LEU A 83 2.51 -10.48 10.72
CA LEU A 83 3.73 -10.38 11.48
C LEU A 83 3.41 -10.21 12.98
N ASP A 84 2.29 -9.55 13.29
CA ASP A 84 1.86 -9.16 14.63
C ASP A 84 2.96 -8.45 15.41
N ALA A 85 3.41 -7.34 14.82
CA ALA A 85 4.25 -6.35 15.45
C ALA A 85 3.36 -5.14 15.70
N MET A 1 6.90 -11.80 -0.07
CA MET A 1 5.80 -10.84 0.00
C MET A 1 6.29 -9.40 -0.24
N GLN A 2 6.64 -9.11 -1.49
CA GLN A 2 7.15 -7.82 -1.93
C GLN A 2 5.93 -6.97 -2.18
N THR A 3 5.95 -5.80 -1.56
CA THR A 3 4.84 -4.89 -1.63
C THR A 3 4.96 -4.10 -2.92
N VAL A 4 3.82 -3.72 -3.50
CA VAL A 4 3.75 -2.76 -4.56
C VAL A 4 2.70 -1.74 -4.15
N ILE A 5 3.02 -0.45 -4.18
CA ILE A 5 2.25 0.58 -3.54
C ILE A 5 1.84 1.63 -4.56
N PHE A 6 0.56 1.96 -4.61
CA PHE A 6 -0.02 2.75 -5.65
C PHE A 6 -0.53 4.07 -5.09
N GLY A 7 0.07 5.19 -5.51
CA GLY A 7 -0.41 6.52 -5.19
C GLY A 7 -0.26 6.84 -3.70
N ARG A 8 -0.23 8.14 -3.36
CA ARG A 8 0.12 8.58 -2.03
C ARG A 8 0.04 10.09 -1.95
N SER A 9 0.63 10.65 -0.89
CA SER A 9 1.07 12.03 -0.77
C SER A 9 -0.08 12.99 -0.49
N GLY A 10 0.19 14.01 0.33
CA GLY A 10 -0.86 14.76 1.01
C GLY A 10 -1.45 13.90 2.11
N CYS A 11 -1.89 14.53 3.21
CA CYS A 11 -2.51 13.89 4.37
C CYS A 11 -1.57 12.95 5.14
N PRO A 12 -1.31 13.18 6.44
CA PRO A 12 -0.35 12.40 7.19
C PRO A 12 -0.76 10.93 7.23
N TYR A 13 -2.02 10.66 7.58
CA TYR A 13 -2.53 9.31 7.74
C TYR A 13 -2.29 8.43 6.51
N SER A 14 -2.43 9.01 5.32
CA SER A 14 -2.23 8.30 4.07
C SER A 14 -0.74 7.91 4.03
N VAL A 15 0.15 8.90 4.12
CA VAL A 15 1.58 8.69 3.99
C VAL A 15 2.12 7.84 5.14
N ARG A 16 1.43 7.76 6.28
CA ARG A 16 1.75 6.84 7.36
C ARG A 16 1.89 5.39 6.86
N ALA A 17 1.24 5.08 5.73
CA ALA A 17 1.42 3.81 5.04
C ALA A 17 2.83 3.70 4.45
N LYS A 18 3.27 4.72 3.70
CA LYS A 18 4.66 4.76 3.22
C LYS A 18 5.57 4.57 4.43
N ASP A 19 5.33 5.34 5.49
CA ASP A 19 6.12 5.29 6.72
C ASP A 19 6.25 3.85 7.20
N LEU A 20 5.12 3.16 7.32
CA LEU A 20 5.08 1.74 7.68
C LEU A 20 5.97 0.94 6.75
N ALA A 21 5.71 0.95 5.44
CA ALA A 21 6.47 0.11 4.52
C ALA A 21 7.96 0.46 4.56
N GLU A 22 8.32 1.75 4.64
CA GLU A 22 9.70 2.18 4.57
C GLU A 22 10.35 1.56 5.80
N LYS A 23 9.83 1.90 6.98
CA LYS A 23 10.22 1.33 8.26
C LYS A 23 10.46 -0.17 8.11
N LEU A 24 9.44 -0.91 7.69
CA LEU A 24 9.52 -2.35 7.57
C LEU A 24 10.52 -2.80 6.53
N SER A 25 10.67 -2.11 5.39
CA SER A 25 11.65 -2.54 4.41
C SER A 25 13.05 -2.32 4.97
N ASN A 26 13.22 -1.36 5.89
CA ASN A 26 14.48 -1.16 6.57
C ASN A 26 14.66 -2.29 7.59
N GLU A 27 13.68 -2.49 8.49
CA GLU A 27 13.87 -3.36 9.63
C GLU A 27 13.86 -4.83 9.24
N ARG A 28 13.05 -5.20 8.24
CA ARG A 28 13.04 -6.52 7.67
C ARG A 28 14.16 -6.55 6.63
N ASP A 29 14.66 -7.75 6.33
CA ASP A 29 15.69 -7.97 5.33
C ASP A 29 15.23 -9.11 4.42
N ASP A 30 13.91 -9.21 4.22
CA ASP A 30 13.26 -10.25 3.43
C ASP A 30 12.35 -9.62 2.37
N PHE A 31 11.44 -8.72 2.75
CA PHE A 31 10.47 -8.15 1.85
C PHE A 31 10.88 -6.73 1.48
N GLN A 32 11.00 -6.50 0.18
CA GLN A 32 11.18 -5.18 -0.38
C GLN A 32 9.80 -4.58 -0.61
N TYR A 33 9.76 -3.32 -1.02
CA TYR A 33 8.54 -2.65 -1.43
C TYR A 33 8.87 -1.97 -2.76
N GLN A 34 7.87 -1.58 -3.54
CA GLN A 34 8.08 -0.70 -4.67
C GLN A 34 6.90 0.22 -4.74
N TYR A 35 7.19 1.50 -4.91
CA TYR A 35 6.18 2.52 -5.01
C TYR A 35 5.93 2.81 -6.49
N VAL A 36 4.69 3.15 -6.82
CA VAL A 36 4.13 3.21 -8.15
C VAL A 36 3.26 4.48 -8.15
N ASP A 37 3.60 5.46 -8.98
CA ASP A 37 2.86 6.71 -9.10
C ASP A 37 1.75 6.63 -10.11
N ILE A 38 0.55 6.41 -9.60
CA ILE A 38 -0.66 6.39 -10.38
C ILE A 38 -0.78 7.65 -11.25
N ARG A 39 -0.50 8.83 -10.68
CA ARG A 39 -0.57 10.10 -11.42
C ARG A 39 0.70 10.39 -12.24
N ALA A 40 1.55 9.40 -12.50
CA ALA A 40 2.67 9.48 -13.42
C ALA A 40 2.48 8.44 -14.52
N GLU A 41 2.12 7.22 -14.15
CA GLU A 41 1.96 6.13 -15.09
C GLU A 41 0.66 6.37 -15.85
N GLY A 42 -0.39 6.74 -15.14
CA GLY A 42 -1.72 6.90 -15.68
C GLY A 42 -2.60 5.75 -15.18
N ILE A 43 -2.67 5.62 -13.86
CA ILE A 43 -3.70 4.90 -13.14
C ILE A 43 -4.54 6.01 -12.48
N THR A 44 -5.81 5.74 -12.22
CA THR A 44 -6.66 6.60 -11.43
C THR A 44 -7.11 5.88 -10.17
N LYS A 45 -7.70 6.62 -9.23
CA LYS A 45 -8.34 6.04 -8.08
C LYS A 45 -9.36 5.00 -8.56
N GLU A 46 -10.21 5.39 -9.51
CA GLU A 46 -11.21 4.52 -10.09
C GLU A 46 -10.54 3.22 -10.55
N ASP A 47 -9.47 3.32 -11.35
CA ASP A 47 -8.78 2.13 -11.84
C ASP A 47 -8.35 1.25 -10.68
N LEU A 48 -7.65 1.86 -9.73
CA LEU A 48 -7.23 1.21 -8.51
C LEU A 48 -8.33 0.38 -7.87
N GLN A 49 -9.51 0.98 -7.65
CA GLN A 49 -10.63 0.28 -7.07
C GLN A 49 -10.96 -0.98 -7.89
N GLN A 50 -10.99 -0.88 -9.22
CA GLN A 50 -11.27 -2.04 -10.06
C GLN A 50 -10.16 -3.08 -9.93
N LYS A 51 -8.90 -2.66 -9.95
CA LYS A 51 -7.75 -3.55 -9.82
C LYS A 51 -7.88 -4.33 -8.51
N ALA A 52 -8.10 -3.60 -7.42
CA ALA A 52 -8.38 -4.15 -6.12
C ALA A 52 -9.58 -5.10 -6.20
N GLY A 53 -10.56 -4.75 -7.03
CA GLY A 53 -11.84 -5.42 -7.13
C GLY A 53 -12.66 -5.09 -5.89
N LYS A 54 -12.51 -3.87 -5.41
CA LYS A 54 -13.16 -3.36 -4.21
C LYS A 54 -13.39 -1.88 -4.48
N PRO A 55 -14.61 -1.35 -4.34
CA PRO A 55 -14.86 0.04 -4.61
C PRO A 55 -14.41 0.88 -3.42
N VAL A 56 -13.11 1.03 -3.25
CA VAL A 56 -12.51 1.84 -2.20
C VAL A 56 -12.11 3.21 -2.71
N GLU A 57 -12.47 4.24 -1.95
CA GLU A 57 -12.20 5.62 -2.31
C GLU A 57 -10.78 6.00 -1.88
N THR A 58 -10.29 5.48 -0.77
CA THR A 58 -9.18 6.11 -0.08
C THR A 58 -7.83 5.72 -0.68
N VAL A 59 -6.82 6.54 -0.43
CA VAL A 59 -5.43 6.28 -0.79
C VAL A 59 -4.63 6.21 0.52
N PRO A 60 -3.38 5.72 0.52
CA PRO A 60 -2.71 5.09 -0.60
C PRO A 60 -3.32 3.72 -0.85
N GLN A 61 -2.83 3.00 -1.85
CA GLN A 61 -3.26 1.64 -2.10
C GLN A 61 -2.04 0.73 -2.11
N ILE A 62 -1.70 0.15 -0.96
CA ILE A 62 -0.65 -0.83 -0.84
C ILE A 62 -1.26 -2.20 -1.21
N PHE A 63 -0.58 -2.92 -2.10
CA PHE A 63 -0.85 -4.29 -2.48
C PHE A 63 0.39 -5.09 -2.05
N VAL A 64 0.25 -6.36 -1.71
CA VAL A 64 1.34 -7.26 -1.38
C VAL A 64 1.30 -8.39 -2.39
N ASP A 65 2.44 -8.76 -2.99
CA ASP A 65 2.53 -9.72 -4.09
C ASP A 65 1.69 -9.20 -5.26
N GLN A 66 0.39 -9.48 -5.25
CA GLN A 66 -0.60 -8.94 -6.16
C GLN A 66 -1.99 -8.85 -5.51
N GLN A 67 -2.11 -9.07 -4.21
CA GLN A 67 -3.36 -8.93 -3.48
C GLN A 67 -3.40 -7.49 -2.97
N HIS A 68 -4.53 -6.83 -3.21
CA HIS A 68 -4.90 -5.58 -2.57
C HIS A 68 -4.81 -5.77 -1.06
N ILE A 69 -4.12 -4.85 -0.38
CA ILE A 69 -4.23 -4.73 1.05
C ILE A 69 -5.13 -3.53 1.33
N GLY A 70 -4.71 -2.33 0.93
CA GLY A 70 -5.45 -1.09 1.14
C GLY A 70 -4.57 0.06 1.68
N GLY A 71 -5.16 0.93 2.51
CA GLY A 71 -4.50 2.11 3.09
C GLY A 71 -3.61 1.72 4.28
N TYR A 72 -3.12 2.69 5.06
CA TYR A 72 -2.32 2.39 6.24
C TYR A 72 -3.14 1.57 7.22
N THR A 73 -4.42 1.91 7.42
CA THR A 73 -5.33 1.14 8.25
C THR A 73 -5.30 -0.33 7.84
N ASP A 74 -5.65 -0.56 6.59
CA ASP A 74 -5.80 -1.88 6.02
C ASP A 74 -4.48 -2.65 6.11
N PHE A 75 -3.40 -1.92 5.86
CA PHE A 75 -2.04 -2.42 5.81
C PHE A 75 -1.53 -2.76 7.21
N ALA A 76 -1.84 -1.89 8.17
CA ALA A 76 -1.61 -2.12 9.57
C ALA A 76 -2.33 -3.40 9.97
N ALA A 77 -3.57 -3.57 9.51
CA ALA A 77 -4.29 -4.82 9.73
C ALA A 77 -3.52 -6.01 9.13
N TRP A 78 -3.13 -5.96 7.85
CA TRP A 78 -2.32 -7.02 7.21
C TRP A 78 -1.11 -7.38 8.07
N VAL A 79 -0.35 -6.37 8.50
CA VAL A 79 0.77 -6.57 9.41
C VAL A 79 0.27 -7.35 10.63
N LYS A 80 -0.82 -6.90 11.25
CA LYS A 80 -1.43 -7.51 12.41
C LYS A 80 -2.39 -8.64 12.03
N GLU A 81 -2.06 -9.43 11.01
CA GLU A 81 -2.59 -10.77 10.82
C GLU A 81 -1.49 -11.68 10.27
N ASN A 82 -0.49 -11.14 9.58
CA ASN A 82 0.63 -11.90 9.02
C ASN A 82 1.80 -11.89 9.99
N LEU A 83 2.31 -10.70 10.31
CA LEU A 83 3.57 -10.55 11.01
C LEU A 83 3.32 -10.63 12.50
N ASP A 84 2.35 -9.85 12.97
CA ASP A 84 1.96 -9.65 14.35
C ASP A 84 3.16 -9.54 15.28
N ALA A 85 4.03 -8.58 14.99
CA ALA A 85 5.23 -8.19 15.71
C ALA A 85 6.42 -8.68 14.90
N MET A 1 7.09 -11.44 1.12
CA MET A 1 5.92 -10.70 0.62
C MET A 1 6.31 -9.30 0.14
N GLN A 2 6.36 -9.06 -1.17
CA GLN A 2 6.83 -7.81 -1.77
C GLN A 2 5.66 -6.85 -1.77
N THR A 3 5.86 -5.75 -1.06
CA THR A 3 4.88 -4.69 -0.92
C THR A 3 5.03 -3.77 -2.14
N VAL A 4 3.95 -3.16 -2.60
CA VAL A 4 3.92 -2.26 -3.74
C VAL A 4 2.97 -1.13 -3.34
N ILE A 5 3.23 0.14 -3.69
CA ILE A 5 2.51 1.27 -3.13
C ILE A 5 2.14 2.21 -4.26
N PHE A 6 0.85 2.49 -4.42
CA PHE A 6 0.34 3.05 -5.66
C PHE A 6 0.13 4.56 -5.54
N GLY A 7 1.20 5.34 -5.57
CA GLY A 7 1.16 6.77 -5.91
C GLY A 7 0.53 7.70 -4.88
N ARG A 8 -0.78 7.60 -4.68
CA ARG A 8 -1.59 8.57 -3.96
C ARG A 8 -1.39 8.51 -2.45
N SER A 9 -0.18 8.79 -1.94
CA SER A 9 -0.09 9.19 -0.55
C SER A 9 -0.65 10.62 -0.52
N GLY A 10 -1.51 10.95 0.44
CA GLY A 10 -2.23 12.21 0.33
C GLY A 10 -3.10 12.47 1.55
N CYS A 11 -2.45 12.80 2.68
CA CYS A 11 -3.00 13.04 4.01
C CYS A 11 -1.91 12.60 4.98
N PRO A 12 -1.67 13.30 6.09
CA PRO A 12 -0.53 13.00 6.95
C PRO A 12 -0.54 11.54 7.37
N TYR A 13 -1.70 11.05 7.83
CA TYR A 13 -1.85 9.66 8.21
C TYR A 13 -1.86 8.73 7.00
N SER A 14 -2.14 9.23 5.80
CA SER A 14 -2.09 8.41 4.59
C SER A 14 -0.64 8.01 4.36
N VAL A 15 0.26 9.00 4.33
CA VAL A 15 1.69 8.78 4.16
C VAL A 15 2.19 7.75 5.19
N ARG A 16 1.62 7.73 6.38
CA ARG A 16 1.94 6.75 7.41
C ARG A 16 1.96 5.31 6.87
N ALA A 17 1.11 4.99 5.88
CA ALA A 17 1.12 3.68 5.25
C ALA A 17 2.46 3.42 4.54
N LYS A 18 2.95 4.40 3.77
CA LYS A 18 4.26 4.30 3.15
C LYS A 18 5.26 4.10 4.29
N ASP A 19 5.15 4.96 5.31
CA ASP A 19 6.09 5.00 6.40
C ASP A 19 6.22 3.63 7.05
N LEU A 20 5.10 2.95 7.31
CA LEU A 20 5.11 1.59 7.84
C LEU A 20 6.00 0.68 6.98
N ALA A 21 5.72 0.61 5.68
CA ALA A 21 6.45 -0.26 4.76
C ALA A 21 7.94 0.11 4.74
N GLU A 22 8.23 1.40 4.56
CA GLU A 22 9.59 1.89 4.39
C GLU A 22 10.38 1.56 5.66
N LYS A 23 9.83 1.91 6.82
CA LYS A 23 10.41 1.52 8.10
C LYS A 23 10.58 0.01 8.13
N LEU A 24 9.55 -0.79 7.88
CA LEU A 24 9.68 -2.25 7.89
C LEU A 24 10.82 -2.71 6.98
N SER A 25 11.01 -2.05 5.84
CA SER A 25 12.06 -2.32 4.88
C SER A 25 13.44 -1.86 5.41
N ASN A 26 13.46 -0.83 6.27
CA ASN A 26 14.64 -0.39 7.01
C ASN A 26 14.96 -1.37 8.15
N GLU A 27 13.94 -1.92 8.81
CA GLU A 27 14.09 -2.82 9.94
C GLU A 27 14.57 -4.17 9.40
N ARG A 28 13.81 -4.76 8.49
CA ARG A 28 14.04 -6.09 7.96
C ARG A 28 14.82 -6.00 6.64
N ASP A 29 14.94 -7.15 5.98
CA ASP A 29 15.75 -7.39 4.81
C ASP A 29 15.15 -8.46 3.90
N ASP A 30 14.02 -9.06 4.32
CA ASP A 30 13.49 -10.28 3.74
C ASP A 30 12.65 -9.94 2.50
N PHE A 31 11.67 -9.05 2.66
CA PHE A 31 10.92 -8.45 1.60
C PHE A 31 11.61 -7.17 1.14
N GLN A 32 11.31 -6.72 -0.06
CA GLN A 32 11.50 -5.35 -0.51
C GLN A 32 10.10 -4.75 -0.64
N TYR A 33 10.00 -3.41 -0.69
CA TYR A 33 8.77 -2.75 -1.04
C TYR A 33 9.06 -1.84 -2.22
N GLN A 34 8.30 -1.98 -3.29
CA GLN A 34 8.32 -1.07 -4.41
C GLN A 34 7.37 0.08 -4.06
N TYR A 35 7.64 1.27 -4.58
CA TYR A 35 6.65 2.33 -4.67
C TYR A 35 6.49 2.66 -6.15
N VAL A 36 5.27 3.00 -6.56
CA VAL A 36 4.87 3.18 -7.94
C VAL A 36 4.03 4.47 -7.99
N ASP A 37 3.95 5.12 -9.15
CA ASP A 37 3.28 6.40 -9.34
C ASP A 37 2.15 6.26 -10.34
N ILE A 38 0.93 6.47 -9.85
CA ILE A 38 -0.29 6.35 -10.62
C ILE A 38 -0.32 7.29 -11.81
N ARG A 39 0.16 8.52 -11.68
CA ARG A 39 0.01 9.52 -12.73
C ARG A 39 1.11 9.39 -13.77
N ALA A 40 2.27 8.92 -13.34
CA ALA A 40 3.25 8.37 -14.26
C ALA A 40 2.57 7.29 -15.09
N GLU A 41 2.00 6.30 -14.42
CA GLU A 41 1.51 5.09 -15.05
C GLU A 41 0.19 5.30 -15.80
N GLY A 42 -0.54 6.38 -15.52
CA GLY A 42 -1.76 6.76 -16.23
C GLY A 42 -2.99 6.07 -15.64
N ILE A 43 -2.92 5.73 -14.36
CA ILE A 43 -3.95 5.06 -13.58
C ILE A 43 -4.94 6.11 -13.07
N THR A 44 -6.24 5.82 -13.03
CA THR A 44 -7.26 6.73 -12.52
C THR A 44 -7.72 6.28 -11.12
N LYS A 45 -8.31 7.18 -10.33
CA LYS A 45 -8.96 6.84 -9.06
C LYS A 45 -9.92 5.65 -9.23
N GLU A 46 -10.71 5.70 -10.29
CA GLU A 46 -11.70 4.71 -10.59
C GLU A 46 -11.03 3.38 -10.99
N ASP A 47 -9.95 3.42 -11.78
CA ASP A 47 -9.13 2.24 -12.01
C ASP A 47 -8.65 1.64 -10.69
N LEU A 48 -8.06 2.49 -9.86
CA LEU A 48 -7.58 2.13 -8.54
C LEU A 48 -8.65 1.34 -7.79
N GLN A 49 -9.91 1.78 -7.78
CA GLN A 49 -11.01 1.02 -7.22
C GLN A 49 -11.19 -0.34 -7.95
N GLN A 50 -11.12 -0.35 -9.29
CA GLN A 50 -11.26 -1.56 -10.09
C GLN A 50 -10.20 -2.60 -9.70
N LYS A 51 -8.93 -2.21 -9.73
CA LYS A 51 -7.80 -3.06 -9.46
C LYS A 51 -7.75 -3.40 -7.96
N ALA A 52 -8.12 -2.46 -7.09
CA ALA A 52 -8.39 -2.80 -5.70
C ALA A 52 -9.38 -3.97 -5.66
N GLY A 53 -10.46 -3.85 -6.43
CA GLY A 53 -11.53 -4.81 -6.48
C GLY A 53 -12.61 -4.46 -5.48
N LYS A 54 -12.80 -3.17 -5.21
CA LYS A 54 -13.87 -2.68 -4.35
C LYS A 54 -14.00 -1.17 -4.58
N PRO A 55 -15.13 -0.54 -4.21
CA PRO A 55 -15.33 0.88 -4.47
C PRO A 55 -14.54 1.77 -3.49
N VAL A 56 -13.22 1.62 -3.47
CA VAL A 56 -12.36 2.39 -2.57
C VAL A 56 -12.09 3.78 -3.14
N GLU A 57 -12.12 4.74 -2.23
CA GLU A 57 -11.79 6.13 -2.46
C GLU A 57 -10.51 6.51 -1.70
N THR A 58 -10.19 5.78 -0.64
CA THR A 58 -9.29 6.28 0.39
C THR A 58 -7.87 6.06 -0.10
N VAL A 59 -6.95 6.88 0.41
CA VAL A 59 -5.60 6.98 -0.14
C VAL A 59 -4.61 6.74 1.00
N PRO A 60 -3.54 5.97 0.83
CA PRO A 60 -3.07 5.40 -0.42
C PRO A 60 -3.73 4.03 -0.61
N GLN A 61 -3.26 3.29 -1.59
CA GLN A 61 -3.44 1.85 -1.63
C GLN A 61 -2.07 1.20 -1.76
N ILE A 62 -1.71 0.39 -0.76
CA ILE A 62 -0.66 -0.61 -0.89
C ILE A 62 -1.32 -1.88 -1.45
N PHE A 63 -0.57 -2.62 -2.25
CA PHE A 63 -0.86 -4.01 -2.61
C PHE A 63 0.35 -4.79 -2.11
N VAL A 64 0.18 -6.04 -1.70
CA VAL A 64 1.28 -6.91 -1.35
C VAL A 64 1.10 -8.18 -2.17
N ASP A 65 2.15 -8.64 -2.84
CA ASP A 65 2.12 -9.80 -3.73
C ASP A 65 0.85 -9.82 -4.56
N GLN A 66 0.49 -8.67 -5.15
CA GLN A 66 -0.63 -8.50 -6.06
C GLN A 66 -2.00 -8.42 -5.36
N GLN A 67 -2.12 -8.85 -4.10
CA GLN A 67 -3.32 -8.73 -3.31
C GLN A 67 -3.41 -7.25 -2.93
N HIS A 68 -4.49 -6.59 -3.31
CA HIS A 68 -4.81 -5.26 -2.82
C HIS A 68 -4.99 -5.31 -1.30
N ILE A 69 -4.29 -4.43 -0.60
CA ILE A 69 -4.40 -4.27 0.84
C ILE A 69 -5.17 -2.97 1.09
N GLY A 70 -4.67 -1.85 0.60
CA GLY A 70 -5.34 -0.56 0.77
C GLY A 70 -4.60 0.31 1.78
N GLY A 71 -5.29 0.76 2.82
CA GLY A 71 -4.82 1.81 3.70
C GLY A 71 -3.81 1.30 4.73
N TYR A 72 -3.24 2.21 5.51
CA TYR A 72 -2.43 1.86 6.67
C TYR A 72 -3.24 1.01 7.65
N THR A 73 -4.54 1.26 7.82
CA THR A 73 -5.41 0.44 8.65
C THR A 73 -5.43 -0.99 8.11
N ASP A 74 -5.83 -1.13 6.85
CA ASP A 74 -5.93 -2.43 6.19
C ASP A 74 -4.60 -3.16 6.31
N PHE A 75 -3.52 -2.42 6.06
CA PHE A 75 -2.17 -2.93 5.99
C PHE A 75 -1.68 -3.31 7.39
N ALA A 76 -2.00 -2.50 8.41
CA ALA A 76 -1.64 -2.78 9.79
C ALA A 76 -2.29 -4.11 10.22
N ALA A 77 -3.57 -4.27 9.89
CA ALA A 77 -4.26 -5.53 10.13
C ALA A 77 -3.57 -6.66 9.38
N TRP A 78 -3.26 -6.47 8.09
CA TRP A 78 -2.65 -7.52 7.29
C TRP A 78 -1.31 -7.92 7.92
N VAL A 79 -0.54 -6.93 8.35
CA VAL A 79 0.72 -7.09 9.08
C VAL A 79 0.48 -7.88 10.36
N LYS A 80 -0.58 -7.62 11.14
CA LYS A 80 -0.90 -8.48 12.27
C LYS A 80 -1.09 -9.92 11.80
N GLU A 81 -2.02 -10.15 10.86
CA GLU A 81 -2.31 -11.49 10.37
C GLU A 81 -1.05 -12.19 9.86
N ASN A 82 -0.18 -11.47 9.17
CA ASN A 82 0.95 -12.07 8.47
C ASN A 82 2.16 -12.21 9.38
N LEU A 83 2.39 -11.24 10.26
CA LEU A 83 3.63 -11.08 10.99
C LEU A 83 3.34 -10.95 12.48
N ASP A 84 2.66 -9.87 12.86
CA ASP A 84 2.54 -9.24 14.17
C ASP A 84 3.53 -8.09 14.31
N ALA A 85 3.05 -6.91 13.93
CA ALA A 85 3.60 -5.61 14.27
C ALA A 85 2.39 -4.68 14.25
N MET A 1 8.85 -12.29 -0.68
CA MET A 1 7.68 -11.42 -0.87
C MET A 1 8.10 -10.12 -1.55
N GLN A 2 7.15 -9.29 -1.99
CA GLN A 2 7.32 -7.87 -2.27
C GLN A 2 6.01 -7.16 -1.95
N THR A 3 5.96 -5.84 -2.12
CA THR A 3 4.78 -5.05 -1.85
C THR A 3 4.84 -3.78 -2.72
N VAL A 4 3.90 -3.60 -3.64
CA VAL A 4 3.85 -2.42 -4.50
C VAL A 4 2.84 -1.45 -3.91
N ILE A 5 3.09 -0.13 -3.99
CA ILE A 5 2.23 0.88 -3.39
C ILE A 5 1.89 1.92 -4.43
N PHE A 6 0.62 1.98 -4.84
CA PHE A 6 0.14 3.07 -5.64
C PHE A 6 -0.01 4.27 -4.71
N GLY A 7 0.66 5.38 -5.03
CA GLY A 7 0.67 6.55 -4.18
C GLY A 7 -0.65 7.33 -4.18
N ARG A 8 -0.65 8.50 -4.82
CA ARG A 8 -1.61 9.58 -4.66
C ARG A 8 -1.11 10.51 -3.56
N SER A 9 -1.54 11.77 -3.56
CA SER A 9 -0.99 12.80 -2.69
C SER A 9 -2.11 13.59 -2.02
N GLY A 10 -1.74 14.34 -0.99
CA GLY A 10 -2.55 15.34 -0.33
C GLY A 10 -3.26 14.78 0.89
N CYS A 11 -2.58 14.00 1.73
CA CYS A 11 -3.09 13.60 3.05
C CYS A 11 -1.99 12.89 3.85
N PRO A 12 -1.60 13.33 5.07
CA PRO A 12 -0.50 12.70 5.79
C PRO A 12 -0.85 11.25 6.15
N TYR A 13 -2.11 11.00 6.53
CA TYR A 13 -2.55 9.66 6.87
C TYR A 13 -2.51 8.74 5.63
N SER A 14 -2.43 9.30 4.43
CA SER A 14 -2.08 8.46 3.29
C SER A 14 -0.62 8.02 3.47
N VAL A 15 0.31 8.98 3.52
CA VAL A 15 1.76 8.78 3.65
C VAL A 15 2.13 7.78 4.75
N ARG A 16 1.42 7.81 5.86
CA ARG A 16 1.53 6.85 6.96
C ARG A 16 1.68 5.39 6.47
N ALA A 17 1.08 5.04 5.34
CA ALA A 17 1.18 3.70 4.79
C ALA A 17 2.57 3.44 4.21
N LYS A 18 3.08 4.39 3.42
CA LYS A 18 4.43 4.29 2.90
C LYS A 18 5.36 4.17 4.10
N ASP A 19 5.15 5.04 5.11
CA ASP A 19 5.93 5.07 6.33
C ASP A 19 6.07 3.67 6.91
N LEU A 20 4.91 3.05 7.18
CA LEU A 20 4.82 1.68 7.66
C LEU A 20 5.71 0.76 6.83
N ALA A 21 5.40 0.61 5.54
CA ALA A 21 6.18 -0.35 4.76
C ALA A 21 7.65 0.00 4.68
N GLU A 22 8.01 1.28 4.68
CA GLU A 22 9.37 1.67 4.38
C GLU A 22 10.26 1.13 5.50
N LYS A 23 9.88 1.37 6.76
CA LYS A 23 10.64 0.81 7.86
C LYS A 23 10.66 -0.70 7.83
N LEU A 24 9.47 -1.28 7.73
CA LEU A 24 9.34 -2.72 7.67
C LEU A 24 10.30 -3.33 6.64
N SER A 25 10.42 -2.74 5.45
CA SER A 25 11.31 -3.22 4.39
C SER A 25 12.79 -3.10 4.74
N ASN A 26 13.14 -2.55 5.90
CA ASN A 26 14.49 -2.40 6.40
C ASN A 26 14.65 -3.31 7.61
N GLU A 27 13.62 -3.40 8.44
CA GLU A 27 13.61 -4.25 9.63
C GLU A 27 13.44 -5.72 9.24
N ARG A 28 12.88 -6.00 8.06
CA ARG A 28 12.94 -7.28 7.38
C ARG A 28 13.84 -7.12 6.15
N ASP A 29 14.17 -8.22 5.47
CA ASP A 29 14.90 -8.22 4.20
C ASP A 29 14.42 -9.38 3.30
N ASP A 30 13.26 -9.96 3.59
CA ASP A 30 12.59 -10.87 2.66
C ASP A 30 11.85 -9.95 1.73
N PHE A 31 10.81 -9.32 2.27
CA PHE A 31 9.98 -8.45 1.51
C PHE A 31 10.67 -7.09 1.47
N GLN A 32 10.86 -6.59 0.26
CA GLN A 32 11.08 -5.19 0.00
C GLN A 32 9.72 -4.66 -0.44
N TYR A 33 9.67 -3.37 -0.73
CA TYR A 33 8.48 -2.75 -1.24
C TYR A 33 8.93 -1.81 -2.36
N GLN A 34 8.01 -1.34 -3.20
CA GLN A 34 8.29 -0.19 -4.04
C GLN A 34 7.05 0.66 -4.11
N TYR A 35 7.26 1.93 -3.84
CA TYR A 35 6.26 2.95 -3.99
C TYR A 35 6.29 3.41 -5.45
N VAL A 36 5.09 3.60 -6.01
CA VAL A 36 4.88 3.87 -7.41
C VAL A 36 4.01 5.13 -7.50
N ASP A 37 4.50 6.13 -8.23
CA ASP A 37 3.78 7.38 -8.38
C ASP A 37 2.61 7.17 -9.32
N ILE A 38 1.41 7.54 -8.88
CA ILE A 38 0.31 7.69 -9.81
C ILE A 38 0.58 8.80 -10.82
N ARG A 39 1.63 9.62 -10.66
CA ARG A 39 2.13 10.50 -11.70
C ARG A 39 2.88 9.76 -12.81
N ALA A 40 3.59 8.71 -12.43
CA ALA A 40 4.24 7.83 -13.39
C ALA A 40 3.15 7.09 -14.17
N GLU A 41 2.26 6.42 -13.44
CA GLU A 41 1.24 5.59 -14.03
C GLU A 41 0.09 6.41 -14.62
N GLY A 42 -0.31 7.46 -13.94
CA GLY A 42 -1.41 8.32 -14.33
C GLY A 42 -2.75 7.84 -13.77
N ILE A 43 -2.73 6.89 -12.84
CA ILE A 43 -3.90 6.07 -12.55
C ILE A 43 -4.85 6.76 -11.56
N THR A 44 -6.15 6.58 -11.83
CA THR A 44 -7.25 7.30 -11.26
C THR A 44 -7.98 6.41 -10.26
N LYS A 45 -8.79 7.03 -9.41
CA LYS A 45 -9.42 6.39 -8.26
C LYS A 45 -10.19 5.13 -8.65
N GLU A 46 -11.05 5.25 -9.65
CA GLU A 46 -11.90 4.18 -10.06
C GLU A 46 -11.05 3.02 -10.59
N ASP A 47 -9.98 3.31 -11.34
CA ASP A 47 -9.08 2.27 -11.82
C ASP A 47 -8.49 1.57 -10.62
N LEU A 48 -7.91 2.35 -9.72
CA LEU A 48 -7.34 1.85 -8.49
C LEU A 48 -8.25 0.84 -7.81
N GLN A 49 -9.45 1.25 -7.42
CA GLN A 49 -10.40 0.41 -6.74
C GLN A 49 -10.78 -0.84 -7.57
N GLN A 50 -10.89 -0.71 -8.90
CA GLN A 50 -11.26 -1.85 -9.71
C GLN A 50 -10.09 -2.82 -9.87
N LYS A 51 -8.86 -2.32 -10.00
CA LYS A 51 -7.65 -3.14 -10.10
C LYS A 51 -7.44 -3.86 -8.78
N ALA A 52 -7.61 -3.11 -7.69
CA ALA A 52 -7.71 -3.63 -6.34
C ALA A 52 -8.79 -4.70 -6.26
N GLY A 53 -9.85 -4.54 -7.04
CA GLY A 53 -10.98 -5.46 -7.05
C GLY A 53 -11.78 -5.32 -5.77
N LYS A 54 -11.72 -4.14 -5.14
CA LYS A 54 -12.51 -3.81 -3.97
C LYS A 54 -12.91 -2.35 -4.11
N PRO A 55 -14.13 -1.99 -3.70
CA PRO A 55 -14.59 -0.61 -3.72
C PRO A 55 -13.91 0.17 -2.58
N VAL A 56 -12.60 0.34 -2.66
CA VAL A 56 -11.89 1.19 -1.72
C VAL A 56 -12.06 2.63 -2.19
N GLU A 57 -12.42 3.51 -1.26
CA GLU A 57 -12.61 4.93 -1.51
C GLU A 57 -11.56 5.78 -0.79
N THR A 58 -10.68 5.15 -0.02
CA THR A 58 -9.56 5.76 0.68
C THR A 58 -8.27 5.47 -0.10
N VAL A 59 -7.13 5.99 0.36
CA VAL A 59 -5.82 5.81 -0.27
C VAL A 59 -4.73 5.79 0.83
N PRO A 60 -3.47 5.41 0.52
CA PRO A 60 -3.00 4.80 -0.72
C PRO A 60 -3.53 3.39 -0.79
N GLN A 61 -3.10 2.64 -1.80
CA GLN A 61 -3.63 1.32 -2.07
C GLN A 61 -2.42 0.42 -2.30
N ILE A 62 -1.98 -0.25 -1.24
CA ILE A 62 -0.85 -1.17 -1.24
C ILE A 62 -1.34 -2.53 -1.71
N PHE A 63 -0.49 -3.22 -2.48
CA PHE A 63 -0.66 -4.57 -2.98
C PHE A 63 0.52 -5.38 -2.47
N VAL A 64 0.29 -6.40 -1.65
CA VAL A 64 1.32 -7.26 -1.08
C VAL A 64 1.51 -8.44 -2.01
N ASP A 65 2.64 -8.49 -2.71
CA ASP A 65 2.99 -9.38 -3.81
C ASP A 65 2.08 -9.11 -5.00
N GLN A 66 0.79 -9.34 -4.82
CA GLN A 66 -0.29 -9.04 -5.71
C GLN A 66 -1.62 -8.76 -4.97
N GLN A 67 -1.75 -9.16 -3.70
CA GLN A 67 -2.99 -9.04 -2.96
C GLN A 67 -3.13 -7.57 -2.61
N HIS A 68 -4.02 -6.85 -3.29
CA HIS A 68 -4.48 -5.55 -2.80
C HIS A 68 -4.91 -5.68 -1.33
N ILE A 69 -4.33 -4.86 -0.48
CA ILE A 69 -4.69 -4.72 0.92
C ILE A 69 -5.66 -3.56 1.07
N GLY A 70 -5.19 -2.35 0.75
CA GLY A 70 -5.86 -1.12 1.12
C GLY A 70 -4.81 -0.10 1.57
N GLY A 71 -5.18 0.81 2.48
CA GLY A 71 -4.33 1.88 2.95
C GLY A 71 -3.72 1.53 4.29
N TYR A 72 -2.99 2.47 4.91
CA TYR A 72 -2.23 2.24 6.12
C TYR A 72 -2.97 1.42 7.18
N THR A 73 -4.19 1.78 7.53
CA THR A 73 -4.86 1.15 8.66
C THR A 73 -5.28 -0.27 8.26
N ASP A 74 -5.83 -0.44 7.06
CA ASP A 74 -6.13 -1.75 6.48
C ASP A 74 -4.87 -2.61 6.48
N PHE A 75 -3.76 -1.96 6.16
CA PHE A 75 -2.45 -2.56 5.97
C PHE A 75 -1.84 -2.92 7.31
N ALA A 76 -1.95 -2.05 8.30
CA ALA A 76 -1.45 -2.27 9.64
C ALA A 76 -2.17 -3.47 10.23
N ALA A 77 -3.47 -3.58 9.97
CA ALA A 77 -4.20 -4.80 10.28
C ALA A 77 -3.49 -5.98 9.62
N TRP A 78 -3.33 -5.98 8.30
CA TRP A 78 -2.69 -7.11 7.61
C TRP A 78 -1.36 -7.45 8.31
N VAL A 79 -0.50 -6.45 8.50
CA VAL A 79 0.82 -6.60 9.12
C VAL A 79 0.70 -7.24 10.50
N LYS A 80 -0.21 -6.79 11.36
CA LYS A 80 -0.28 -7.31 12.71
C LYS A 80 -0.91 -8.71 12.74
N GLU A 81 -1.97 -8.93 11.97
CA GLU A 81 -2.60 -10.22 11.86
C GLU A 81 -1.59 -11.24 11.29
N ASN A 82 -0.81 -10.84 10.29
CA ASN A 82 0.11 -11.74 9.59
C ASN A 82 1.43 -11.88 10.32
N LEU A 83 1.99 -10.78 10.79
CA LEU A 83 3.36 -10.66 11.28
C LEU A 83 3.34 -10.21 12.75
N ASP A 84 3.08 -8.91 13.00
CA ASP A 84 3.06 -8.16 14.27
C ASP A 84 3.81 -6.84 14.14
N ALA A 85 3.21 -5.90 13.42
CA ALA A 85 3.74 -4.56 13.23
C ALA A 85 5.12 -4.60 12.56
N MET A 1 7.12 -12.24 0.44
CA MET A 1 6.24 -11.22 -0.15
C MET A 1 7.02 -9.99 -0.62
N GLN A 2 6.30 -9.11 -1.33
CA GLN A 2 6.70 -7.83 -1.89
C GLN A 2 5.55 -6.90 -1.56
N THR A 3 5.76 -5.60 -1.61
CA THR A 3 4.81 -4.62 -1.12
C THR A 3 4.89 -3.38 -1.99
N VAL A 4 4.03 -3.30 -3.01
CA VAL A 4 3.97 -2.16 -3.89
C VAL A 4 3.06 -1.12 -3.22
N ILE A 5 3.32 0.16 -3.43
CA ILE A 5 2.49 1.25 -2.93
C ILE A 5 1.98 1.92 -4.19
N PHE A 6 0.70 2.27 -4.26
CA PHE A 6 0.25 3.19 -5.27
C PHE A 6 0.35 4.61 -4.76
N GLY A 7 0.66 5.54 -5.66
CA GLY A 7 0.54 6.97 -5.45
C GLY A 7 -0.88 7.36 -5.07
N ARG A 8 -1.08 8.67 -5.00
CA ARG A 8 -2.14 9.36 -4.29
C ARG A 8 -1.65 9.54 -2.85
N SER A 9 -1.72 10.75 -2.33
CA SER A 9 -1.12 11.13 -1.06
C SER A 9 -1.52 12.57 -0.76
N GLY A 10 -1.70 12.91 0.51
CA GLY A 10 -1.92 14.30 0.86
C GLY A 10 -2.24 14.54 2.33
N CYS A 11 -2.70 13.53 3.07
CA CYS A 11 -3.02 13.66 4.50
C CYS A 11 -1.91 12.97 5.27
N PRO A 12 -1.52 13.43 6.47
CA PRO A 12 -0.49 12.78 7.25
C PRO A 12 -0.74 11.27 7.40
N TYR A 13 -1.96 10.87 7.77
CA TYR A 13 -2.26 9.45 8.00
C TYR A 13 -2.21 8.68 6.69
N SER A 14 -2.39 9.34 5.53
CA SER A 14 -2.20 8.73 4.25
C SER A 14 -0.72 8.34 4.11
N VAL A 15 0.16 9.31 4.28
CA VAL A 15 1.58 9.13 4.07
C VAL A 15 2.19 8.16 5.09
N ARG A 16 1.63 8.10 6.30
CA ARG A 16 2.02 7.08 7.26
C ARG A 16 2.02 5.68 6.62
N ALA A 17 1.24 5.41 5.58
CA ALA A 17 1.26 4.12 4.89
C ALA A 17 2.62 3.87 4.21
N LYS A 18 2.98 4.77 3.29
CA LYS A 18 4.25 4.80 2.57
C LYS A 18 5.39 4.63 3.56
N ASP A 19 5.40 5.49 4.57
CA ASP A 19 6.32 5.42 5.68
C ASP A 19 6.32 3.99 6.25
N LEU A 20 5.19 3.54 6.75
CA LEU A 20 5.07 2.26 7.45
C LEU A 20 5.74 1.16 6.63
N ALA A 21 5.37 1.01 5.36
CA ALA A 21 5.96 -0.07 4.56
C ALA A 21 7.45 0.16 4.29
N GLU A 22 7.86 1.40 4.02
CA GLU A 22 9.26 1.71 3.79
C GLU A 22 10.07 1.27 4.99
N LYS A 23 9.72 1.82 6.15
CA LYS A 23 10.31 1.51 7.41
C LYS A 23 10.30 0.01 7.58
N LEU A 24 9.13 -0.60 7.67
CA LEU A 24 9.04 -2.02 7.96
C LEU A 24 9.88 -2.86 7.00
N SER A 25 10.01 -2.49 5.73
CA SER A 25 10.83 -3.28 4.82
C SER A 25 12.30 -3.21 5.27
N ASN A 26 12.75 -2.03 5.66
CA ASN A 26 14.13 -1.76 6.03
C ASN A 26 14.41 -2.30 7.42
N GLU A 27 13.49 -2.08 8.35
CA GLU A 27 13.45 -2.61 9.71
C GLU A 27 12.96 -4.07 9.71
N ARG A 28 13.18 -4.78 8.62
CA ARG A 28 13.10 -6.23 8.51
C ARG A 28 14.16 -6.61 7.48
N ASP A 29 14.20 -7.88 7.08
CA ASP A 29 15.08 -8.37 6.04
C ASP A 29 14.43 -9.58 5.35
N ASP A 30 13.10 -9.68 5.44
CA ASP A 30 12.32 -10.66 4.72
C ASP A 30 11.79 -10.02 3.44
N PHE A 31 10.80 -9.13 3.57
CA PHE A 31 10.04 -8.59 2.47
C PHE A 31 10.66 -7.31 1.93
N GLN A 32 10.56 -7.12 0.61
CA GLN A 32 10.92 -5.87 -0.05
C GLN A 32 9.63 -5.07 -0.22
N TYR A 33 9.76 -3.78 -0.54
CA TYR A 33 8.63 -2.94 -0.90
C TYR A 33 9.06 -2.06 -2.06
N GLN A 34 8.09 -1.45 -2.75
CA GLN A 34 8.25 -0.68 -3.97
C GLN A 34 7.15 0.39 -3.98
N TYR A 35 7.23 1.39 -4.86
CA TYR A 35 6.26 2.47 -4.94
C TYR A 35 6.05 2.80 -6.43
N VAL A 36 4.81 3.04 -6.79
CA VAL A 36 4.30 3.22 -8.14
C VAL A 36 3.51 4.53 -8.14
N ASP A 37 3.96 5.55 -8.86
CA ASP A 37 3.20 6.77 -9.06
C ASP A 37 2.08 6.51 -10.04
N ILE A 38 0.84 6.51 -9.57
CA ILE A 38 -0.35 6.56 -10.39
C ILE A 38 -0.21 7.57 -11.55
N ARG A 39 0.39 8.74 -11.30
CA ARG A 39 0.53 9.82 -12.28
C ARG A 39 1.69 9.62 -13.26
N ALA A 40 2.47 8.54 -13.10
CA ALA A 40 3.41 8.04 -14.09
C ALA A 40 2.76 6.88 -14.82
N GLU A 41 2.17 5.98 -14.04
CA GLU A 41 1.67 4.70 -14.47
C GLU A 41 0.36 4.88 -15.27
N GLY A 42 -0.33 6.02 -15.07
CA GLY A 42 -1.48 6.47 -15.85
C GLY A 42 -2.82 6.08 -15.21
N ILE A 43 -2.85 5.88 -13.89
CA ILE A 43 -3.96 5.20 -13.21
C ILE A 43 -4.89 6.23 -12.57
N THR A 44 -6.20 6.00 -12.65
CA THR A 44 -7.25 6.83 -12.07
C THR A 44 -7.63 6.28 -10.68
N LYS A 45 -8.51 6.96 -9.95
CA LYS A 45 -9.05 6.45 -8.71
C LYS A 45 -9.94 5.24 -9.00
N GLU A 46 -10.78 5.40 -10.03
CA GLU A 46 -11.71 4.37 -10.44
C GLU A 46 -10.89 3.11 -10.83
N ASP A 47 -9.82 3.28 -11.61
CA ASP A 47 -8.94 2.18 -11.99
C ASP A 47 -8.41 1.49 -10.75
N LEU A 48 -7.83 2.27 -9.84
CA LEU A 48 -7.34 1.78 -8.56
C LEU A 48 -8.33 0.83 -7.91
N GLN A 49 -9.57 1.29 -7.73
CA GLN A 49 -10.63 0.49 -7.15
C GLN A 49 -10.87 -0.76 -7.99
N GLN A 50 -10.90 -0.64 -9.31
CA GLN A 50 -11.14 -1.77 -10.20
C GLN A 50 -10.05 -2.84 -10.05
N LYS A 51 -8.79 -2.42 -10.01
CA LYS A 51 -7.64 -3.30 -9.88
C LYS A 51 -7.68 -3.96 -8.50
N ALA A 52 -7.91 -3.17 -7.46
CA ALA A 52 -8.16 -3.71 -6.13
C ALA A 52 -9.32 -4.71 -6.18
N GLY A 53 -10.27 -4.46 -7.09
CA GLY A 53 -11.53 -5.16 -7.15
C GLY A 53 -12.34 -4.81 -5.91
N LYS A 54 -12.16 -3.61 -5.36
CA LYS A 54 -12.87 -3.13 -4.18
C LYS A 54 -13.38 -1.72 -4.45
N PRO A 55 -14.56 -1.36 -3.92
CA PRO A 55 -15.07 0.00 -3.96
C PRO A 55 -14.28 0.89 -2.98
N VAL A 56 -12.98 1.06 -3.20
CA VAL A 56 -12.14 1.90 -2.34
C VAL A 56 -12.12 3.32 -2.85
N GLU A 57 -12.05 4.25 -1.91
CA GLU A 57 -11.89 5.67 -2.09
C GLU A 57 -10.54 6.11 -1.53
N THR A 58 -10.04 5.44 -0.50
CA THR A 58 -9.04 5.99 0.39
C THR A 58 -7.64 5.83 -0.17
N VAL A 59 -6.69 6.66 0.27
CA VAL A 59 -5.37 6.80 -0.31
C VAL A 59 -4.32 6.66 0.80
N PRO A 60 -3.09 6.21 0.50
CA PRO A 60 -2.71 5.50 -0.71
C PRO A 60 -3.33 4.10 -0.62
N GLN A 61 -3.04 3.25 -1.60
CA GLN A 61 -3.43 1.85 -1.58
C GLN A 61 -2.17 1.02 -1.81
N ILE A 62 -1.74 0.26 -0.80
CA ILE A 62 -0.66 -0.69 -0.94
C ILE A 62 -1.22 -2.01 -1.44
N PHE A 63 -0.51 -2.62 -2.39
CA PHE A 63 -0.78 -3.93 -2.92
C PHE A 63 0.41 -4.81 -2.52
N VAL A 64 0.19 -5.79 -1.66
CA VAL A 64 1.18 -6.77 -1.25
C VAL A 64 0.99 -7.95 -2.18
N ASP A 65 2.04 -8.46 -2.82
CA ASP A 65 1.93 -9.66 -3.64
C ASP A 65 0.78 -9.51 -4.66
N GLN A 66 0.61 -8.29 -5.17
CA GLN A 66 -0.47 -7.86 -6.04
C GLN A 66 -1.87 -7.85 -5.41
N GLN A 67 -2.06 -8.35 -4.18
CA GLN A 67 -3.29 -8.23 -3.46
C GLN A 67 -3.35 -6.81 -2.91
N HIS A 68 -4.34 -6.01 -3.33
CA HIS A 68 -4.72 -4.80 -2.61
C HIS A 68 -4.93 -5.16 -1.13
N ILE A 69 -4.10 -4.60 -0.27
CA ILE A 69 -4.34 -4.66 1.16
C ILE A 69 -5.29 -3.53 1.49
N GLY A 70 -4.89 -2.31 1.13
CA GLY A 70 -5.65 -1.11 1.39
C GLY A 70 -4.69 -0.04 1.89
N GLY A 71 -5.10 0.76 2.86
CA GLY A 71 -4.35 1.91 3.32
C GLY A 71 -3.40 1.52 4.45
N TYR A 72 -2.79 2.53 5.07
CA TYR A 72 -1.96 2.35 6.26
C TYR A 72 -2.60 1.41 7.27
N THR A 73 -3.86 1.64 7.65
CA THR A 73 -4.43 0.89 8.76
C THR A 73 -4.70 -0.56 8.33
N ASP A 74 -5.15 -0.77 7.09
CA ASP A 74 -5.23 -2.10 6.51
C ASP A 74 -3.87 -2.77 6.60
N PHE A 75 -2.81 -2.02 6.29
CA PHE A 75 -1.50 -2.59 6.12
C PHE A 75 -0.98 -2.97 7.52
N ALA A 76 -1.15 -2.06 8.48
CA ALA A 76 -0.83 -2.30 9.88
C ALA A 76 -1.54 -3.56 10.37
N ALA A 77 -2.83 -3.72 10.03
CA ALA A 77 -3.53 -4.97 10.30
C ALA A 77 -2.79 -6.13 9.63
N TRP A 78 -2.58 -6.08 8.31
CA TRP A 78 -1.92 -7.12 7.53
C TRP A 78 -0.64 -7.60 8.20
N VAL A 79 0.29 -6.68 8.52
CA VAL A 79 1.50 -6.95 9.30
C VAL A 79 1.08 -7.90 10.43
N LYS A 80 0.20 -7.47 11.34
CA LYS A 80 -0.11 -8.30 12.49
C LYS A 80 -1.12 -9.43 12.21
N GLU A 81 -1.26 -9.91 10.97
CA GLU A 81 -1.93 -11.18 10.68
C GLU A 81 -1.06 -12.10 9.80
N ASN A 82 -0.26 -11.53 8.89
CA ASN A 82 0.62 -12.28 7.99
C ASN A 82 2.07 -12.26 8.44
N LEU A 83 2.49 -11.23 9.18
CA LEU A 83 3.87 -10.95 9.54
C LEU A 83 4.07 -11.40 10.99
N ASP A 84 3.31 -10.78 11.91
CA ASP A 84 3.20 -11.15 13.31
C ASP A 84 1.79 -11.72 13.45
N ALA A 85 1.63 -12.97 13.07
CA ALA A 85 0.33 -13.63 12.97
C ALA A 85 -0.20 -14.01 14.35
N MET A 1 7.03 -11.77 -1.07
CA MET A 1 6.30 -10.60 -0.59
C MET A 1 7.00 -9.37 -1.17
N GLN A 2 6.27 -8.40 -1.71
CA GLN A 2 6.80 -7.10 -2.05
C GLN A 2 5.69 -6.09 -1.84
N THR A 3 5.93 -5.05 -1.04
CA THR A 3 4.91 -4.05 -0.75
C THR A 3 4.89 -3.01 -1.87
N VAL A 4 4.02 -3.17 -2.86
CA VAL A 4 3.90 -2.22 -3.95
C VAL A 4 2.93 -1.11 -3.50
N ILE A 5 3.36 0.15 -3.43
CA ILE A 5 2.50 1.27 -3.02
C ILE A 5 2.05 1.90 -4.32
N PHE A 6 0.76 2.18 -4.53
CA PHE A 6 0.34 2.90 -5.71
C PHE A 6 0.37 4.39 -5.40
N GLY A 7 0.77 5.18 -6.40
CA GLY A 7 1.20 6.55 -6.26
C GLY A 7 0.12 7.54 -5.86
N ARG A 8 -0.41 7.45 -4.65
CA ARG A 8 -1.17 8.52 -4.02
C ARG A 8 -0.36 9.04 -2.84
N SER A 9 -0.72 10.21 -2.35
CA SER A 9 -0.19 10.80 -1.14
C SER A 9 -1.30 11.66 -0.56
N GLY A 10 -0.96 12.60 0.31
CA GLY A 10 -1.95 13.48 0.92
C GLY A 10 -2.56 12.82 2.16
N CYS A 11 -2.79 13.62 3.21
CA CYS A 11 -3.22 13.27 4.56
C CYS A 11 -2.07 12.56 5.28
N PRO A 12 -1.51 13.09 6.37
CA PRO A 12 -0.34 12.49 6.99
C PRO A 12 -0.59 11.05 7.42
N TYR A 13 -1.79 10.76 7.95
CA TYR A 13 -2.18 9.40 8.29
C TYR A 13 -2.17 8.47 7.06
N SER A 14 -2.61 9.00 5.92
CA SER A 14 -2.69 8.27 4.67
C SER A 14 -1.25 7.99 4.20
N VAL A 15 -0.44 9.05 4.08
CA VAL A 15 0.99 8.94 3.77
C VAL A 15 1.70 8.02 4.76
N ARG A 16 1.18 7.90 6.00
CA ARG A 16 1.75 6.95 6.95
C ARG A 16 1.83 5.53 6.39
N ALA A 17 1.05 5.17 5.37
CA ALA A 17 1.18 3.84 4.76
C ALA A 17 2.51 3.72 4.00
N LYS A 18 2.79 4.72 3.16
CA LYS A 18 4.03 4.88 2.42
C LYS A 18 5.19 4.86 3.40
N ASP A 19 5.06 5.64 4.47
CA ASP A 19 6.03 5.61 5.55
C ASP A 19 6.17 4.20 6.11
N LEU A 20 5.09 3.63 6.63
CA LEU A 20 5.02 2.31 7.27
C LEU A 20 5.79 1.28 6.45
N ALA A 21 5.52 1.21 5.16
CA ALA A 21 6.22 0.26 4.30
C ALA A 21 7.72 0.44 4.35
N GLU A 22 8.24 1.67 4.30
CA GLU A 22 9.67 1.88 4.54
C GLU A 22 10.05 1.21 5.86
N LYS A 23 9.37 1.60 6.94
CA LYS A 23 9.76 1.21 8.28
C LYS A 23 9.88 -0.31 8.36
N LEU A 24 8.80 -0.97 7.98
CA LEU A 24 8.69 -2.41 7.91
C LEU A 24 9.75 -3.00 6.99
N SER A 25 9.96 -2.39 5.84
CA SER A 25 10.86 -2.95 4.84
C SER A 25 12.31 -2.78 5.29
N ASN A 26 12.57 -1.84 6.19
CA ASN A 26 13.88 -1.64 6.81
C ASN A 26 14.00 -2.46 8.08
N GLU A 27 12.90 -2.77 8.78
CA GLU A 27 12.98 -3.53 10.02
C GLU A 27 13.29 -4.98 9.62
N ARG A 28 12.55 -5.49 8.63
CA ARG A 28 12.77 -6.78 8.02
C ARG A 28 13.85 -6.64 6.94
N ASP A 29 14.21 -7.76 6.33
CA ASP A 29 15.12 -7.88 5.20
C ASP A 29 14.56 -8.98 4.32
N ASP A 30 13.25 -9.20 4.35
CA ASP A 30 12.58 -10.12 3.46
C ASP A 30 11.99 -9.27 2.36
N PHE A 31 10.91 -8.58 2.68
CA PHE A 31 10.13 -7.91 1.70
C PHE A 31 10.75 -6.56 1.41
N GLN A 32 10.95 -6.25 0.13
CA GLN A 32 11.17 -4.88 -0.27
C GLN A 32 9.79 -4.26 -0.43
N TYR A 33 9.74 -2.94 -0.50
CA TYR A 33 8.57 -2.28 -1.05
C TYR A 33 8.96 -1.72 -2.41
N GLN A 34 8.03 -1.13 -3.14
CA GLN A 34 8.36 -0.25 -4.25
C GLN A 34 7.18 0.67 -4.44
N TYR A 35 7.44 1.93 -4.79
CA TYR A 35 6.40 2.93 -4.91
C TYR A 35 6.19 3.19 -6.39
N VAL A 36 5.02 2.80 -6.87
CA VAL A 36 4.62 2.73 -8.25
C VAL A 36 3.78 3.98 -8.52
N ASP A 37 4.39 4.96 -9.19
CA ASP A 37 3.79 6.27 -9.33
C ASP A 37 2.65 6.20 -10.35
N ILE A 38 1.50 6.79 -10.03
CA ILE A 38 0.44 6.91 -11.01
C ILE A 38 0.84 7.89 -12.12
N ARG A 39 1.84 8.76 -11.89
CA ARG A 39 2.19 9.87 -12.78
C ARG A 39 2.97 9.41 -14.00
N ALA A 40 2.66 8.24 -14.51
CA ALA A 40 3.43 7.51 -15.50
C ALA A 40 2.50 6.46 -16.05
N GLU A 41 1.92 5.66 -15.17
CA GLU A 41 0.98 4.61 -15.53
C GLU A 41 -0.45 5.13 -15.72
N GLY A 42 -0.78 6.36 -15.30
CA GLY A 42 -2.08 6.95 -15.60
C GLY A 42 -3.20 6.31 -14.79
N ILE A 43 -2.94 5.97 -13.53
CA ILE A 43 -3.91 5.29 -12.67
C ILE A 43 -4.82 6.35 -12.03
N THR A 44 -6.12 6.21 -12.22
CA THR A 44 -7.14 7.08 -11.64
C THR A 44 -7.55 6.54 -10.27
N LYS A 45 -8.49 7.20 -9.58
CA LYS A 45 -9.09 6.67 -8.37
C LYS A 45 -9.91 5.43 -8.73
N GLU A 46 -10.68 5.55 -9.80
CA GLU A 46 -11.56 4.49 -10.27
C GLU A 46 -10.67 3.28 -10.59
N ASP A 47 -9.60 3.49 -11.37
CA ASP A 47 -8.71 2.42 -11.79
C ASP A 47 -8.18 1.72 -10.53
N LEU A 48 -7.67 2.50 -9.57
CA LEU A 48 -7.28 2.03 -8.27
C LEU A 48 -8.33 1.09 -7.65
N GLN A 49 -9.58 1.53 -7.58
CA GLN A 49 -10.67 0.73 -7.05
C GLN A 49 -10.82 -0.58 -7.84
N GLN A 50 -10.69 -0.50 -9.16
CA GLN A 50 -10.86 -1.64 -10.07
C GLN A 50 -9.78 -2.68 -9.77
N LYS A 51 -8.52 -2.25 -9.71
CA LYS A 51 -7.38 -3.08 -9.37
C LYS A 51 -7.60 -3.69 -7.99
N ALA A 52 -7.91 -2.83 -7.03
CA ALA A 52 -8.22 -3.22 -5.67
C ALA A 52 -9.31 -4.29 -5.63
N GLY A 53 -10.27 -4.20 -6.54
CA GLY A 53 -11.40 -5.10 -6.62
C GLY A 53 -12.45 -4.76 -5.58
N LYS A 54 -12.51 -3.48 -5.19
CA LYS A 54 -13.52 -2.96 -4.30
C LYS A 54 -13.61 -1.46 -4.60
N PRO A 55 -14.77 -0.82 -4.42
CA PRO A 55 -14.94 0.60 -4.68
C PRO A 55 -14.23 1.40 -3.59
N VAL A 56 -12.91 1.30 -3.46
CA VAL A 56 -12.24 1.90 -2.32
C VAL A 56 -12.15 3.39 -2.49
N GLU A 57 -12.73 4.07 -1.52
CA GLU A 57 -12.77 5.52 -1.50
C GLU A 57 -11.48 6.07 -0.92
N THR A 58 -10.84 5.33 -0.04
CA THR A 58 -9.69 5.84 0.68
C THR A 58 -8.40 5.69 -0.17
N VAL A 59 -7.29 6.27 0.29
CA VAL A 59 -5.95 6.21 -0.31
C VAL A 59 -4.92 6.30 0.84
N PRO A 60 -3.63 5.96 0.61
CA PRO A 60 -3.11 5.29 -0.56
C PRO A 60 -3.54 3.85 -0.51
N GLN A 61 -3.34 3.12 -1.61
CA GLN A 61 -3.60 1.71 -1.65
C GLN A 61 -2.28 1.00 -1.95
N ILE A 62 -1.76 0.28 -0.98
CA ILE A 62 -0.66 -0.66 -1.16
C ILE A 62 -1.25 -2.00 -1.59
N PHE A 63 -0.49 -2.78 -2.34
CA PHE A 63 -0.68 -4.19 -2.58
C PHE A 63 0.54 -4.87 -2.00
N VAL A 64 0.39 -6.03 -1.37
CA VAL A 64 1.51 -6.93 -1.13
C VAL A 64 1.44 -7.95 -2.25
N ASP A 65 2.50 -8.03 -3.04
CA ASP A 65 2.73 -8.99 -4.10
C ASP A 65 1.72 -8.80 -5.24
N GLN A 66 0.48 -9.20 -5.00
CA GLN A 66 -0.66 -9.12 -5.88
C GLN A 66 -1.97 -8.86 -5.13
N GLN A 67 -1.99 -9.01 -3.82
CA GLN A 67 -3.15 -8.88 -2.96
C GLN A 67 -3.22 -7.41 -2.58
N HIS A 68 -4.35 -6.77 -2.85
CA HIS A 68 -4.60 -5.40 -2.43
C HIS A 68 -4.74 -5.37 -0.92
N ILE A 69 -3.88 -4.57 -0.28
CA ILE A 69 -3.93 -4.32 1.13
C ILE A 69 -4.85 -3.12 1.33
N GLY A 70 -4.45 -1.99 0.76
CA GLY A 70 -5.13 -0.72 0.92
C GLY A 70 -4.32 0.22 1.80
N GLY A 71 -4.94 0.74 2.85
CA GLY A 71 -4.42 1.85 3.64
C GLY A 71 -3.35 1.42 4.63
N TYR A 72 -2.80 2.42 5.32
CA TYR A 72 -1.99 2.20 6.50
C TYR A 72 -2.74 1.34 7.51
N THR A 73 -4.02 1.58 7.77
CA THR A 73 -4.77 0.76 8.71
C THR A 73 -4.77 -0.70 8.26
N ASP A 74 -5.23 -0.89 7.03
CA ASP A 74 -5.40 -2.18 6.38
C ASP A 74 -4.06 -2.92 6.44
N PHE A 75 -2.98 -2.20 6.15
CA PHE A 75 -1.64 -2.73 6.07
C PHE A 75 -1.15 -3.12 7.46
N ALA A 76 -1.26 -2.20 8.43
CA ALA A 76 -0.91 -2.45 9.81
C ALA A 76 -1.64 -3.71 10.31
N ALA A 77 -2.93 -3.83 9.98
CA ALA A 77 -3.71 -5.01 10.31
C ALA A 77 -3.10 -6.25 9.66
N TRP A 78 -2.90 -6.22 8.34
CA TRP A 78 -2.31 -7.33 7.58
C TRP A 78 -1.04 -7.77 8.32
N VAL A 79 -0.04 -6.89 8.46
CA VAL A 79 1.20 -7.16 9.16
C VAL A 79 0.91 -7.88 10.49
N LYS A 80 0.07 -7.28 11.33
CA LYS A 80 -0.19 -7.82 12.66
C LYS A 80 -1.02 -9.11 12.63
N GLU A 81 -1.52 -9.51 11.47
CA GLU A 81 -2.27 -10.73 11.27
C GLU A 81 -1.37 -11.83 10.71
N ASN A 82 -0.49 -11.52 9.75
CA ASN A 82 0.32 -12.51 9.07
C ASN A 82 1.67 -12.59 9.78
N LEU A 83 2.33 -11.45 9.92
CA LEU A 83 3.74 -11.39 10.30
C LEU A 83 3.84 -11.50 11.80
N ASP A 84 3.15 -10.62 12.52
CA ASP A 84 3.08 -10.71 13.97
C ASP A 84 2.38 -12.00 14.43
N ALA A 85 1.57 -12.50 13.52
CA ALA A 85 0.89 -13.78 13.50
C ALA A 85 -0.45 -13.69 14.20
N MET A 1 4.95 -11.51 -0.24
CA MET A 1 4.95 -10.52 0.85
C MET A 1 5.71 -9.23 0.50
N GLN A 2 5.92 -8.94 -0.77
CA GLN A 2 6.55 -7.68 -1.18
C GLN A 2 5.44 -6.64 -1.20
N THR A 3 5.59 -5.54 -0.46
CA THR A 3 4.54 -4.53 -0.37
C THR A 3 4.66 -3.59 -1.57
N VAL A 4 3.55 -2.97 -2.00
CA VAL A 4 3.50 -2.08 -3.14
C VAL A 4 2.60 -0.90 -2.75
N ILE A 5 2.99 0.35 -3.02
CA ILE A 5 2.21 1.53 -2.68
C ILE A 5 1.72 2.11 -3.98
N PHE A 6 0.44 2.01 -4.27
CA PHE A 6 -0.07 2.53 -5.51
C PHE A 6 -0.46 4.00 -5.30
N GLY A 7 0.50 4.90 -5.53
CA GLY A 7 0.27 6.34 -5.50
C GLY A 7 0.00 6.89 -4.12
N ARG A 8 0.04 8.21 -3.98
CA ARG A 8 -0.30 8.93 -2.77
C ARG A 8 -0.35 10.41 -3.12
N SER A 9 -1.17 11.19 -2.43
CA SER A 9 -1.01 12.63 -2.36
C SER A 9 -1.61 13.12 -1.05
N GLY A 10 -0.85 13.92 -0.31
CA GLY A 10 -1.29 14.63 0.87
C GLY A 10 -1.60 13.72 2.05
N CYS A 11 -1.96 14.35 3.17
CA CYS A 11 -2.58 13.77 4.34
C CYS A 11 -1.66 12.80 5.11
N PRO A 12 -1.22 13.14 6.34
CA PRO A 12 -0.31 12.29 7.09
C PRO A 12 -0.90 10.90 7.28
N TYR A 13 -2.19 10.83 7.57
CA TYR A 13 -2.94 9.60 7.74
C TYR A 13 -2.80 8.67 6.53
N SER A 14 -2.57 9.24 5.35
CA SER A 14 -2.29 8.50 4.13
C SER A 14 -0.79 8.14 4.14
N VAL A 15 0.11 9.13 4.17
CA VAL A 15 1.57 8.95 4.16
C VAL A 15 2.02 7.84 5.10
N ARG A 16 1.42 7.78 6.28
CA ARG A 16 1.65 6.80 7.31
C ARG A 16 1.82 5.38 6.74
N ALA A 17 1.09 5.04 5.67
CA ALA A 17 1.20 3.73 5.05
C ALA A 17 2.53 3.55 4.34
N LYS A 18 2.98 4.56 3.59
CA LYS A 18 4.26 4.47 2.89
C LYS A 18 5.32 4.30 3.96
N ASP A 19 5.28 5.24 4.90
CA ASP A 19 6.13 5.32 6.07
C ASP A 19 6.24 3.97 6.76
N LEU A 20 5.09 3.33 6.96
CA LEU A 20 5.01 2.00 7.55
C LEU A 20 5.83 1.05 6.65
N ALA A 21 5.44 0.86 5.38
CA ALA A 21 6.14 -0.11 4.51
C ALA A 21 7.65 0.17 4.44
N GLU A 22 8.06 1.43 4.36
CA GLU A 22 9.46 1.75 4.17
C GLU A 22 10.19 1.35 5.45
N LYS A 23 9.69 1.82 6.60
CA LYS A 23 10.24 1.48 7.90
C LYS A 23 10.34 -0.03 8.05
N LEU A 24 9.27 -0.77 7.75
CA LEU A 24 9.32 -2.22 7.78
C LEU A 24 10.39 -2.78 6.83
N SER A 25 10.48 -2.26 5.60
CA SER A 25 11.50 -2.73 4.65
C SER A 25 12.91 -2.39 5.12
N ASN A 26 13.06 -1.36 5.96
CA ASN A 26 14.33 -1.05 6.58
C ASN A 26 14.60 -2.07 7.69
N GLU A 27 13.59 -2.37 8.49
CA GLU A 27 13.69 -3.15 9.71
C GLU A 27 13.90 -4.63 9.38
N ARG A 28 13.01 -5.17 8.56
CA ARG A 28 13.12 -6.50 8.02
C ARG A 28 14.01 -6.41 6.77
N ASP A 29 14.42 -7.58 6.32
CA ASP A 29 15.34 -7.80 5.23
C ASP A 29 14.85 -8.97 4.38
N ASP A 30 13.64 -9.47 4.64
CA ASP A 30 13.04 -10.51 3.83
C ASP A 30 12.32 -9.86 2.67
N PHE A 31 11.21 -9.19 2.99
CA PHE A 31 10.39 -8.41 2.09
C PHE A 31 10.99 -7.03 1.99
N GLN A 32 10.78 -6.42 0.82
CA GLN A 32 11.02 -5.03 0.55
C GLN A 32 9.65 -4.46 0.18
N TYR A 33 9.58 -3.18 -0.16
CA TYR A 33 8.37 -2.65 -0.74
C TYR A 33 8.71 -1.89 -2.02
N GLN A 34 7.69 -1.58 -2.81
CA GLN A 34 7.78 -0.73 -3.99
C GLN A 34 6.80 0.42 -3.81
N TYR A 35 7.16 1.61 -4.29
CA TYR A 35 6.19 2.64 -4.57
C TYR A 35 5.99 2.66 -6.07
N VAL A 36 4.73 2.67 -6.47
CA VAL A 36 4.27 2.70 -7.84
C VAL A 36 3.54 4.04 -8.00
N ASP A 37 4.12 4.95 -8.78
CA ASP A 37 3.46 6.18 -9.16
C ASP A 37 2.38 5.86 -10.17
N ILE A 38 1.15 5.80 -9.70
CA ILE A 38 -0.03 5.77 -10.55
C ILE A 38 0.07 6.78 -11.69
N ARG A 39 0.59 7.97 -11.43
CA ARG A 39 0.63 9.05 -12.41
C ARG A 39 1.69 8.82 -13.50
N ALA A 40 2.64 7.93 -13.25
CA ALA A 40 3.61 7.55 -14.27
C ALA A 40 2.87 6.79 -15.37
N GLU A 41 2.02 5.85 -14.98
CA GLU A 41 1.22 5.08 -15.92
C GLU A 41 0.11 5.99 -16.46
N GLY A 42 -0.60 6.64 -15.56
CA GLY A 42 -1.81 7.40 -15.77
C GLY A 42 -3.01 6.69 -15.14
N ILE A 43 -2.77 6.00 -14.03
CA ILE A 43 -3.75 5.20 -13.32
C ILE A 43 -4.52 6.17 -12.43
N THR A 44 -5.80 5.88 -12.24
CA THR A 44 -6.76 6.77 -11.61
C THR A 44 -7.20 6.13 -10.28
N LYS A 45 -7.80 6.90 -9.38
CA LYS A 45 -8.33 6.34 -8.14
C LYS A 45 -9.43 5.32 -8.46
N GLU A 46 -10.29 5.66 -9.43
CA GLU A 46 -11.30 4.78 -9.99
C GLU A 46 -10.65 3.45 -10.40
N ASP A 47 -9.69 3.55 -11.33
CA ASP A 47 -9.01 2.40 -11.88
C ASP A 47 -8.49 1.54 -10.74
N LEU A 48 -7.76 2.16 -9.83
CA LEU A 48 -7.30 1.51 -8.62
C LEU A 48 -8.40 0.71 -7.92
N GLN A 49 -9.57 1.29 -7.70
CA GLN A 49 -10.68 0.58 -7.11
C GLN A 49 -11.05 -0.66 -7.95
N GLN A 50 -11.06 -0.52 -9.27
CA GLN A 50 -11.40 -1.60 -10.18
C GLN A 50 -10.35 -2.71 -10.09
N LYS A 51 -9.09 -2.34 -10.18
CA LYS A 51 -7.91 -3.18 -10.08
C LYS A 51 -7.98 -3.96 -8.77
N ALA A 52 -8.15 -3.21 -7.69
CA ALA A 52 -8.37 -3.74 -6.35
C ALA A 52 -9.51 -4.74 -6.35
N GLY A 53 -10.58 -4.40 -7.05
CA GLY A 53 -11.83 -5.14 -7.10
C GLY A 53 -12.70 -4.77 -5.91
N LYS A 54 -12.58 -3.53 -5.44
CA LYS A 54 -13.32 -3.01 -4.30
C LYS A 54 -13.51 -1.51 -4.50
N PRO A 55 -14.70 -0.98 -4.18
CA PRO A 55 -14.89 0.45 -4.07
C PRO A 55 -14.11 0.95 -2.85
N VAL A 56 -12.86 1.35 -3.07
CA VAL A 56 -12.07 2.12 -2.13
C VAL A 56 -11.49 3.31 -2.87
N GLU A 57 -11.46 4.43 -2.16
CA GLU A 57 -10.92 5.69 -2.62
C GLU A 57 -10.07 6.36 -1.53
N THR A 58 -9.92 5.74 -0.36
CA THR A 58 -9.06 6.24 0.69
C THR A 58 -7.63 5.75 0.39
N VAL A 59 -6.65 6.66 0.47
CA VAL A 59 -5.29 6.46 0.00
C VAL A 59 -4.33 6.24 1.16
N PRO A 60 -3.10 5.76 0.87
CA PRO A 60 -2.69 5.15 -0.38
C PRO A 60 -3.34 3.78 -0.50
N GLN A 61 -3.44 3.29 -1.72
CA GLN A 61 -3.83 1.92 -1.97
C GLN A 61 -2.54 1.12 -1.89
N ILE A 62 -2.22 0.53 -0.74
CA ILE A 62 -1.14 -0.44 -0.70
C ILE A 62 -1.70 -1.80 -1.11
N PHE A 63 -1.00 -2.46 -2.01
CA PHE A 63 -1.19 -3.86 -2.36
C PHE A 63 -0.03 -4.60 -1.74
N VAL A 64 -0.19 -5.86 -1.38
CA VAL A 64 0.92 -6.71 -0.98
C VAL A 64 0.91 -7.92 -1.90
N ASP A 65 2.08 -8.25 -2.43
CA ASP A 65 2.33 -9.21 -3.49
C ASP A 65 1.24 -9.20 -4.56
N GLN A 66 0.90 -8.02 -5.06
CA GLN A 66 -0.07 -7.82 -6.14
C GLN A 66 -1.54 -8.04 -5.71
N GLN A 67 -1.81 -8.48 -4.47
CA GLN A 67 -3.13 -8.57 -3.91
C GLN A 67 -3.42 -7.24 -3.24
N HIS A 68 -4.62 -6.71 -3.45
CA HIS A 68 -5.11 -5.54 -2.75
C HIS A 68 -5.16 -5.82 -1.24
N ILE A 69 -4.67 -4.86 -0.45
CA ILE A 69 -4.98 -4.81 0.97
C ILE A 69 -5.79 -3.53 1.22
N GLY A 70 -5.23 -2.37 0.88
CA GLY A 70 -5.87 -1.08 1.04
C GLY A 70 -5.02 -0.09 1.83
N GLY A 71 -5.61 0.60 2.79
CA GLY A 71 -5.01 1.75 3.45
C GLY A 71 -3.92 1.32 4.43
N TYR A 72 -3.25 2.30 5.06
CA TYR A 72 -2.41 2.04 6.21
C TYR A 72 -3.10 1.11 7.21
N THR A 73 -4.36 1.36 7.57
CA THR A 73 -5.05 0.51 8.53
C THR A 73 -5.01 -0.95 8.09
N ASP A 74 -5.29 -1.17 6.81
CA ASP A 74 -5.60 -2.45 6.23
C ASP A 74 -4.30 -3.20 6.05
N PHE A 75 -3.30 -2.49 5.55
CA PHE A 75 -1.93 -2.92 5.46
C PHE A 75 -1.42 -3.29 6.86
N ALA A 76 -1.54 -2.39 7.82
CA ALA A 76 -1.12 -2.62 9.20
C ALA A 76 -1.81 -3.85 9.76
N ALA A 77 -3.10 -4.03 9.44
CA ALA A 77 -3.84 -5.22 9.78
C ALA A 77 -3.14 -6.44 9.17
N TRP A 78 -2.90 -6.43 7.86
CA TRP A 78 -2.24 -7.52 7.14
C TRP A 78 -0.92 -7.88 7.82
N VAL A 79 -0.04 -6.89 8.01
CA VAL A 79 1.26 -7.06 8.64
C VAL A 79 1.07 -7.85 9.92
N LYS A 80 0.18 -7.38 10.78
CA LYS A 80 0.01 -7.95 12.10
C LYS A 80 -0.85 -9.23 12.09
N GLU A 81 -1.09 -9.81 10.90
CA GLU A 81 -1.67 -11.13 10.69
C GLU A 81 -0.73 -11.97 9.81
N ASN A 82 0.42 -11.45 9.39
CA ASN A 82 1.33 -12.12 8.47
C ASN A 82 2.74 -12.11 9.02
N LEU A 83 3.28 -10.91 9.23
CA LEU A 83 4.65 -10.72 9.66
C LEU A 83 4.66 -10.77 11.17
N ASP A 84 4.28 -9.68 11.82
CA ASP A 84 4.24 -9.48 13.25
C ASP A 84 2.93 -10.09 13.76
N ALA A 85 2.73 -11.37 13.45
CA ALA A 85 1.45 -12.05 13.51
C ALA A 85 1.21 -12.60 14.91
N MET A 1 9.86 -11.01 0.78
CA MET A 1 8.46 -10.79 0.34
C MET A 1 8.34 -9.48 -0.43
N GLN A 2 7.27 -9.27 -1.17
CA GLN A 2 7.11 -8.17 -2.11
C GLN A 2 5.80 -7.45 -1.84
N THR A 3 5.74 -6.18 -2.25
CA THR A 3 4.60 -5.31 -2.08
C THR A 3 4.71 -4.22 -3.16
N VAL A 4 3.62 -3.53 -3.49
CA VAL A 4 3.63 -2.37 -4.37
C VAL A 4 2.78 -1.27 -3.69
N ILE A 5 3.09 0.01 -3.91
CA ILE A 5 2.43 1.13 -3.25
C ILE A 5 1.78 1.90 -4.39
N PHE A 6 0.46 2.04 -4.45
CA PHE A 6 -0.18 2.87 -5.44
C PHE A 6 -0.75 4.10 -4.75
N GLY A 7 -0.53 5.28 -5.31
CA GLY A 7 -1.29 6.47 -4.98
C GLY A 7 -0.53 7.42 -4.06
N ARG A 8 -1.06 7.68 -2.85
CA ARG A 8 -0.52 8.64 -1.90
C ARG A 8 -0.58 10.06 -2.49
N SER A 9 -0.10 11.05 -1.74
CA SER A 9 0.33 12.39 -2.17
C SER A 9 -0.55 13.48 -1.56
N GLY A 10 0.08 14.40 -0.83
CA GLY A 10 -0.50 15.64 -0.34
C GLY A 10 -1.69 15.42 0.59
N CYS A 11 -1.59 14.44 1.50
CA CYS A 11 -2.56 14.28 2.58
C CYS A 11 -1.91 13.39 3.61
N PRO A 12 -1.83 13.77 4.91
CA PRO A 12 -0.86 13.21 5.84
C PRO A 12 -1.04 11.72 6.11
N TYR A 13 -2.14 11.32 6.73
CA TYR A 13 -2.31 9.97 7.26
C TYR A 13 -2.08 8.87 6.23
N SER A 14 -2.31 9.19 4.95
CA SER A 14 -2.11 8.29 3.84
C SER A 14 -0.62 7.92 3.77
N VAL A 15 0.26 8.91 3.89
CA VAL A 15 1.72 8.76 3.79
C VAL A 15 2.22 7.71 4.76
N ARG A 16 1.60 7.60 5.93
CA ARG A 16 2.00 6.62 6.93
C ARG A 16 2.09 5.20 6.33
N ALA A 17 1.37 4.92 5.24
CA ALA A 17 1.43 3.63 4.57
C ALA A 17 2.76 3.44 3.83
N LYS A 18 3.23 4.47 3.13
CA LYS A 18 4.55 4.45 2.52
C LYS A 18 5.55 4.21 3.64
N ASP A 19 5.43 5.01 4.69
CA ASP A 19 6.30 4.96 5.84
C ASP A 19 6.28 3.57 6.51
N LEU A 20 5.11 2.94 6.53
CA LEU A 20 4.91 1.58 7.00
C LEU A 20 5.81 0.67 6.15
N ALA A 21 5.62 0.65 4.81
CA ALA A 21 6.43 -0.24 3.99
C ALA A 21 7.93 0.01 4.20
N GLU A 22 8.35 1.27 4.18
CA GLU A 22 9.75 1.66 4.33
C GLU A 22 10.28 1.06 5.63
N LYS A 23 9.59 1.33 6.74
CA LYS A 23 9.99 0.81 8.03
C LYS A 23 10.07 -0.71 7.98
N LEU A 24 9.04 -1.37 7.43
CA LEU A 24 9.00 -2.82 7.36
C LEU A 24 10.24 -3.40 6.69
N SER A 25 10.77 -2.77 5.64
CA SER A 25 12.00 -3.24 5.02
C SER A 25 13.12 -3.30 6.06
N ASN A 26 13.22 -2.28 6.90
CA ASN A 26 14.22 -2.20 7.95
C ASN A 26 13.88 -3.06 9.16
N GLU A 27 12.59 -3.35 9.37
CA GLU A 27 12.09 -4.15 10.46
C GLU A 27 12.43 -5.62 10.20
N ARG A 28 12.11 -6.10 9.01
CA ARG A 28 12.11 -7.52 8.69
C ARG A 28 13.38 -7.91 7.97
N ASP A 29 13.38 -9.15 7.50
CA ASP A 29 14.49 -9.80 6.85
C ASP A 29 14.82 -9.10 5.54
N ASP A 30 13.97 -9.18 4.52
CA ASP A 30 14.42 -8.91 3.16
C ASP A 30 13.30 -8.46 2.22
N PHE A 31 12.19 -7.96 2.76
CA PHE A 31 11.07 -7.53 1.94
C PHE A 31 11.31 -6.10 1.43
N GLN A 32 11.04 -5.88 0.14
CA GLN A 32 11.06 -4.58 -0.50
C GLN A 32 9.68 -4.33 -1.09
N TYR A 33 9.43 -3.10 -1.52
CA TYR A 33 8.21 -2.72 -2.20
C TYR A 33 8.57 -1.73 -3.32
N GLN A 34 7.81 -1.73 -4.42
CA GLN A 34 7.90 -0.71 -5.46
C GLN A 34 6.83 0.33 -5.21
N TYR A 35 7.17 1.59 -5.34
CA TYR A 35 6.21 2.69 -5.24
C TYR A 35 5.90 3.17 -6.66
N VAL A 36 4.61 3.21 -6.94
CA VAL A 36 3.98 3.55 -8.20
C VAL A 36 3.09 4.76 -7.94
N ASP A 37 3.62 5.96 -8.16
CA ASP A 37 2.79 7.14 -8.12
C ASP A 37 1.94 7.14 -9.38
N ILE A 38 0.62 7.25 -9.19
CA ILE A 38 -0.35 7.27 -10.26
C ILE A 38 -0.12 8.47 -11.18
N ARG A 39 0.44 9.56 -10.65
CA ARG A 39 0.69 10.82 -11.35
C ARG A 39 1.95 10.73 -12.21
N ALA A 40 2.07 9.60 -12.90
CA ALA A 40 3.14 9.20 -13.79
C ALA A 40 2.54 8.20 -14.78
N GLU A 41 1.84 7.21 -14.24
CA GLU A 41 1.17 6.14 -14.96
C GLU A 41 -0.10 6.63 -15.67
N GLY A 42 -0.87 7.51 -15.02
CA GLY A 42 -2.13 8.00 -15.54
C GLY A 42 -3.35 7.36 -14.87
N ILE A 43 -3.19 6.76 -13.69
CA ILE A 43 -4.22 5.90 -13.11
C ILE A 43 -5.26 6.74 -12.35
N THR A 44 -6.52 6.27 -12.36
CA THR A 44 -7.64 6.90 -11.68
C THR A 44 -7.92 6.15 -10.36
N LYS A 45 -8.70 6.73 -9.45
CA LYS A 45 -9.14 6.07 -8.24
C LYS A 45 -10.00 4.86 -8.62
N GLU A 46 -10.96 5.07 -9.51
CA GLU A 46 -11.89 4.03 -9.91
C GLU A 46 -11.08 2.89 -10.55
N ASP A 47 -10.15 3.21 -11.45
CA ASP A 47 -9.25 2.25 -12.07
C ASP A 47 -8.60 1.45 -10.94
N LEU A 48 -8.06 2.16 -9.96
CA LEU A 48 -7.46 1.54 -8.80
C LEU A 48 -8.38 0.56 -8.08
N GLN A 49 -9.61 0.92 -7.71
CA GLN A 49 -10.51 0.01 -6.99
C GLN A 49 -10.91 -1.17 -7.91
N GLN A 50 -11.14 -0.88 -9.18
CA GLN A 50 -11.45 -1.86 -10.22
C GLN A 50 -10.35 -2.93 -10.23
N LYS A 51 -9.12 -2.48 -10.40
CA LYS A 51 -7.92 -3.27 -10.52
C LYS A 51 -7.70 -4.06 -9.23
N ALA A 52 -7.69 -3.31 -8.14
CA ALA A 52 -7.54 -3.80 -6.77
C ALA A 52 -8.44 -5.01 -6.55
N GLY A 53 -9.72 -4.86 -6.85
CA GLY A 53 -10.69 -5.84 -6.44
C GLY A 53 -10.98 -5.68 -4.96
N LYS A 54 -11.13 -4.42 -4.54
CA LYS A 54 -11.82 -4.05 -3.32
C LYS A 54 -12.46 -2.71 -3.63
N PRO A 55 -13.61 -2.37 -3.05
CA PRO A 55 -14.20 -1.06 -3.16
C PRO A 55 -13.38 -0.09 -2.30
N VAL A 56 -12.11 0.16 -2.65
CA VAL A 56 -11.28 1.06 -1.85
C VAL A 56 -11.72 2.49 -2.11
N GLU A 57 -11.78 3.29 -1.05
CA GLU A 57 -12.10 4.70 -1.09
C GLU A 57 -10.83 5.52 -0.83
N THR A 58 -10.12 5.22 0.25
CA THR A 58 -9.08 6.14 0.71
C THR A 58 -7.79 5.89 -0.05
N VAL A 59 -6.84 6.81 0.03
CA VAL A 59 -5.51 6.62 -0.52
C VAL A 59 -4.54 6.44 0.65
N PRO A 60 -3.42 5.71 0.51
CA PRO A 60 -2.99 5.05 -0.70
C PRO A 60 -3.70 3.70 -0.79
N GLN A 61 -3.27 2.89 -1.75
CA GLN A 61 -3.71 1.54 -1.93
C GLN A 61 -2.43 0.72 -2.12
N ILE A 62 -1.92 0.14 -1.04
CA ILE A 62 -0.79 -0.76 -1.06
C ILE A 62 -1.33 -2.15 -1.39
N PHE A 63 -0.53 -2.89 -2.17
CA PHE A 63 -0.80 -4.24 -2.62
C PHE A 63 0.31 -5.11 -2.07
N VAL A 64 0.03 -5.94 -1.08
CA VAL A 64 1.02 -6.79 -0.43
C VAL A 64 0.93 -8.13 -1.12
N ASP A 65 2.07 -8.75 -1.49
CA ASP A 65 2.04 -9.98 -2.25
C ASP A 65 1.16 -9.82 -3.49
N GLN A 66 1.21 -8.62 -4.09
CA GLN A 66 0.41 -8.21 -5.23
C GLN A 66 -1.11 -8.16 -4.95
N GLN A 67 -1.59 -8.60 -3.78
CA GLN A 67 -3.00 -8.53 -3.43
C GLN A 67 -3.18 -7.14 -2.84
N HIS A 68 -4.06 -6.33 -3.42
CA HIS A 68 -4.53 -5.10 -2.81
C HIS A 68 -4.92 -5.36 -1.37
N ILE A 69 -4.44 -4.53 -0.45
CA ILE A 69 -4.89 -4.51 0.93
C ILE A 69 -5.76 -3.27 1.12
N GLY A 70 -5.18 -2.09 0.91
CA GLY A 70 -5.77 -0.83 1.34
C GLY A 70 -4.67 0.14 1.71
N GLY A 71 -4.97 1.15 2.52
CA GLY A 71 -4.01 2.16 2.92
C GLY A 71 -3.15 1.71 4.10
N TYR A 72 -2.71 2.67 4.89
CA TYR A 72 -1.85 2.52 6.05
C TYR A 72 -2.46 1.62 7.12
N THR A 73 -3.55 2.03 7.77
CA THR A 73 -4.18 1.23 8.80
C THR A 73 -4.54 -0.13 8.22
N ASP A 74 -5.08 -0.15 7.00
CA ASP A 74 -5.44 -1.38 6.30
C ASP A 74 -4.21 -2.31 6.22
N PHE A 75 -3.06 -1.74 5.86
CA PHE A 75 -1.82 -2.48 5.66
C PHE A 75 -1.31 -2.96 7.02
N ALA A 76 -1.22 -2.06 7.98
CA ALA A 76 -0.75 -2.34 9.33
C ALA A 76 -1.61 -3.47 9.93
N ALA A 77 -2.91 -3.44 9.64
CA ALA A 77 -3.83 -4.50 10.00
C ALA A 77 -3.37 -5.81 9.36
N TRP A 78 -3.13 -5.85 8.04
CA TRP A 78 -2.66 -7.03 7.36
C TRP A 78 -1.37 -7.57 8.03
N VAL A 79 -0.45 -6.67 8.35
CA VAL A 79 0.76 -7.04 9.07
C VAL A 79 0.35 -7.75 10.36
N LYS A 80 -0.44 -7.08 11.19
CA LYS A 80 -0.87 -7.58 12.48
C LYS A 80 -2.10 -8.49 12.32
N GLU A 81 -2.07 -9.35 11.30
CA GLU A 81 -2.94 -10.52 11.22
C GLU A 81 -2.13 -11.68 10.61
N ASN A 82 -1.30 -11.40 9.59
CA ASN A 82 -0.58 -12.42 8.84
C ASN A 82 0.82 -12.59 9.39
N LEU A 83 1.53 -11.49 9.63
CA LEU A 83 2.90 -11.55 10.15
C LEU A 83 2.79 -11.63 11.68
N ASP A 84 2.14 -10.63 12.27
CA ASP A 84 1.86 -10.46 13.68
C ASP A 84 3.07 -10.07 14.50
N ALA A 85 4.00 -10.98 14.54
CA ALA A 85 5.22 -10.94 15.29
C ALA A 85 6.24 -11.92 14.71
N MET A 1 8.31 -11.45 1.16
CA MET A 1 7.07 -10.79 0.75
C MET A 1 7.40 -9.42 0.16
N GLN A 2 6.46 -8.80 -0.52
CA GLN A 2 6.71 -7.56 -1.24
C GLN A 2 5.48 -6.67 -1.23
N THR A 3 5.66 -5.43 -0.76
CA THR A 3 4.71 -4.35 -0.92
C THR A 3 4.94 -3.65 -2.26
N VAL A 4 3.87 -3.25 -2.93
CA VAL A 4 3.90 -2.22 -3.96
C VAL A 4 2.91 -1.15 -3.48
N ILE A 5 3.16 0.12 -3.74
CA ILE A 5 2.30 1.22 -3.29
C ILE A 5 1.83 1.95 -4.52
N PHE A 6 0.53 2.05 -4.70
CA PHE A 6 -0.06 2.67 -5.84
C PHE A 6 -0.62 4.02 -5.39
N GLY A 7 0.21 5.05 -5.44
CA GLY A 7 -0.22 6.43 -5.33
C GLY A 7 -0.75 6.86 -3.95
N ARG A 8 0.09 7.47 -3.12
CA ARG A 8 -0.33 8.31 -2.00
C ARG A 8 -0.84 9.62 -2.60
N SER A 9 -1.21 10.58 -1.75
CA SER A 9 -1.53 11.93 -2.21
C SER A 9 -0.73 12.94 -1.39
N GLY A 10 -0.80 12.86 -0.07
CA GLY A 10 0.10 13.64 0.78
C GLY A 10 -0.43 13.90 2.19
N CYS A 11 -1.57 13.34 2.56
CA CYS A 11 -2.06 13.45 3.93
C CYS A 11 -1.20 12.53 4.80
N PRO A 12 -0.83 12.92 6.02
CA PRO A 12 0.14 12.16 6.81
C PRO A 12 -0.40 10.77 7.12
N TYR A 13 -1.67 10.69 7.49
CA TYR A 13 -2.32 9.42 7.83
C TYR A 13 -2.15 8.41 6.69
N SER A 14 -2.48 8.80 5.46
CA SER A 14 -2.39 7.94 4.32
C SER A 14 -0.93 7.57 4.06
N VAL A 15 -0.08 8.60 3.96
CA VAL A 15 1.34 8.47 3.68
C VAL A 15 2.03 7.52 4.67
N ARG A 16 1.62 7.52 5.94
CA ARG A 16 2.16 6.59 6.92
C ARG A 16 2.17 5.16 6.41
N ALA A 17 1.29 4.77 5.48
CA ALA A 17 1.32 3.46 4.87
C ALA A 17 2.61 3.26 4.08
N LYS A 18 2.91 4.20 3.18
CA LYS A 18 4.08 4.14 2.32
C LYS A 18 5.29 4.06 3.25
N ASP A 19 5.26 4.91 4.28
CA ASP A 19 6.32 5.01 5.26
C ASP A 19 6.51 3.69 6.01
N LEU A 20 5.41 3.09 6.46
CA LEU A 20 5.39 1.86 7.24
C LEU A 20 6.05 0.77 6.39
N ALA A 21 5.68 0.66 5.12
CA ALA A 21 6.29 -0.32 4.23
C ALA A 21 7.79 -0.10 4.09
N GLU A 22 8.19 1.16 3.85
CA GLU A 22 9.58 1.50 3.65
C GLU A 22 10.36 1.09 4.91
N LYS A 23 9.90 1.59 6.06
CA LYS A 23 10.33 1.21 7.38
C LYS A 23 10.51 -0.31 7.47
N LEU A 24 9.47 -1.08 7.19
CA LEU A 24 9.53 -2.53 7.22
C LEU A 24 10.65 -3.09 6.34
N SER A 25 10.97 -2.47 5.21
CA SER A 25 12.06 -2.90 4.33
C SER A 25 13.43 -2.54 4.90
N ASN A 26 13.48 -1.75 5.98
CA ASN A 26 14.62 -1.66 6.88
C ASN A 26 14.55 -2.75 7.94
N GLU A 27 13.39 -2.84 8.59
CA GLU A 27 13.18 -3.65 9.78
C GLU A 27 13.12 -5.14 9.42
N ARG A 28 13.08 -5.49 8.13
CA ARG A 28 13.45 -6.77 7.58
C ARG A 28 14.17 -6.46 6.27
N ASP A 29 15.02 -7.37 5.84
CA ASP A 29 15.54 -7.42 4.47
C ASP A 29 14.76 -8.46 3.66
N ASP A 30 13.98 -9.32 4.32
CA ASP A 30 13.48 -10.52 3.68
C ASP A 30 12.23 -10.17 2.90
N PHE A 31 11.35 -9.33 3.45
CA PHE A 31 10.38 -8.60 2.67
C PHE A 31 11.02 -7.33 2.11
N GLN A 32 10.45 -6.82 1.02
CA GLN A 32 10.93 -5.64 0.32
C GLN A 32 9.73 -4.76 -0.09
N TYR A 33 10.02 -3.59 -0.66
CA TYR A 33 8.97 -2.76 -1.23
C TYR A 33 9.50 -1.96 -2.41
N GLN A 34 8.58 -1.47 -3.23
CA GLN A 34 8.76 -0.42 -4.19
C GLN A 34 7.49 0.45 -4.10
N TYR A 35 7.51 1.60 -4.75
CA TYR A 35 6.38 2.50 -4.86
C TYR A 35 6.13 2.81 -6.34
N VAL A 36 4.89 3.13 -6.71
CA VAL A 36 4.44 3.39 -8.07
C VAL A 36 3.50 4.61 -8.09
N ASP A 37 3.93 5.70 -8.74
CA ASP A 37 3.14 6.91 -8.92
C ASP A 37 2.11 6.79 -10.04
N ILE A 38 1.02 6.09 -9.78
CA ILE A 38 -0.13 6.08 -10.66
C ILE A 38 -0.64 7.51 -10.91
N ARG A 39 -0.79 8.30 -9.84
CA ARG A 39 -1.04 9.74 -9.93
C ARG A 39 0.24 10.48 -10.30
N ALA A 40 0.68 10.21 -11.53
CA ALA A 40 1.77 10.85 -12.23
C ALA A 40 1.75 10.22 -13.61
N GLU A 41 1.67 8.89 -13.66
CA GLU A 41 1.73 8.15 -14.91
C GLU A 41 0.41 8.31 -15.69
N GLY A 42 -0.75 8.12 -15.07
CA GLY A 42 -1.99 7.99 -15.84
C GLY A 42 -3.11 7.27 -15.09
N ILE A 43 -2.80 6.32 -14.22
CA ILE A 43 -3.81 5.32 -13.81
C ILE A 43 -4.67 5.95 -12.71
N THR A 44 -5.99 5.72 -12.78
CA THR A 44 -6.95 6.38 -11.93
C THR A 44 -7.19 5.59 -10.63
N LYS A 45 -7.87 6.22 -9.68
CA LYS A 45 -8.36 5.56 -8.49
C LYS A 45 -9.41 4.52 -8.87
N GLU A 46 -10.28 4.87 -9.81
CA GLU A 46 -11.36 3.99 -10.21
C GLU A 46 -10.75 2.74 -10.84
N ASP A 47 -9.79 2.91 -11.75
CA ASP A 47 -9.00 1.81 -12.30
C ASP A 47 -8.49 0.95 -11.16
N LEU A 48 -7.80 1.59 -10.21
CA LEU A 48 -7.34 0.92 -9.02
C LEU A 48 -8.44 0.13 -8.30
N GLN A 49 -9.66 0.65 -8.23
CA GLN A 49 -10.79 -0.03 -7.62
C GLN A 49 -11.17 -1.28 -8.41
N GLN A 50 -11.22 -1.17 -9.74
CA GLN A 50 -11.50 -2.28 -10.64
C GLN A 50 -10.42 -3.36 -10.44
N LYS A 51 -9.17 -2.97 -10.63
CA LYS A 51 -7.98 -3.81 -10.54
C LYS A 51 -7.93 -4.53 -9.19
N ALA A 52 -8.09 -3.74 -8.14
CA ALA A 52 -8.15 -4.28 -6.79
C ALA A 52 -9.27 -5.30 -6.69
N GLY A 53 -10.41 -5.00 -7.29
CA GLY A 53 -11.66 -5.63 -6.97
C GLY A 53 -12.01 -5.21 -5.56
N LYS A 54 -12.19 -3.91 -5.35
CA LYS A 54 -12.73 -3.34 -4.12
C LYS A 54 -13.15 -1.88 -4.33
N PRO A 55 -14.04 -1.34 -3.49
CA PRO A 55 -14.63 -0.03 -3.67
C PRO A 55 -13.69 1.02 -3.08
N VAL A 56 -12.48 1.15 -3.63
CA VAL A 56 -11.50 2.02 -3.00
C VAL A 56 -11.88 3.49 -3.22
N GLU A 57 -11.46 4.34 -2.30
CA GLU A 57 -11.85 5.74 -2.26
C GLU A 57 -10.75 6.55 -1.57
N THR A 58 -10.28 6.05 -0.43
CA THR A 58 -9.19 6.67 0.28
C THR A 58 -7.88 6.17 -0.34
N VAL A 59 -6.73 6.53 0.23
CA VAL A 59 -5.41 6.34 -0.37
C VAL A 59 -4.41 6.05 0.74
N PRO A 60 -3.17 5.62 0.43
CA PRO A 60 -2.79 4.99 -0.83
C PRO A 60 -3.50 3.65 -0.96
N GLN A 61 -3.28 2.96 -2.08
CA GLN A 61 -3.58 1.55 -2.16
C GLN A 61 -2.21 0.85 -2.10
N ILE A 62 -1.87 0.24 -0.98
CA ILE A 62 -0.79 -0.74 -0.99
C ILE A 62 -1.43 -2.05 -1.42
N PHE A 63 -0.70 -2.77 -2.26
CA PHE A 63 -0.95 -4.16 -2.52
C PHE A 63 0.27 -4.85 -1.93
N VAL A 64 0.07 -5.89 -1.12
CA VAL A 64 1.15 -6.76 -0.70
C VAL A 64 0.92 -8.03 -1.48
N ASP A 65 1.94 -8.68 -2.04
CA ASP A 65 1.75 -9.97 -2.69
C ASP A 65 0.82 -9.88 -3.92
N GLN A 66 0.61 -8.67 -4.43
CA GLN A 66 -0.39 -8.33 -5.43
C GLN A 66 -1.83 -8.62 -4.94
N GLN A 67 -2.03 -8.96 -3.68
CA GLN A 67 -3.29 -8.86 -2.98
C GLN A 67 -3.45 -7.37 -2.69
N HIS A 68 -4.57 -6.78 -3.08
CA HIS A 68 -4.92 -5.42 -2.70
C HIS A 68 -5.13 -5.39 -1.19
N ILE A 69 -4.45 -4.47 -0.49
CA ILE A 69 -4.50 -4.35 0.96
C ILE A 69 -5.17 -3.06 1.41
N GLY A 70 -4.90 -1.94 0.75
CA GLY A 70 -5.56 -0.66 1.02
C GLY A 70 -4.63 0.36 1.67
N GLY A 71 -5.18 1.23 2.54
CA GLY A 71 -4.48 2.37 3.12
C GLY A 71 -3.67 1.95 4.34
N TYR A 72 -3.14 2.93 5.08
CA TYR A 72 -2.31 2.65 6.25
C TYR A 72 -3.07 1.80 7.26
N THR A 73 -4.28 2.19 7.64
CA THR A 73 -5.08 1.42 8.59
C THR A 73 -5.15 -0.05 8.17
N ASP A 74 -5.53 -0.25 6.92
CA ASP A 74 -5.84 -1.52 6.30
C ASP A 74 -4.56 -2.36 6.26
N PHE A 75 -3.46 -1.70 5.93
CA PHE A 75 -2.15 -2.29 5.82
C PHE A 75 -1.62 -2.64 7.19
N ALA A 76 -1.87 -1.80 8.20
CA ALA A 76 -1.45 -2.03 9.56
C ALA A 76 -2.14 -3.29 10.07
N ALA A 77 -3.45 -3.38 9.82
CA ALA A 77 -4.21 -4.58 10.09
C ALA A 77 -3.54 -5.78 9.41
N TRP A 78 -3.33 -5.72 8.09
CA TRP A 78 -2.79 -6.86 7.37
C TRP A 78 -1.46 -7.29 8.01
N VAL A 79 -0.57 -6.32 8.22
CA VAL A 79 0.75 -6.55 8.79
C VAL A 79 0.62 -7.28 10.12
N LYS A 80 -0.11 -6.74 11.10
CA LYS A 80 -0.16 -7.42 12.39
C LYS A 80 -0.75 -8.83 12.20
N GLU A 81 -1.77 -8.96 11.36
CA GLU A 81 -2.41 -10.23 11.09
C GLU A 81 -1.53 -11.19 10.28
N ASN A 82 -0.31 -10.82 9.90
CA ASN A 82 0.66 -11.69 9.25
C ASN A 82 1.87 -11.87 10.16
N LEU A 83 2.49 -10.76 10.54
CA LEU A 83 3.75 -10.74 11.25
C LEU A 83 3.56 -10.92 12.76
N ASP A 84 2.33 -10.76 13.26
CA ASP A 84 1.98 -10.84 14.67
C ASP A 84 0.65 -11.60 14.84
N ALA A 85 0.52 -12.73 14.16
CA ALA A 85 -0.64 -13.60 14.24
C ALA A 85 -0.26 -14.90 13.56
N MET A 1 8.48 -11.81 -1.00
CA MET A 1 7.54 -10.93 -0.29
C MET A 1 7.77 -9.50 -0.78
N GLN A 2 6.78 -8.86 -1.43
CA GLN A 2 6.95 -7.56 -2.05
C GLN A 2 5.74 -6.69 -1.72
N THR A 3 6.00 -5.45 -1.29
CA THR A 3 5.02 -4.45 -0.96
C THR A 3 5.07 -3.32 -2.00
N VAL A 4 4.23 -3.40 -3.02
CA VAL A 4 4.14 -2.40 -4.08
C VAL A 4 3.22 -1.29 -3.56
N ILE A 5 3.51 -0.02 -3.86
CA ILE A 5 2.83 1.12 -3.26
C ILE A 5 2.38 2.06 -4.37
N PHE A 6 1.09 2.40 -4.40
CA PHE A 6 0.53 3.20 -5.46
C PHE A 6 0.54 4.68 -5.07
N GLY A 7 0.83 5.54 -6.05
CA GLY A 7 1.09 6.97 -6.01
C GLY A 7 0.35 7.83 -4.97
N ARG A 8 -0.86 7.45 -4.61
CA ARG A 8 -1.78 8.35 -3.95
C ARG A 8 -1.47 8.43 -2.46
N SER A 9 -0.41 9.13 -2.06
CA SER A 9 0.03 9.20 -0.67
C SER A 9 0.07 10.63 -0.16
N GLY A 10 -1.08 11.33 -0.11
CA GLY A 10 -1.18 12.62 0.56
C GLY A 10 -1.95 12.44 1.87
N CYS A 11 -1.83 13.41 2.79
CA CYS A 11 -2.44 13.47 4.12
C CYS A 11 -1.64 12.59 5.09
N PRO A 12 -1.36 13.05 6.32
CA PRO A 12 -0.47 12.36 7.25
C PRO A 12 -0.93 10.94 7.56
N TYR A 13 -2.19 10.74 7.94
CA TYR A 13 -2.67 9.43 8.39
C TYR A 13 -2.83 8.44 7.23
N SER A 14 -2.70 8.94 6.01
CA SER A 14 -2.52 8.13 4.82
C SER A 14 -1.02 7.79 4.72
N VAL A 15 -0.17 8.82 4.63
CA VAL A 15 1.28 8.72 4.48
C VAL A 15 1.89 7.74 5.48
N ARG A 16 1.33 7.63 6.69
CA ARG A 16 1.82 6.68 7.67
C ARG A 16 1.97 5.26 7.10
N ALA A 17 1.20 4.89 6.08
CA ALA A 17 1.41 3.64 5.36
C ALA A 17 2.78 3.60 4.69
N LYS A 18 3.08 4.60 3.85
CA LYS A 18 4.34 4.70 3.13
C LYS A 18 5.51 4.65 4.13
N ASP A 19 5.40 5.46 5.19
CA ASP A 19 6.32 5.41 6.32
C ASP A 19 6.48 3.97 6.79
N LEU A 20 5.39 3.37 7.27
CA LEU A 20 5.41 2.05 7.90
C LEU A 20 6.14 1.06 6.99
N ALA A 21 5.74 0.99 5.72
CA ALA A 21 6.42 0.15 4.74
C ALA A 21 7.90 0.48 4.68
N GLU A 22 8.26 1.73 4.36
CA GLU A 22 9.62 2.00 3.97
C GLU A 22 10.50 1.72 5.19
N LYS A 23 10.07 2.20 6.37
CA LYS A 23 10.74 1.93 7.61
C LYS A 23 10.85 0.43 7.87
N LEU A 24 9.76 -0.34 7.74
CA LEU A 24 9.82 -1.79 7.84
C LEU A 24 10.91 -2.35 6.92
N SER A 25 11.00 -1.85 5.69
CA SER A 25 12.01 -2.35 4.77
C SER A 25 13.43 -2.03 5.26
N ASN A 26 13.61 -1.04 6.14
CA ASN A 26 14.84 -0.91 6.89
C ASN A 26 14.90 -1.98 7.98
N GLU A 27 13.92 -1.99 8.89
CA GLU A 27 14.01 -2.80 10.10
C GLU A 27 13.81 -4.30 9.87
N ARG A 28 13.50 -4.74 8.65
CA ARG A 28 13.45 -6.14 8.26
C ARG A 28 14.52 -6.41 7.20
N ASP A 29 14.74 -7.69 6.85
CA ASP A 29 15.73 -8.13 5.86
C ASP A 29 15.15 -9.38 5.21
N ASP A 30 14.02 -9.21 4.53
CA ASP A 30 13.14 -10.31 4.18
C ASP A 30 12.30 -9.90 2.97
N PHE A 31 11.28 -9.10 3.22
CA PHE A 31 10.44 -8.53 2.21
C PHE A 31 11.10 -7.27 1.64
N GLN A 32 10.71 -6.88 0.43
CA GLN A 32 11.11 -5.63 -0.19
C GLN A 32 9.85 -4.84 -0.52
N TYR A 33 10.02 -3.59 -0.94
CA TYR A 33 8.93 -2.70 -1.34
C TYR A 33 9.25 -2.13 -2.72
N GLN A 34 8.27 -1.52 -3.37
CA GLN A 34 8.51 -0.65 -4.51
C GLN A 34 7.35 0.34 -4.54
N TYR A 35 7.57 1.55 -5.07
CA TYR A 35 6.50 2.52 -5.25
C TYR A 35 6.25 2.77 -6.74
N VAL A 36 5.03 3.14 -7.09
CA VAL A 36 4.49 3.17 -8.44
C VAL A 36 3.54 4.38 -8.50
N ASP A 37 3.91 5.47 -9.19
CA ASP A 37 3.00 6.59 -9.36
C ASP A 37 1.87 6.34 -10.35
N ILE A 38 0.65 6.37 -9.83
CA ILE A 38 -0.57 6.34 -10.62
C ILE A 38 -0.58 7.52 -11.59
N ARG A 39 -0.12 8.71 -11.15
CA ARG A 39 0.16 9.82 -12.04
C ARG A 39 1.52 9.69 -12.74
N ALA A 40 1.76 8.51 -13.33
CA ALA A 40 2.90 8.23 -14.20
C ALA A 40 2.50 7.07 -15.09
N GLU A 41 1.92 6.03 -14.49
CA GLU A 41 1.31 4.93 -15.21
C GLU A 41 -0.04 5.36 -15.82
N GLY A 42 -0.64 6.46 -15.37
CA GLY A 42 -1.90 6.95 -15.89
C GLY A 42 -3.03 6.03 -15.43
N ILE A 43 -3.25 6.00 -14.11
CA ILE A 43 -4.32 5.21 -13.48
C ILE A 43 -5.31 6.17 -12.84
N THR A 44 -6.60 5.99 -13.08
CA THR A 44 -7.68 6.84 -12.61
C THR A 44 -8.24 6.29 -11.29
N LYS A 45 -9.19 7.01 -10.66
CA LYS A 45 -9.90 6.50 -9.50
C LYS A 45 -10.59 5.20 -9.84
N GLU A 46 -11.35 5.21 -10.93
CA GLU A 46 -12.18 4.09 -11.29
C GLU A 46 -11.28 2.86 -11.45
N ASP A 47 -10.20 3.03 -12.19
CA ASP A 47 -9.26 1.95 -12.44
C ASP A 47 -8.71 1.46 -11.10
N LEU A 48 -8.22 2.39 -10.28
CA LEU A 48 -7.76 2.10 -8.93
C LEU A 48 -8.76 1.22 -8.18
N GLN A 49 -10.02 1.63 -8.11
CA GLN A 49 -11.04 0.90 -7.39
C GLN A 49 -11.28 -0.47 -8.02
N GLN A 50 -11.22 -0.58 -9.34
CA GLN A 50 -11.23 -1.88 -10.00
C GLN A 50 -10.09 -2.74 -9.45
N LYS A 51 -8.85 -2.25 -9.58
CA LYS A 51 -7.63 -2.96 -9.19
C LYS A 51 -7.75 -3.39 -7.73
N ALA A 52 -8.15 -2.47 -6.87
CA ALA A 52 -8.36 -2.71 -5.46
C ALA A 52 -9.25 -3.93 -5.26
N GLY A 53 -10.41 -3.93 -5.90
CA GLY A 53 -11.43 -4.95 -5.69
C GLY A 53 -12.59 -4.41 -4.88
N LYS A 54 -12.79 -3.08 -4.85
CA LYS A 54 -13.79 -2.47 -4.00
C LYS A 54 -13.99 -1.01 -4.45
N PRO A 55 -15.15 -0.40 -4.16
CA PRO A 55 -15.40 1.00 -4.47
C PRO A 55 -14.64 1.91 -3.52
N VAL A 56 -13.31 1.88 -3.56
CA VAL A 56 -12.45 2.70 -2.71
C VAL A 56 -12.07 3.99 -3.41
N GLU A 57 -11.89 5.01 -2.58
CA GLU A 57 -11.20 6.24 -2.87
C GLU A 57 -10.15 6.51 -1.79
N THR A 58 -10.18 5.86 -0.62
CA THR A 58 -9.41 6.32 0.51
C THR A 58 -8.01 5.77 0.30
N VAL A 59 -7.01 6.62 0.47
CA VAL A 59 -5.64 6.40 0.03
C VAL A 59 -4.78 6.17 1.29
N PRO A 60 -3.58 5.60 1.19
CA PRO A 60 -2.94 5.16 -0.03
C PRO A 60 -3.42 3.76 -0.38
N GLN A 61 -2.75 3.14 -1.35
CA GLN A 61 -3.02 1.80 -1.79
C GLN A 61 -1.69 1.06 -1.84
N ILE A 62 -1.37 0.30 -0.80
CA ILE A 62 -0.31 -0.68 -0.87
C ILE A 62 -0.95 -2.00 -1.34
N PHE A 63 -0.28 -2.67 -2.26
CA PHE A 63 -0.58 -4.01 -2.74
C PHE A 63 0.59 -4.90 -2.31
N VAL A 64 0.33 -5.96 -1.56
CA VAL A 64 1.35 -6.92 -1.19
C VAL A 64 1.17 -8.10 -2.13
N ASP A 65 2.25 -8.50 -2.82
CA ASP A 65 2.33 -9.70 -3.63
C ASP A 65 1.03 -9.91 -4.43
N GLN A 66 0.86 -9.03 -5.40
CA GLN A 66 -0.28 -8.86 -6.30
C GLN A 66 -1.68 -8.90 -5.68
N GLN A 67 -1.84 -8.69 -4.36
CA GLN A 67 -3.13 -8.54 -3.73
C GLN A 67 -3.22 -7.15 -3.11
N HIS A 68 -4.36 -6.50 -3.31
CA HIS A 68 -4.79 -5.30 -2.61
C HIS A 68 -4.70 -5.53 -1.10
N ILE A 69 -3.87 -4.75 -0.41
CA ILE A 69 -4.01 -4.61 1.03
C ILE A 69 -4.95 -3.45 1.28
N GLY A 70 -4.54 -2.23 0.89
CA GLY A 70 -5.33 -1.03 1.09
C GLY A 70 -4.49 0.06 1.72
N GLY A 71 -5.07 0.82 2.65
CA GLY A 71 -4.46 1.99 3.25
C GLY A 71 -3.67 1.65 4.51
N TYR A 72 -3.32 2.69 5.29
CA TYR A 72 -2.45 2.55 6.46
C TYR A 72 -3.08 1.57 7.46
N THR A 73 -4.39 1.73 7.66
CA THR A 73 -5.23 0.90 8.50
C THR A 73 -5.20 -0.54 8.00
N ASP A 74 -5.57 -0.76 6.74
CA ASP A 74 -5.59 -2.09 6.12
C ASP A 74 -4.24 -2.77 6.25
N PHE A 75 -3.18 -1.97 6.12
CA PHE A 75 -1.82 -2.41 6.20
C PHE A 75 -1.51 -2.84 7.64
N ALA A 76 -1.81 -1.99 8.62
CA ALA A 76 -1.65 -2.36 10.02
C ALA A 76 -2.35 -3.70 10.27
N ALA A 77 -3.58 -3.80 9.77
CA ALA A 77 -4.36 -5.01 9.84
C ALA A 77 -3.59 -6.19 9.24
N TRP A 78 -3.09 -6.04 8.01
CA TRP A 78 -2.36 -7.09 7.30
C TRP A 78 -1.17 -7.56 8.12
N VAL A 79 -0.34 -6.62 8.59
CA VAL A 79 0.84 -6.94 9.39
C VAL A 79 0.41 -7.87 10.53
N LYS A 80 -0.55 -7.43 11.33
CA LYS A 80 -1.05 -8.23 12.44
C LYS A 80 -2.17 -9.19 11.99
N GLU A 81 -2.10 -9.66 10.75
CA GLU A 81 -2.83 -10.80 10.19
C GLU A 81 -1.84 -11.71 9.46
N ASN A 82 -0.54 -11.41 9.46
CA ASN A 82 0.45 -12.13 8.67
C ASN A 82 1.67 -12.40 9.50
N LEU A 83 2.31 -11.34 9.99
CA LEU A 83 3.60 -11.47 10.63
C LEU A 83 3.34 -11.87 12.07
N ASP A 84 2.67 -11.01 12.85
CA ASP A 84 2.40 -11.29 14.25
C ASP A 84 1.13 -12.12 14.42
N ALA A 85 1.02 -13.22 13.66
CA ALA A 85 -0.15 -14.09 13.59
C ALA A 85 -1.40 -13.31 13.18
N MET A 1 8.18 -11.80 -0.52
CA MET A 1 7.09 -10.82 -0.40
C MET A 1 7.50 -9.51 -1.07
N GLN A 2 6.55 -8.86 -1.72
CA GLN A 2 6.67 -7.51 -2.25
C GLN A 2 5.49 -6.71 -1.74
N THR A 3 5.63 -5.40 -1.63
CA THR A 3 4.60 -4.52 -1.13
C THR A 3 4.56 -3.29 -2.04
N VAL A 4 3.63 -3.27 -2.99
CA VAL A 4 3.50 -2.16 -3.92
C VAL A 4 2.67 -1.09 -3.22
N ILE A 5 3.04 0.18 -3.29
CA ILE A 5 2.25 1.29 -2.75
C ILE A 5 1.61 1.96 -3.95
N PHE A 6 0.44 1.48 -4.38
CA PHE A 6 -0.26 2.04 -5.49
C PHE A 6 -1.08 3.21 -4.99
N GLY A 7 -0.78 4.44 -5.39
CA GLY A 7 -1.57 5.56 -4.91
C GLY A 7 -0.88 6.88 -5.19
N ARG A 8 -0.90 7.77 -4.21
CA ARG A 8 -0.17 9.02 -4.21
C ARG A 8 0.03 9.35 -2.72
N SER A 9 0.27 10.61 -2.38
CA SER A 9 0.31 11.06 -1.01
C SER A 9 -1.14 11.21 -0.54
N GLY A 10 -1.65 12.43 -0.39
CA GLY A 10 -3.03 12.69 0.00
C GLY A 10 -3.15 13.10 1.47
N CYS A 11 -2.35 12.53 2.37
CA CYS A 11 -2.52 12.72 3.80
C CYS A 11 -1.25 12.27 4.53
N PRO A 12 -0.97 12.80 5.73
CA PRO A 12 0.15 12.32 6.52
C PRO A 12 -0.08 10.85 6.90
N TYR A 13 -1.29 10.54 7.36
CA TYR A 13 -1.71 9.18 7.69
C TYR A 13 -1.50 8.25 6.50
N SER A 14 -1.87 8.70 5.31
CA SER A 14 -1.85 7.90 4.12
C SER A 14 -0.39 7.53 3.83
N VAL A 15 0.46 8.55 3.78
CA VAL A 15 1.89 8.43 3.57
C VAL A 15 2.52 7.57 4.67
N ARG A 16 1.98 7.59 5.88
CA ARG A 16 2.42 6.69 6.94
C ARG A 16 2.40 5.23 6.44
N ALA A 17 1.49 4.86 5.54
CA ALA A 17 1.51 3.52 4.95
C ALA A 17 2.87 3.25 4.29
N LYS A 18 3.33 4.20 3.47
CA LYS A 18 4.64 4.15 2.86
C LYS A 18 5.73 4.13 3.93
N ASP A 19 5.63 4.99 4.93
CA ASP A 19 6.59 5.07 6.03
C ASP A 19 6.81 3.69 6.63
N LEU A 20 5.69 3.04 6.96
CA LEU A 20 5.63 1.74 7.61
C LEU A 20 6.33 0.73 6.70
N ALA A 21 5.95 0.67 5.41
CA ALA A 21 6.60 -0.20 4.43
C ALA A 21 8.11 0.05 4.37
N GLU A 22 8.55 1.31 4.28
CA GLU A 22 9.96 1.63 4.16
C GLU A 22 10.69 1.11 5.40
N LYS A 23 10.17 1.42 6.58
CA LYS A 23 10.74 0.91 7.83
C LYS A 23 10.85 -0.60 7.74
N LEU A 24 9.75 -1.28 7.43
CA LEU A 24 9.74 -2.71 7.28
C LEU A 24 10.85 -3.14 6.30
N SER A 25 11.02 -2.50 5.15
CA SER A 25 12.02 -2.87 4.16
C SER A 25 13.47 -2.73 4.67
N ASN A 26 13.66 -2.17 5.86
CA ASN A 26 14.96 -2.03 6.51
C ASN A 26 15.03 -2.89 7.77
N GLU A 27 13.90 -3.06 8.45
CA GLU A 27 13.77 -3.80 9.68
C GLU A 27 13.87 -5.28 9.30
N ARG A 28 13.05 -5.67 8.34
CA ARG A 28 13.10 -6.92 7.63
C ARG A 28 14.13 -6.76 6.51
N ASP A 29 14.71 -7.87 6.04
CA ASP A 29 15.68 -7.89 4.95
C ASP A 29 15.25 -8.84 3.84
N ASP A 30 14.05 -9.45 3.98
CA ASP A 30 13.57 -10.52 3.12
C ASP A 30 12.72 -9.96 1.97
N PHE A 31 11.76 -9.09 2.27
CA PHE A 31 10.86 -8.50 1.32
C PHE A 31 11.43 -7.17 0.83
N GLN A 32 10.78 -6.56 -0.16
CA GLN A 32 11.05 -5.20 -0.61
C GLN A 32 9.72 -4.53 -0.87
N TYR A 33 9.58 -3.24 -0.61
CA TYR A 33 8.42 -2.48 -1.04
C TYR A 33 8.81 -1.67 -2.28
N GLN A 34 7.83 -1.15 -3.02
CA GLN A 34 8.06 -0.18 -4.07
C GLN A 34 6.83 0.70 -4.18
N TYR A 35 7.05 1.99 -4.34
CA TYR A 35 5.98 2.98 -4.33
C TYR A 35 5.69 3.46 -5.75
N VAL A 36 4.41 3.64 -6.07
CA VAL A 36 3.89 3.81 -7.41
C VAL A 36 2.89 4.98 -7.39
N ASP A 37 3.31 6.15 -7.87
CA ASP A 37 2.47 7.35 -7.98
C ASP A 37 1.54 7.22 -9.18
N ILE A 38 0.31 6.80 -8.94
CA ILE A 38 -0.69 6.66 -10.00
C ILE A 38 -0.92 7.97 -10.74
N ARG A 39 -0.87 9.12 -10.06
CA ARG A 39 -1.00 10.43 -10.72
C ARG A 39 0.25 10.82 -11.52
N ALA A 40 1.38 10.17 -11.27
CA ALA A 40 2.54 10.30 -12.15
C ALA A 40 2.26 9.51 -13.43
N GLU A 41 1.80 8.27 -13.29
CA GLU A 41 1.61 7.37 -14.42
C GLU A 41 0.40 7.78 -15.27
N GLY A 42 -0.61 8.34 -14.63
CA GLY A 42 -1.95 8.47 -15.20
C GLY A 42 -2.65 7.12 -15.13
N ILE A 43 -2.50 6.46 -13.99
CA ILE A 43 -3.35 5.36 -13.53
C ILE A 43 -4.46 6.03 -12.74
N THR A 44 -5.70 5.54 -12.80
CA THR A 44 -6.86 6.24 -12.26
C THR A 44 -7.31 5.61 -10.93
N LYS A 45 -8.18 6.30 -10.20
CA LYS A 45 -8.84 5.72 -9.05
C LYS A 45 -9.69 4.53 -9.46
N GLU A 46 -10.35 4.67 -10.61
CA GLU A 46 -11.09 3.59 -11.23
C GLU A 46 -10.16 2.38 -11.37
N ASP A 47 -9.05 2.53 -12.11
CA ASP A 47 -8.06 1.49 -12.33
C ASP A 47 -7.70 0.82 -11.02
N LEU A 48 -7.27 1.63 -10.06
CA LEU A 48 -6.95 1.20 -8.71
C LEU A 48 -8.02 0.28 -8.14
N GLN A 49 -9.27 0.75 -8.06
CA GLN A 49 -10.33 0.00 -7.45
C GLN A 49 -10.61 -1.29 -8.26
N GLN A 50 -10.52 -1.20 -9.58
CA GLN A 50 -10.68 -2.33 -10.48
C GLN A 50 -9.67 -3.41 -10.11
N LYS A 51 -8.40 -3.01 -10.01
CA LYS A 51 -7.26 -3.86 -9.75
C LYS A 51 -7.44 -4.50 -8.38
N ALA A 52 -7.73 -3.67 -7.39
CA ALA A 52 -8.02 -4.10 -6.03
C ALA A 52 -9.11 -5.15 -6.01
N GLY A 53 -10.10 -5.00 -6.88
CA GLY A 53 -11.31 -5.78 -6.81
C GLY A 53 -12.13 -5.32 -5.60
N LYS A 54 -11.97 -4.05 -5.21
CA LYS A 54 -12.71 -3.45 -4.12
C LYS A 54 -13.11 -2.06 -4.60
N PRO A 55 -14.34 -1.60 -4.34
CA PRO A 55 -14.75 -0.25 -4.63
C PRO A 55 -14.13 0.70 -3.60
N VAL A 56 -12.80 0.85 -3.62
CA VAL A 56 -12.09 1.77 -2.75
C VAL A 56 -12.01 3.15 -3.40
N GLU A 57 -12.03 4.16 -2.55
CA GLU A 57 -11.88 5.56 -2.86
C GLU A 57 -10.61 6.14 -2.23
N THR A 58 -10.15 5.58 -1.12
CA THR A 58 -9.07 6.10 -0.29
C THR A 58 -7.71 5.67 -0.84
N VAL A 59 -6.71 6.53 -0.69
CA VAL A 59 -5.38 6.36 -1.25
C VAL A 59 -4.36 6.64 -0.13
N PRO A 60 -3.19 6.00 -0.09
CA PRO A 60 -2.72 5.05 -1.08
C PRO A 60 -3.40 3.71 -0.83
N GLN A 61 -3.15 2.75 -1.72
CA GLN A 61 -3.54 1.39 -1.60
C GLN A 61 -2.24 0.59 -1.64
N ILE A 62 -1.87 -0.03 -0.53
CA ILE A 62 -0.77 -0.97 -0.58
C ILE A 62 -1.38 -2.27 -1.05
N PHE A 63 -0.75 -2.88 -2.04
CA PHE A 63 -1.03 -4.22 -2.49
C PHE A 63 0.12 -5.07 -1.97
N VAL A 64 -0.16 -6.01 -1.07
CA VAL A 64 0.83 -6.94 -0.57
C VAL A 64 0.86 -8.08 -1.57
N ASP A 65 2.00 -8.23 -2.23
CA ASP A 65 2.32 -9.14 -3.33
C ASP A 65 1.39 -8.92 -4.51
N GLN A 66 0.10 -9.24 -4.37
CA GLN A 66 -0.92 -8.94 -5.34
C GLN A 66 -2.29 -8.69 -4.69
N GLN A 67 -2.47 -8.90 -3.39
CA GLN A 67 -3.74 -8.64 -2.73
C GLN A 67 -3.71 -7.15 -2.37
N HIS A 68 -4.70 -6.39 -2.83
CA HIS A 68 -4.99 -5.07 -2.28
C HIS A 68 -5.25 -5.20 -0.79
N ILE A 69 -4.56 -4.39 0.00
CA ILE A 69 -4.87 -4.19 1.40
C ILE A 69 -5.70 -2.92 1.53
N GLY A 70 -5.13 -1.78 1.15
CA GLY A 70 -5.76 -0.48 1.33
C GLY A 70 -4.80 0.52 1.97
N GLY A 71 -5.32 1.42 2.79
CA GLY A 71 -4.59 2.56 3.33
C GLY A 71 -3.72 2.16 4.51
N TYR A 72 -3.14 3.14 5.21
CA TYR A 72 -2.27 2.83 6.33
C TYR A 72 -3.04 2.03 7.39
N THR A 73 -4.29 2.38 7.69
CA THR A 73 -5.08 1.64 8.66
C THR A 73 -5.16 0.16 8.28
N ASP A 74 -5.53 -0.08 7.03
CA ASP A 74 -5.71 -1.40 6.45
C ASP A 74 -4.39 -2.15 6.57
N PHE A 75 -3.32 -1.49 6.15
CA PHE A 75 -2.00 -2.08 6.08
C PHE A 75 -1.52 -2.43 7.48
N ALA A 76 -1.70 -1.51 8.44
CA ALA A 76 -1.39 -1.76 9.84
C ALA A 76 -2.11 -3.01 10.31
N ALA A 77 -3.42 -3.09 10.02
CA ALA A 77 -4.22 -4.25 10.38
C ALA A 77 -3.65 -5.53 9.73
N TRP A 78 -3.22 -5.46 8.47
CA TRP A 78 -2.70 -6.61 7.75
C TRP A 78 -1.38 -7.06 8.39
N VAL A 79 -0.47 -6.12 8.66
CA VAL A 79 0.79 -6.42 9.35
C VAL A 79 0.44 -7.14 10.66
N LYS A 80 -0.45 -6.52 11.42
CA LYS A 80 -0.96 -7.03 12.67
C LYS A 80 -2.08 -8.03 12.40
N GLU A 81 -1.88 -8.91 11.43
CA GLU A 81 -2.63 -10.16 11.29
C GLU A 81 -1.73 -11.21 10.64
N ASN A 82 -1.07 -10.85 9.55
CA ASN A 82 -0.25 -11.77 8.78
C ASN A 82 1.12 -11.89 9.43
N LEU A 83 1.70 -10.78 9.92
CA LEU A 83 3.00 -10.84 10.55
C LEU A 83 2.84 -11.13 12.04
N ASP A 84 2.05 -10.32 12.77
CA ASP A 84 1.92 -10.46 14.23
C ASP A 84 0.51 -10.80 14.73
N ALA A 85 -0.31 -11.46 13.91
CA ALA A 85 -1.47 -12.24 14.34
C ALA A 85 -2.73 -11.42 14.59
N MET A 1 9.46 -11.09 -0.26
CA MET A 1 8.30 -10.61 -1.02
C MET A 1 8.51 -9.13 -1.34
N GLN A 2 7.50 -8.46 -1.90
CA GLN A 2 7.56 -7.10 -2.42
C GLN A 2 6.19 -6.50 -2.14
N THR A 3 6.13 -5.17 -2.06
CA THR A 3 4.93 -4.48 -1.70
C THR A 3 4.90 -3.14 -2.43
N VAL A 4 4.03 -3.01 -3.43
CA VAL A 4 3.91 -1.83 -4.29
C VAL A 4 3.01 -0.82 -3.58
N ILE A 5 3.16 0.48 -3.86
CA ILE A 5 2.42 1.56 -3.20
C ILE A 5 1.92 2.50 -4.29
N PHE A 6 0.65 2.93 -4.24
CA PHE A 6 0.05 3.80 -5.22
C PHE A 6 -0.39 5.11 -4.57
N GLY A 7 0.15 6.26 -4.98
CA GLY A 7 -0.41 7.59 -4.71
C GLY A 7 0.31 8.34 -3.59
N ARG A 8 0.28 9.68 -3.60
CA ARG A 8 1.18 10.54 -2.83
C ARG A 8 0.56 11.36 -1.71
N SER A 9 0.96 11.06 -0.47
CA SER A 9 0.88 11.95 0.68
C SER A 9 -0.41 12.77 0.72
N GLY A 10 -0.25 14.10 0.83
CA GLY A 10 -1.33 15.07 0.84
C GLY A 10 -2.22 14.93 2.08
N CYS A 11 -1.69 14.41 3.19
CA CYS A 11 -2.42 14.00 4.39
C CYS A 11 -1.54 13.00 5.15
N PRO A 12 -1.41 13.11 6.49
CA PRO A 12 -0.35 12.44 7.22
C PRO A 12 -0.44 10.93 7.16
N TYR A 13 -1.59 10.34 7.53
CA TYR A 13 -1.78 8.89 7.56
C TYR A 13 -1.44 8.25 6.21
N SER A 14 -1.69 8.99 5.12
CA SER A 14 -1.44 8.46 3.79
C SER A 14 0.07 8.22 3.69
N VAL A 15 0.89 9.22 4.06
CA VAL A 15 2.35 9.03 4.11
C VAL A 15 2.68 7.92 5.09
N ARG A 16 2.02 7.90 6.25
CA ARG A 16 2.34 6.98 7.32
C ARG A 16 2.34 5.53 6.80
N ALA A 17 1.60 5.21 5.75
CA ALA A 17 1.64 3.89 5.13
C ALA A 17 3.00 3.63 4.46
N LYS A 18 3.46 4.60 3.67
CA LYS A 18 4.75 4.55 2.97
C LYS A 18 5.88 4.46 4.01
N ASP A 19 5.83 5.35 4.99
CA ASP A 19 6.69 5.36 6.17
C ASP A 19 6.74 3.98 6.81
N LEU A 20 5.57 3.42 7.08
CA LEU A 20 5.44 2.14 7.72
C LEU A 20 6.13 1.09 6.87
N ALA A 21 5.77 0.98 5.59
CA ALA A 21 6.47 0.07 4.68
C ALA A 21 7.99 0.23 4.76
N GLU A 22 8.51 1.46 4.66
CA GLU A 22 9.94 1.73 4.73
C GLU A 22 10.54 1.07 5.96
N LYS A 23 9.96 1.33 7.13
CA LYS A 23 10.41 0.71 8.38
C LYS A 23 10.30 -0.81 8.27
N LEU A 24 9.14 -1.33 7.89
CA LEU A 24 8.91 -2.75 7.87
C LEU A 24 9.86 -3.49 6.93
N SER A 25 10.34 -2.85 5.87
CA SER A 25 11.40 -3.41 5.05
C SER A 25 12.57 -3.86 5.94
N ASN A 26 12.86 -3.07 6.97
CA ASN A 26 13.93 -3.30 7.94
C ASN A 26 13.52 -4.40 8.93
N GLU A 27 12.23 -4.53 9.25
CA GLU A 27 11.78 -5.57 10.17
C GLU A 27 11.82 -6.93 9.47
N ARG A 28 11.58 -7.00 8.16
CA ARG A 28 11.64 -8.27 7.44
C ARG A 28 13.09 -8.54 7.04
N ASP A 29 13.32 -9.71 6.43
CA ASP A 29 14.63 -10.11 5.96
C ASP A 29 15.06 -9.12 4.88
N ASP A 30 14.33 -9.15 3.77
CA ASP A 30 14.65 -8.36 2.58
C ASP A 30 13.42 -8.13 1.72
N PHE A 31 12.27 -7.81 2.32
CA PHE A 31 11.15 -7.37 1.52
C PHE A 31 11.42 -5.90 1.29
N GLN A 32 11.36 -5.48 0.04
CA GLN A 32 11.60 -4.12 -0.39
C GLN A 32 10.33 -3.63 -1.05
N TYR A 33 10.01 -2.34 -0.93
CA TYR A 33 8.82 -1.78 -1.55
C TYR A 33 9.17 -1.18 -2.91
N GLN A 34 8.14 -0.94 -3.73
CA GLN A 34 8.19 -0.15 -4.94
C GLN A 34 7.04 0.86 -4.83
N TYR A 35 7.07 1.94 -5.60
CA TYR A 35 6.11 3.01 -5.45
C TYR A 35 5.72 3.59 -6.80
N VAL A 36 4.45 3.95 -6.93
CA VAL A 36 3.69 4.19 -8.13
C VAL A 36 2.67 5.29 -7.81
N ASP A 37 2.06 5.90 -8.83
CA ASP A 37 1.04 6.91 -8.66
C ASP A 37 0.06 6.86 -9.82
N ILE A 38 -1.18 7.17 -9.49
CA ILE A 38 -2.28 7.18 -10.41
C ILE A 38 -2.11 8.34 -11.37
N ARG A 39 -1.89 9.55 -10.86
CA ARG A 39 -1.70 10.72 -11.71
C ARG A 39 -0.22 10.81 -12.09
N ALA A 40 0.35 9.68 -12.51
CA ALA A 40 1.65 9.55 -13.10
C ALA A 40 1.56 8.41 -14.12
N GLU A 41 1.24 7.20 -13.66
CA GLU A 41 1.14 6.08 -14.57
C GLU A 41 -0.15 6.17 -15.39
N GLY A 42 -1.12 6.97 -14.93
CA GLY A 42 -2.43 7.05 -15.58
C GLY A 42 -3.21 5.78 -15.26
N ILE A 43 -3.06 5.26 -14.06
CA ILE A 43 -3.89 4.20 -13.53
C ILE A 43 -5.13 4.88 -12.97
N THR A 44 -6.32 4.48 -13.41
CA THR A 44 -7.54 5.06 -12.91
C THR A 44 -7.81 4.52 -11.50
N LYS A 45 -8.57 5.26 -10.69
CA LYS A 45 -9.13 4.70 -9.49
C LYS A 45 -9.95 3.46 -9.86
N GLU A 46 -10.78 3.54 -10.90
CA GLU A 46 -11.55 2.42 -11.38
C GLU A 46 -10.70 1.16 -11.57
N ASP A 47 -9.53 1.29 -12.21
CA ASP A 47 -8.61 0.16 -12.40
C ASP A 47 -8.28 -0.41 -11.03
N LEU A 48 -7.76 0.45 -10.18
CA LEU A 48 -7.31 0.10 -8.84
C LEU A 48 -8.40 -0.59 -8.05
N GLN A 49 -9.64 -0.10 -8.10
CA GLN A 49 -10.79 -0.63 -7.41
C GLN A 49 -11.17 -1.99 -8.02
N GLN A 50 -11.09 -2.13 -9.33
CA GLN A 50 -11.36 -3.39 -10.01
C GLN A 50 -10.35 -4.44 -9.55
N LYS A 51 -9.07 -4.09 -9.59
CA LYS A 51 -7.96 -4.95 -9.23
C LYS A 51 -8.08 -5.33 -7.76
N ALA A 52 -8.21 -4.31 -6.92
CA ALA A 52 -8.35 -4.46 -5.48
C ALA A 52 -9.55 -5.32 -5.15
N GLY A 53 -10.62 -5.17 -5.92
CA GLY A 53 -11.89 -5.79 -5.67
C GLY A 53 -12.65 -5.07 -4.56
N LYS A 54 -12.27 -3.82 -4.27
CA LYS A 54 -12.86 -2.99 -3.21
C LYS A 54 -13.03 -1.58 -3.76
N PRO A 55 -13.93 -0.75 -3.18
CA PRO A 55 -14.01 0.66 -3.51
C PRO A 55 -12.81 1.36 -2.88
N VAL A 56 -11.76 1.60 -3.66
CA VAL A 56 -10.53 2.23 -3.24
C VAL A 56 -10.43 3.69 -3.67
N GLU A 57 -10.99 4.55 -2.83
CA GLU A 57 -11.25 5.94 -3.14
C GLU A 57 -10.31 6.82 -2.31
N THR A 58 -9.10 6.35 -2.04
CA THR A 58 -8.17 6.98 -1.11
C THR A 58 -6.75 6.90 -1.67
N VAL A 59 -5.77 7.57 -1.06
CA VAL A 59 -4.36 7.26 -1.25
C VAL A 59 -3.69 7.10 0.12
N PRO A 60 -2.59 6.33 0.21
CA PRO A 60 -2.08 5.49 -0.84
C PRO A 60 -2.90 4.21 -0.86
N GLN A 61 -2.57 3.33 -1.80
CA GLN A 61 -3.08 1.97 -1.83
C GLN A 61 -1.86 1.09 -1.98
N ILE A 62 -1.47 0.40 -0.91
CA ILE A 62 -0.40 -0.58 -0.95
C ILE A 62 -0.99 -1.92 -1.42
N PHE A 63 -0.21 -2.70 -2.16
CA PHE A 63 -0.49 -4.08 -2.54
C PHE A 63 0.73 -4.92 -2.16
N VAL A 64 0.57 -6.00 -1.38
CA VAL A 64 1.64 -6.95 -1.06
C VAL A 64 1.51 -8.07 -2.07
N ASP A 65 2.56 -8.38 -2.82
CA ASP A 65 2.57 -9.39 -3.87
C ASP A 65 1.21 -9.45 -4.61
N GLN A 66 0.74 -8.31 -5.10
CA GLN A 66 -0.47 -8.17 -5.90
C GLN A 66 -1.81 -8.38 -5.17
N GLN A 67 -1.79 -8.77 -3.90
CA GLN A 67 -2.95 -8.72 -3.03
C GLN A 67 -3.06 -7.29 -2.54
N HIS A 68 -4.23 -6.70 -2.74
CA HIS A 68 -4.56 -5.38 -2.21
C HIS A 68 -4.46 -5.39 -0.71
N ILE A 69 -3.71 -4.43 -0.18
CA ILE A 69 -3.79 -4.07 1.21
C ILE A 69 -4.72 -2.87 1.33
N GLY A 70 -4.31 -1.74 0.74
CA GLY A 70 -4.95 -0.45 0.96
C GLY A 70 -3.96 0.46 1.70
N GLY A 71 -4.44 1.48 2.40
CA GLY A 71 -3.56 2.43 3.09
C GLY A 71 -3.04 1.89 4.42
N TYR A 72 -2.54 2.79 5.26
CA TYR A 72 -1.89 2.47 6.53
C TYR A 72 -2.83 1.72 7.45
N THR A 73 -4.09 2.13 7.55
CA THR A 73 -5.11 1.48 8.36
C THR A 73 -5.30 0.03 7.92
N ASP A 74 -5.58 -0.10 6.64
CA ASP A 74 -5.87 -1.32 5.92
C ASP A 74 -4.70 -2.28 6.15
N PHE A 75 -3.51 -1.70 6.09
CA PHE A 75 -2.24 -2.39 6.15
C PHE A 75 -2.00 -2.77 7.62
N ALA A 76 -2.31 -1.90 8.57
CA ALA A 76 -2.19 -2.18 9.99
C ALA A 76 -3.06 -3.36 10.38
N ALA A 77 -4.26 -3.46 9.80
CA ALA A 77 -5.04 -4.68 9.89
C ALA A 77 -4.20 -5.85 9.36
N TRP A 78 -3.87 -5.82 8.07
CA TRP A 78 -3.26 -6.95 7.37
C TRP A 78 -2.03 -7.46 8.15
N VAL A 79 -1.14 -6.55 8.55
CA VAL A 79 0.07 -6.84 9.28
C VAL A 79 -0.24 -7.69 10.51
N LYS A 80 -1.23 -7.32 11.31
CA LYS A 80 -1.47 -8.11 12.51
C LYS A 80 -1.84 -9.53 12.09
N GLU A 81 -2.83 -9.67 11.21
CA GLU A 81 -3.32 -10.98 10.81
C GLU A 81 -2.42 -11.67 9.76
N ASN A 82 -1.16 -11.25 9.57
CA ASN A 82 -0.21 -11.89 8.67
C ASN A 82 1.16 -12.02 9.30
N LEU A 83 1.70 -10.91 9.80
CA LEU A 83 3.09 -10.80 10.22
C LEU A 83 3.25 -10.77 11.73
N ASP A 84 2.20 -10.41 12.49
CA ASP A 84 2.17 -10.60 13.94
C ASP A 84 1.11 -11.66 14.25
N ALA A 85 1.38 -12.92 13.94
CA ALA A 85 0.39 -14.00 13.99
C ALA A 85 -0.66 -13.75 12.91
N MET A 1 7.98 -11.95 -0.88
CA MET A 1 7.00 -10.94 -0.48
C MET A 1 7.52 -9.56 -0.89
N GLN A 2 6.68 -8.77 -1.55
CA GLN A 2 6.99 -7.44 -2.05
C GLN A 2 5.77 -6.58 -1.81
N THR A 3 6.00 -5.43 -1.20
CA THR A 3 4.97 -4.48 -0.84
C THR A 3 4.94 -3.39 -1.91
N VAL A 4 3.98 -3.45 -2.83
CA VAL A 4 3.82 -2.45 -3.88
C VAL A 4 2.83 -1.40 -3.36
N ILE A 5 3.00 -0.11 -3.65
CA ILE A 5 2.21 0.95 -3.03
C ILE A 5 1.60 1.85 -4.10
N PHE A 6 0.28 1.82 -4.25
CA PHE A 6 -0.42 2.50 -5.32
C PHE A 6 -1.16 3.71 -4.78
N GLY A 7 -0.93 4.89 -5.35
CA GLY A 7 -1.77 6.05 -5.13
C GLY A 7 -0.90 7.29 -5.29
N ARG A 8 -0.97 8.19 -4.33
CA ARG A 8 0.06 9.18 -4.05
C ARG A 8 -0.14 9.51 -2.58
N SER A 9 0.93 9.61 -1.80
CA SER A 9 0.81 9.81 -0.37
C SER A 9 0.62 11.30 -0.06
N GLY A 10 -0.41 11.92 -0.62
CA GLY A 10 -0.68 13.34 -0.45
C GLY A 10 -1.52 13.61 0.80
N CYS A 11 -1.16 13.05 1.95
CA CYS A 11 -1.99 13.11 3.17
C CYS A 11 -1.25 12.45 4.33
N PRO A 12 -1.38 12.87 5.59
CA PRO A 12 -0.55 12.35 6.66
C PRO A 12 -0.69 10.84 6.86
N TYR A 13 -1.91 10.30 6.93
CA TYR A 13 -2.08 8.86 7.10
C TYR A 13 -1.66 8.12 5.83
N SER A 14 -1.90 8.73 4.68
CA SER A 14 -1.56 8.15 3.40
C SER A 14 -0.04 7.98 3.29
N VAL A 15 0.69 8.97 3.80
CA VAL A 15 2.13 8.85 4.07
C VAL A 15 2.36 7.73 5.08
N ARG A 16 1.66 7.73 6.22
CA ARG A 16 1.86 6.73 7.25
C ARG A 16 1.85 5.31 6.67
N ALA A 17 0.95 5.05 5.71
CA ALA A 17 0.87 3.78 5.01
C ALA A 17 2.21 3.42 4.38
N LYS A 18 2.74 4.34 3.58
CA LYS A 18 3.92 4.11 2.78
C LYS A 18 5.08 3.96 3.76
N ASP A 19 5.16 4.87 4.73
CA ASP A 19 6.16 4.91 5.77
C ASP A 19 6.21 3.61 6.55
N LEU A 20 5.05 3.05 6.88
CA LEU A 20 4.92 1.80 7.62
C LEU A 20 5.65 0.70 6.84
N ALA A 21 5.43 0.65 5.53
CA ALA A 21 6.15 -0.30 4.69
C ALA A 21 7.64 0.04 4.63
N GLU A 22 7.98 1.31 4.45
CA GLU A 22 9.38 1.75 4.41
C GLU A 22 10.10 1.22 5.65
N LYS A 23 9.61 1.57 6.85
CA LYS A 23 10.23 1.14 8.09
C LYS A 23 10.37 -0.37 8.11
N LEU A 24 9.27 -1.07 7.92
CA LEU A 24 9.30 -2.51 7.92
C LEU A 24 10.39 -3.04 6.97
N SER A 25 10.38 -2.65 5.71
CA SER A 25 11.35 -3.10 4.74
C SER A 25 12.78 -2.71 5.13
N ASN A 26 12.96 -1.58 5.82
CA ASN A 26 14.27 -1.09 6.26
C ASN A 26 14.77 -1.92 7.44
N GLU A 27 13.92 -2.11 8.43
CA GLU A 27 14.19 -2.78 9.69
C GLU A 27 14.16 -4.30 9.56
N ARG A 28 13.52 -4.82 8.51
CA ARG A 28 13.78 -6.16 8.02
C ARG A 28 14.87 -6.06 6.95
N ASP A 29 15.17 -7.18 6.30
CA ASP A 29 15.89 -7.21 5.03
C ASP A 29 15.48 -8.53 4.42
N ASP A 30 14.24 -8.56 3.98
CA ASP A 30 13.62 -9.69 3.31
C ASP A 30 12.73 -9.08 2.25
N PHE A 31 11.58 -8.54 2.68
CA PHE A 31 10.56 -8.11 1.77
C PHE A 31 10.88 -6.70 1.29
N GLN A 32 10.95 -6.54 -0.02
CA GLN A 32 11.27 -5.29 -0.67
C GLN A 32 9.96 -4.51 -0.80
N TYR A 33 10.04 -3.22 -1.15
CA TYR A 33 8.85 -2.43 -1.39
C TYR A 33 9.08 -1.50 -2.57
N GLN A 34 8.04 -1.16 -3.32
CA GLN A 34 8.19 -0.27 -4.46
C GLN A 34 6.93 0.54 -4.67
N TYR A 35 7.12 1.84 -4.79
CA TYR A 35 6.02 2.79 -4.85
C TYR A 35 5.67 3.04 -6.32
N VAL A 36 4.37 3.09 -6.57
CA VAL A 36 3.72 3.34 -7.85
C VAL A 36 2.85 4.58 -7.65
N ASP A 37 3.39 5.75 -7.98
CA ASP A 37 2.64 6.99 -7.93
C ASP A 37 1.72 6.99 -9.13
N ILE A 38 0.45 6.67 -8.96
CA ILE A 38 -0.46 6.50 -10.08
C ILE A 38 -0.54 7.79 -10.90
N ARG A 39 -0.38 8.95 -10.25
CA ARG A 39 -0.43 10.22 -10.95
C ARG A 39 0.85 10.45 -11.76
N ALA A 40 1.96 9.89 -11.33
CA ALA A 40 3.17 9.90 -12.16
C ALA A 40 2.90 8.98 -13.34
N GLU A 41 2.53 7.76 -13.03
CA GLU A 41 2.60 6.62 -13.92
C GLU A 41 1.49 6.76 -14.96
N GLY A 42 0.23 6.81 -14.55
CA GLY A 42 -0.87 6.95 -15.50
C GLY A 42 -2.22 6.46 -14.96
N ILE A 43 -2.25 5.69 -13.88
CA ILE A 43 -3.45 4.95 -13.49
C ILE A 43 -4.35 5.91 -12.69
N THR A 44 -5.67 5.74 -12.79
CA THR A 44 -6.65 6.55 -12.06
C THR A 44 -7.16 5.78 -10.84
N LYS A 45 -7.79 6.48 -9.88
CA LYS A 45 -8.35 5.86 -8.71
C LYS A 45 -9.45 4.89 -9.13
N GLU A 46 -10.23 5.27 -10.14
CA GLU A 46 -11.26 4.43 -10.72
C GLU A 46 -10.65 3.08 -11.11
N ASP A 47 -9.59 3.09 -11.93
CA ASP A 47 -8.99 1.85 -12.42
C ASP A 47 -8.50 1.05 -11.23
N LEU A 48 -7.75 1.70 -10.35
CA LEU A 48 -7.33 1.09 -9.09
C LEU A 48 -8.49 0.36 -8.42
N GLN A 49 -9.67 0.98 -8.37
CA GLN A 49 -10.87 0.40 -7.81
C GLN A 49 -11.36 -0.82 -8.60
N GLN A 50 -11.29 -0.76 -9.94
CA GLN A 50 -11.54 -1.91 -10.78
C GLN A 50 -10.60 -3.06 -10.40
N LYS A 51 -9.29 -2.82 -10.41
CA LYS A 51 -8.28 -3.83 -10.15
C LYS A 51 -8.43 -4.39 -8.74
N ALA A 52 -8.58 -3.50 -7.78
CA ALA A 52 -8.89 -3.84 -6.40
C ALA A 52 -10.15 -4.71 -6.35
N GLY A 53 -11.13 -4.41 -7.20
CA GLY A 53 -12.45 -5.02 -7.12
C GLY A 53 -13.08 -4.57 -5.81
N LYS A 54 -13.08 -3.25 -5.60
CA LYS A 54 -13.55 -2.60 -4.40
C LYS A 54 -13.70 -1.12 -4.75
N PRO A 55 -14.83 -0.47 -4.47
CA PRO A 55 -15.05 0.93 -4.80
C PRO A 55 -14.24 1.83 -3.86
N VAL A 56 -12.92 1.87 -4.04
CA VAL A 56 -12.08 2.53 -3.06
C VAL A 56 -12.24 4.04 -3.20
N GLU A 57 -12.32 4.67 -2.03
CA GLU A 57 -12.56 6.08 -1.81
C GLU A 57 -11.38 6.74 -1.06
N THR A 58 -10.21 6.09 -0.99
CA THR A 58 -9.05 6.60 -0.28
C THR A 58 -7.76 6.19 -1.01
N VAL A 59 -6.60 6.63 -0.53
CA VAL A 59 -5.28 6.29 -1.02
C VAL A 59 -4.32 6.27 0.18
N PRO A 60 -3.08 5.76 0.02
CA PRO A 60 -2.72 4.86 -1.05
C PRO A 60 -3.44 3.54 -0.74
N GLN A 61 -3.21 2.54 -1.57
CA GLN A 61 -3.49 1.18 -1.21
C GLN A 61 -2.23 0.41 -1.49
N ILE A 62 -1.74 -0.29 -0.47
CA ILE A 62 -0.61 -1.17 -0.62
C ILE A 62 -1.20 -2.48 -1.13
N PHE A 63 -0.46 -3.16 -2.00
CA PHE A 63 -0.72 -4.50 -2.46
C PHE A 63 0.52 -5.30 -2.08
N VAL A 64 0.37 -6.28 -1.20
CA VAL A 64 1.48 -7.17 -0.87
C VAL A 64 1.30 -8.41 -1.72
N ASP A 65 2.23 -8.67 -2.65
CA ASP A 65 2.16 -9.86 -3.49
C ASP A 65 0.78 -10.04 -4.12
N GLN A 66 0.24 -8.94 -4.63
CA GLN A 66 -1.04 -8.78 -5.30
C GLN A 66 -2.23 -8.70 -4.35
N GLN A 67 -2.07 -9.04 -3.07
CA GLN A 67 -3.14 -8.91 -2.11
C GLN A 67 -3.31 -7.42 -1.81
N HIS A 68 -4.33 -6.81 -2.39
CA HIS A 68 -4.85 -5.50 -2.01
C HIS A 68 -5.05 -5.48 -0.51
N ILE A 69 -4.31 -4.60 0.16
CA ILE A 69 -4.43 -4.36 1.58
C ILE A 69 -5.55 -3.36 1.80
N GLY A 70 -5.38 -2.13 1.30
CA GLY A 70 -6.42 -1.10 1.40
C GLY A 70 -5.93 0.28 1.85
N GLY A 71 -4.80 0.34 2.52
CA GLY A 71 -4.22 1.59 3.02
C GLY A 71 -3.57 1.37 4.38
N TYR A 72 -3.02 2.40 5.01
CA TYR A 72 -2.37 2.35 6.31
C TYR A 72 -3.23 1.57 7.30
N THR A 73 -4.51 1.91 7.45
CA THR A 73 -5.32 1.30 8.49
C THR A 73 -5.42 -0.21 8.26
N ASP A 74 -5.84 -0.58 7.07
CA ASP A 74 -5.97 -1.96 6.63
C ASP A 74 -4.65 -2.70 6.84
N PHE A 75 -3.56 -2.00 6.52
CA PHE A 75 -2.22 -2.53 6.50
C PHE A 75 -1.73 -2.73 7.94
N ALA A 76 -1.99 -1.76 8.80
CA ALA A 76 -1.64 -1.82 10.20
C ALA A 76 -2.37 -2.96 10.87
N ALA A 77 -3.59 -3.26 10.42
CA ALA A 77 -4.15 -4.56 10.79
C ALA A 77 -3.30 -5.69 10.22
N TRP A 78 -3.28 -5.83 8.89
CA TRP A 78 -2.73 -6.96 8.17
C TRP A 78 -1.33 -7.34 8.68
N VAL A 79 -0.47 -6.35 8.92
CA VAL A 79 0.85 -6.57 9.45
C VAL A 79 0.78 -7.40 10.73
N LYS A 80 0.03 -6.95 11.73
CA LYS A 80 -0.01 -7.67 13.02
C LYS A 80 -1.07 -8.77 13.00
N GLU A 81 -1.02 -9.58 11.95
CA GLU A 81 -1.61 -10.90 11.85
C GLU A 81 -0.87 -11.68 10.75
N ASN A 82 -0.79 -11.12 9.55
CA ASN A 82 -0.31 -11.79 8.35
C ASN A 82 1.21 -11.74 8.27
N LEU A 83 1.85 -10.69 8.81
CA LEU A 83 3.28 -10.79 9.08
C LEU A 83 3.42 -11.41 10.46
N ASP A 84 3.15 -10.60 11.49
CA ASP A 84 3.36 -10.93 12.90
C ASP A 84 4.62 -11.78 13.10
N ALA A 85 5.78 -11.13 13.04
CA ALA A 85 7.07 -11.73 13.31
C ALA A 85 8.01 -10.57 13.59
N MET A 1 8.50 -11.41 -1.68
CA MET A 1 7.49 -10.64 -0.96
C MET A 1 7.66 -9.17 -1.34
N GLN A 2 6.68 -8.59 -2.03
CA GLN A 2 6.87 -7.32 -2.71
C GLN A 2 5.64 -6.43 -2.61
N THR A 3 5.76 -5.41 -1.76
CA THR A 3 4.70 -4.55 -1.32
C THR A 3 4.68 -3.29 -2.18
N VAL A 4 3.81 -3.25 -3.20
CA VAL A 4 3.76 -2.17 -4.16
C VAL A 4 2.69 -1.17 -3.72
N ILE A 5 3.05 0.09 -3.55
CA ILE A 5 2.22 1.08 -2.89
C ILE A 5 1.66 2.02 -3.94
N PHE A 6 0.48 1.69 -4.45
CA PHE A 6 -0.28 2.49 -5.37
C PHE A 6 -0.84 3.67 -4.57
N GLY A 7 -0.03 4.69 -4.33
CA GLY A 7 -0.25 5.68 -3.28
C GLY A 7 -0.20 7.12 -3.79
N ARG A 8 0.20 8.02 -2.90
CA ARG A 8 0.40 9.44 -3.07
C ARG A 8 0.85 9.92 -1.69
N SER A 9 2.08 10.38 -1.53
CA SER A 9 2.55 10.82 -0.23
C SER A 9 2.04 12.24 0.05
N GLY A 10 0.73 12.44 -0.04
CA GLY A 10 0.07 13.74 -0.02
C GLY A 10 -0.40 14.05 1.39
N CYS A 11 -1.50 13.45 1.82
CA CYS A 11 -2.04 13.70 3.15
C CYS A 11 -1.28 12.88 4.19
N PRO A 12 -0.97 13.43 5.38
CA PRO A 12 -0.23 12.74 6.42
C PRO A 12 -0.76 11.34 6.72
N TYR A 13 -2.09 11.16 6.73
CA TYR A 13 -2.68 9.87 7.03
C TYR A 13 -2.14 8.82 6.05
N SER A 14 -2.13 9.15 4.76
CA SER A 14 -1.79 8.22 3.72
C SER A 14 -0.29 7.96 3.85
N VAL A 15 0.46 9.02 4.15
CA VAL A 15 1.89 8.94 4.43
C VAL A 15 2.19 7.92 5.55
N ARG A 16 1.27 7.63 6.48
CA ARG A 16 1.50 6.54 7.43
C ARG A 16 1.79 5.22 6.71
N ALA A 17 1.18 5.01 5.55
CA ALA A 17 1.31 3.75 4.83
C ALA A 17 2.74 3.63 4.30
N LYS A 18 3.20 4.64 3.55
CA LYS A 18 4.60 4.88 3.25
C LYS A 18 5.47 4.61 4.48
N ASP A 19 5.29 5.36 5.56
CA ASP A 19 6.08 5.28 6.79
C ASP A 19 6.20 3.83 7.25
N LEU A 20 5.05 3.17 7.36
CA LEU A 20 4.97 1.80 7.82
C LEU A 20 5.82 0.92 6.92
N ALA A 21 5.58 0.96 5.62
CA ALA A 21 6.32 0.15 4.66
C ALA A 21 7.80 0.46 4.69
N GLU A 22 8.15 1.74 4.73
CA GLU A 22 9.50 2.26 4.74
C GLU A 22 10.23 1.63 5.93
N LYS A 23 9.75 1.93 7.13
CA LYS A 23 10.32 1.43 8.36
C LYS A 23 10.40 -0.09 8.29
N LEU A 24 9.31 -0.76 7.89
CA LEU A 24 9.33 -2.20 7.80
C LEU A 24 10.40 -2.68 6.84
N SER A 25 10.57 -2.06 5.68
CA SER A 25 11.60 -2.49 4.75
C SER A 25 13.00 -2.17 5.28
N ASN A 26 13.11 -1.21 6.20
CA ASN A 26 14.36 -0.93 6.91
C ASN A 26 14.63 -2.01 7.95
N GLU A 27 13.60 -2.54 8.60
CA GLU A 27 13.72 -3.63 9.56
C GLU A 27 13.97 -4.97 8.87
N ARG A 28 13.21 -5.23 7.82
CA ARG A 28 13.05 -6.51 7.18
C ARG A 28 13.94 -6.57 5.96
N ASP A 29 14.50 -7.75 5.68
CA ASP A 29 15.27 -8.01 4.48
C ASP A 29 14.57 -9.04 3.61
N ASP A 30 13.43 -9.57 4.06
CA ASP A 30 12.77 -10.64 3.35
C ASP A 30 11.95 -9.96 2.28
N PHE A 31 10.98 -9.14 2.67
CA PHE A 31 10.19 -8.39 1.74
C PHE A 31 10.88 -7.09 1.34
N GLN A 32 10.53 -6.58 0.16
CA GLN A 32 10.89 -5.27 -0.34
C GLN A 32 9.59 -4.51 -0.58
N TYR A 33 9.60 -3.19 -0.47
CA TYR A 33 8.46 -2.38 -0.87
C TYR A 33 8.91 -1.47 -2.02
N GLN A 34 7.95 -1.08 -2.87
CA GLN A 34 8.14 -0.18 -3.99
C GLN A 34 6.93 0.72 -4.02
N TYR A 35 7.06 1.95 -4.50
CA TYR A 35 5.97 2.91 -4.50
C TYR A 35 5.59 3.26 -5.93
N VAL A 36 4.30 3.47 -6.14
CA VAL A 36 3.66 3.71 -7.40
C VAL A 36 2.74 4.92 -7.21
N ASP A 37 3.04 6.04 -7.87
CA ASP A 37 2.04 7.07 -8.10
C ASP A 37 1.26 6.75 -9.36
N ILE A 38 -0.04 6.61 -9.24
CA ILE A 38 -0.88 6.28 -10.36
C ILE A 38 -0.88 7.38 -11.41
N ARG A 39 -1.00 8.65 -11.00
CA ARG A 39 -0.89 9.80 -11.89
C ARG A 39 0.59 10.11 -12.12
N ALA A 40 1.29 9.11 -12.64
CA ALA A 40 2.61 9.20 -13.22
C ALA A 40 2.58 8.21 -14.38
N GLU A 41 2.25 6.96 -14.11
CA GLU A 41 2.12 5.93 -15.11
C GLU A 41 0.82 6.22 -15.88
N GLY A 42 -0.30 6.33 -15.17
CA GLY A 42 -1.51 6.97 -15.66
C GLY A 42 -2.79 6.24 -15.26
N ILE A 43 -2.84 5.72 -14.05
CA ILE A 43 -4.02 5.04 -13.52
C ILE A 43 -4.93 6.10 -12.88
N THR A 44 -6.24 5.83 -12.82
CA THR A 44 -7.25 6.71 -12.25
C THR A 44 -7.67 6.19 -10.87
N LYS A 45 -8.45 6.98 -10.12
CA LYS A 45 -9.04 6.61 -8.85
C LYS A 45 -10.04 5.46 -9.03
N GLU A 46 -10.85 5.56 -10.08
CA GLU A 46 -11.79 4.53 -10.46
C GLU A 46 -11.02 3.25 -10.78
N ASP A 47 -10.02 3.37 -11.66
CA ASP A 47 -9.24 2.25 -12.13
C ASP A 47 -8.58 1.57 -10.95
N LEU A 48 -8.03 2.37 -10.04
CA LEU A 48 -7.52 1.92 -8.75
C LEU A 48 -8.49 0.95 -8.07
N GLN A 49 -9.78 1.26 -8.00
CA GLN A 49 -10.76 0.38 -7.41
C GLN A 49 -10.83 -0.94 -8.18
N GLN A 50 -10.82 -0.86 -9.50
CA GLN A 50 -10.86 -2.02 -10.37
C GLN A 50 -9.58 -2.85 -10.19
N LYS A 51 -8.44 -2.19 -10.02
CA LYS A 51 -7.14 -2.79 -9.77
C LYS A 51 -7.24 -3.57 -8.46
N ALA A 52 -7.73 -2.89 -7.43
CA ALA A 52 -7.94 -3.42 -6.10
C ALA A 52 -8.94 -4.58 -6.12
N GLY A 53 -9.92 -4.49 -7.02
CA GLY A 53 -11.05 -5.41 -7.07
C GLY A 53 -11.91 -5.26 -5.81
N LYS A 54 -12.13 -4.02 -5.38
CA LYS A 54 -13.06 -3.68 -4.32
C LYS A 54 -13.43 -2.21 -4.48
N PRO A 55 -14.59 -1.76 -3.96
CA PRO A 55 -14.98 -0.37 -4.03
C PRO A 55 -14.15 0.41 -3.01
N VAL A 56 -13.01 0.92 -3.46
CA VAL A 56 -12.20 1.92 -2.76
C VAL A 56 -12.24 3.20 -3.57
N GLU A 57 -12.25 4.30 -2.84
CA GLU A 57 -12.05 5.63 -3.35
C GLU A 57 -10.76 6.19 -2.74
N THR A 58 -10.46 5.78 -1.50
CA THR A 58 -9.43 6.44 -0.73
C THR A 58 -8.05 5.89 -1.08
N VAL A 59 -7.07 6.77 -1.27
CA VAL A 59 -5.67 6.42 -1.39
C VAL A 59 -5.11 6.29 0.03
N PRO A 60 -3.98 5.58 0.23
CA PRO A 60 -3.23 4.83 -0.76
C PRO A 60 -3.80 3.42 -0.85
N GLN A 61 -3.23 2.63 -1.76
CA GLN A 61 -3.49 1.20 -1.88
C GLN A 61 -2.14 0.47 -1.81
N ILE A 62 -1.84 -0.23 -0.73
CA ILE A 62 -0.75 -1.18 -0.75
C ILE A 62 -1.29 -2.50 -1.32
N PHE A 63 -0.60 -3.01 -2.35
CA PHE A 63 -0.72 -4.37 -2.85
C PHE A 63 0.43 -5.16 -2.26
N VAL A 64 0.12 -6.17 -1.46
CA VAL A 64 1.10 -7.15 -1.03
C VAL A 64 1.15 -8.19 -2.15
N ASP A 65 2.26 -8.31 -2.86
CA ASP A 65 2.44 -9.22 -3.98
C ASP A 65 1.34 -8.98 -5.00
N GLN A 66 0.24 -9.72 -5.00
CA GLN A 66 -0.96 -9.34 -5.72
C GLN A 66 -2.22 -9.66 -4.93
N GLN A 67 -2.28 -9.21 -3.68
CA GLN A 67 -3.51 -9.05 -2.93
C GLN A 67 -3.48 -7.57 -2.55
N HIS A 68 -4.40 -6.79 -3.12
CA HIS A 68 -4.72 -5.47 -2.61
C HIS A 68 -5.11 -5.60 -1.13
N ILE A 69 -4.48 -4.81 -0.28
CA ILE A 69 -4.78 -4.76 1.14
C ILE A 69 -5.72 -3.60 1.41
N GLY A 70 -5.30 -2.40 1.01
CA GLY A 70 -5.96 -1.16 1.38
C GLY A 70 -4.93 -0.12 1.80
N GLY A 71 -5.34 0.78 2.70
CA GLY A 71 -4.52 1.91 3.13
C GLY A 71 -3.66 1.53 4.33
N TYR A 72 -3.11 2.54 5.02
CA TYR A 72 -2.31 2.35 6.21
C TYR A 72 -3.06 1.52 7.25
N THR A 73 -4.33 1.81 7.53
CA THR A 73 -5.05 1.07 8.56
C THR A 73 -5.05 -0.43 8.23
N ASP A 74 -5.54 -0.71 7.03
CA ASP A 74 -5.71 -2.03 6.45
C ASP A 74 -4.37 -2.77 6.46
N PHE A 75 -3.32 -2.05 6.10
CA PHE A 75 -1.96 -2.53 5.97
C PHE A 75 -1.37 -2.84 7.36
N ALA A 76 -1.49 -1.89 8.27
CA ALA A 76 -1.06 -2.01 9.66
C ALA A 76 -1.67 -3.27 10.26
N ALA A 77 -2.95 -3.50 9.95
CA ALA A 77 -3.62 -4.73 10.33
C ALA A 77 -2.95 -5.94 9.68
N TRP A 78 -2.85 -6.02 8.35
CA TRP A 78 -2.12 -7.07 7.61
C TRP A 78 -0.84 -7.44 8.35
N VAL A 79 0.07 -6.48 8.56
CA VAL A 79 1.32 -6.74 9.27
C VAL A 79 1.01 -7.51 10.56
N LYS A 80 0.09 -6.97 11.35
CA LYS A 80 -0.25 -7.47 12.66
C LYS A 80 -1.18 -8.69 12.64
N GLU A 81 -1.49 -9.28 11.48
CA GLU A 81 -2.17 -10.57 11.41
C GLU A 81 -1.26 -11.62 10.77
N ASN A 82 -0.35 -11.25 9.86
CA ASN A 82 0.53 -12.24 9.29
C ASN A 82 1.69 -12.40 10.26
N LEU A 83 2.35 -11.31 10.60
CA LEU A 83 3.59 -11.35 11.36
C LEU A 83 3.32 -11.47 12.86
N ASP A 84 2.10 -11.20 13.30
CA ASP A 84 1.69 -11.30 14.69
C ASP A 84 0.41 -12.14 14.80
N ALA A 85 0.53 -13.43 14.53
CA ALA A 85 -0.51 -14.44 14.71
C ALA A 85 0.17 -15.80 14.65
N MET A 1 7.26 -12.25 -0.77
CA MET A 1 6.66 -11.07 -0.16
C MET A 1 7.27 -9.84 -0.86
N GLN A 2 6.45 -8.97 -1.44
CA GLN A 2 6.86 -7.67 -1.92
C GLN A 2 5.68 -6.74 -1.74
N THR A 3 5.95 -5.47 -1.43
CA THR A 3 4.96 -4.48 -1.08
C THR A 3 5.02 -3.36 -2.12
N VAL A 4 4.05 -3.29 -3.04
CA VAL A 4 4.06 -2.31 -4.11
C VAL A 4 3.03 -1.24 -3.74
N ILE A 5 3.46 0.01 -3.65
CA ILE A 5 2.77 1.06 -2.90
C ILE A 5 2.27 2.07 -3.93
N PHE A 6 1.01 1.94 -4.35
CA PHE A 6 0.44 2.71 -5.42
C PHE A 6 -0.21 3.97 -4.88
N GLY A 7 0.30 5.14 -5.28
CA GLY A 7 -0.40 6.40 -5.06
C GLY A 7 -0.25 6.86 -3.62
N ARG A 8 -0.41 8.16 -3.39
CA ARG A 8 -0.18 8.81 -2.11
C ARG A 8 -0.47 10.31 -2.26
N SER A 9 0.11 11.14 -1.40
CA SER A 9 0.10 12.58 -1.56
C SER A 9 -1.31 13.15 -1.42
N GLY A 10 -1.41 14.47 -1.36
CA GLY A 10 -2.66 15.16 -1.10
C GLY A 10 -3.19 14.89 0.31
N CYS A 11 -2.42 14.26 1.19
CA CYS A 11 -2.98 13.63 2.37
C CYS A 11 -1.87 13.16 3.32
N PRO A 12 -1.76 13.66 4.56
CA PRO A 12 -0.67 13.28 5.45
C PRO A 12 -0.80 11.83 5.92
N TYR A 13 -1.98 11.46 6.44
CA TYR A 13 -2.23 10.14 7.01
C TYR A 13 -1.89 9.01 6.02
N SER A 14 -2.04 9.30 4.73
CA SER A 14 -1.79 8.34 3.67
C SER A 14 -0.31 7.96 3.70
N VAL A 15 0.55 8.96 3.86
CA VAL A 15 1.99 8.76 3.90
C VAL A 15 2.33 7.71 4.96
N ARG A 16 1.62 7.71 6.09
CA ARG A 16 1.91 6.79 7.17
C ARG A 16 1.92 5.33 6.70
N ALA A 17 1.12 4.99 5.68
CA ALA A 17 1.15 3.64 5.12
C ALA A 17 2.50 3.38 4.44
N LYS A 18 2.96 4.29 3.59
CA LYS A 18 4.20 4.09 2.85
C LYS A 18 5.33 4.05 3.88
N ASP A 19 5.26 4.97 4.84
CA ASP A 19 6.17 5.06 5.96
C ASP A 19 6.23 3.72 6.68
N LEU A 20 5.08 3.09 6.95
CA LEU A 20 5.03 1.82 7.67
C LEU A 20 5.92 0.81 6.93
N ALA A 21 5.68 0.64 5.61
CA ALA A 21 6.55 -0.19 4.78
C ALA A 21 8.01 0.24 4.91
N GLU A 22 8.30 1.54 4.90
CA GLU A 22 9.65 2.05 4.96
C GLU A 22 10.33 1.56 6.25
N LYS A 23 9.62 1.60 7.40
CA LYS A 23 10.18 1.13 8.66
C LYS A 23 10.54 -0.34 8.50
N LEU A 24 9.54 -1.11 8.08
CA LEU A 24 9.69 -2.53 7.85
C LEU A 24 10.89 -2.76 6.96
N SER A 25 11.12 -1.95 5.93
CA SER A 25 12.20 -2.29 4.99
C SER A 25 13.58 -2.00 5.60
N ASN A 26 13.65 -1.10 6.59
CA ASN A 26 14.88 -0.90 7.34
C ASN A 26 15.11 -2.06 8.31
N GLU A 27 14.04 -2.73 8.75
CA GLU A 27 14.11 -3.79 9.72
C GLU A 27 14.42 -5.14 9.06
N ARG A 28 13.59 -5.51 8.08
CA ARG A 28 13.69 -6.78 7.38
C ARG A 28 14.28 -6.56 5.99
N ASP A 29 14.57 -7.67 5.33
CA ASP A 29 15.20 -7.72 4.02
C ASP A 29 14.67 -8.89 3.18
N ASP A 30 13.77 -9.72 3.72
CA ASP A 30 13.29 -10.90 3.04
C ASP A 30 12.17 -10.48 2.11
N PHE A 31 11.30 -9.59 2.59
CA PHE A 31 10.46 -8.78 1.75
C PHE A 31 11.24 -7.55 1.30
N GLN A 32 10.69 -6.87 0.30
CA GLN A 32 11.16 -5.60 -0.22
C GLN A 32 9.91 -4.80 -0.57
N TYR A 33 10.01 -3.49 -0.80
CA TYR A 33 8.87 -2.73 -1.28
C TYR A 33 9.28 -1.88 -2.48
N GLN A 34 8.30 -1.28 -3.16
CA GLN A 34 8.50 -0.30 -4.20
C GLN A 34 7.38 0.71 -4.10
N TYR A 35 7.69 1.98 -4.29
CA TYR A 35 6.71 3.04 -4.29
C TYR A 35 6.44 3.46 -5.72
N VAL A 36 5.16 3.57 -6.08
CA VAL A 36 4.70 3.75 -7.43
C VAL A 36 3.85 5.02 -7.49
N ASP A 37 4.31 5.99 -8.28
CA ASP A 37 3.60 7.24 -8.48
C ASP A 37 2.57 7.04 -9.57
N ILE A 38 1.30 6.85 -9.18
CA ILE A 38 0.20 6.68 -10.12
C ILE A 38 0.13 7.79 -11.16
N ARG A 39 0.78 8.94 -10.94
CA ARG A 39 0.67 10.07 -11.85
C ARG A 39 1.44 9.78 -13.13
N ALA A 40 2.46 8.95 -13.01
CA ALA A 40 3.28 8.49 -14.11
C ALA A 40 2.41 7.61 -15.02
N GLU A 41 1.69 6.69 -14.39
CA GLU A 41 0.93 5.67 -15.08
C GLU A 41 -0.30 6.33 -15.69
N GLY A 42 -1.15 6.94 -14.85
CA GLY A 42 -2.44 7.51 -15.22
C GLY A 42 -3.56 6.60 -14.74
N ILE A 43 -3.99 6.77 -13.49
CA ILE A 43 -4.97 5.90 -12.87
C ILE A 43 -5.91 6.79 -12.07
N THR A 44 -7.21 6.76 -12.34
CA THR A 44 -8.21 7.40 -11.51
C THR A 44 -8.48 6.54 -10.27
N LYS A 45 -9.29 7.02 -9.33
CA LYS A 45 -9.51 6.36 -8.06
C LYS A 45 -10.47 5.18 -8.25
N GLU A 46 -11.51 5.36 -9.06
CA GLU A 46 -12.32 4.28 -9.61
C GLU A 46 -11.44 3.14 -10.13
N ASP A 47 -10.51 3.49 -11.02
CA ASP A 47 -9.69 2.53 -11.75
C ASP A 47 -8.85 1.76 -10.76
N LEU A 48 -8.16 2.49 -9.88
CA LEU A 48 -7.50 1.94 -8.70
C LEU A 48 -8.39 0.92 -7.98
N GLN A 49 -9.62 1.28 -7.60
CA GLN A 49 -10.55 0.37 -6.92
C GLN A 49 -10.79 -0.89 -7.77
N GLN A 50 -10.94 -0.73 -9.08
CA GLN A 50 -11.15 -1.87 -9.97
C GLN A 50 -9.95 -2.79 -9.91
N LYS A 51 -8.74 -2.27 -10.13
CA LYS A 51 -7.50 -3.04 -10.06
C LYS A 51 -7.41 -3.74 -8.71
N ALA A 52 -7.70 -3.01 -7.64
CA ALA A 52 -7.72 -3.53 -6.30
C ALA A 52 -8.66 -4.73 -6.17
N GLY A 53 -9.84 -4.62 -6.77
CA GLY A 53 -10.91 -5.55 -6.49
C GLY A 53 -11.40 -5.31 -5.07
N LYS A 54 -11.54 -4.04 -4.70
CA LYS A 54 -11.99 -3.64 -3.38
C LYS A 54 -12.57 -2.23 -3.53
N PRO A 55 -13.72 -1.91 -2.92
CA PRO A 55 -14.39 -0.63 -3.12
C PRO A 55 -13.69 0.45 -2.29
N VAL A 56 -12.43 0.75 -2.60
CA VAL A 56 -11.71 1.85 -1.96
C VAL A 56 -11.95 3.11 -2.78
N GLU A 57 -11.94 4.27 -2.14
CA GLU A 57 -11.88 5.54 -2.83
C GLU A 57 -11.16 6.55 -1.94
N THR A 58 -10.02 6.14 -1.40
CA THR A 58 -9.03 7.00 -0.78
C THR A 58 -7.72 6.71 -1.51
N VAL A 59 -6.60 7.20 -0.98
CA VAL A 59 -5.27 6.67 -1.27
C VAL A 59 -4.76 6.11 0.07
N PRO A 60 -3.57 5.50 0.15
CA PRO A 60 -2.84 4.88 -0.94
C PRO A 60 -3.48 3.54 -1.24
N GLN A 61 -2.86 2.76 -2.12
CA GLN A 61 -3.12 1.35 -2.26
C GLN A 61 -1.80 0.61 -2.16
N ILE A 62 -1.46 0.09 -0.99
CA ILE A 62 -0.35 -0.85 -0.90
C ILE A 62 -0.91 -2.23 -1.24
N PHE A 63 -0.40 -2.80 -2.31
CA PHE A 63 -0.57 -4.19 -2.66
C PHE A 63 0.56 -4.96 -1.99
N VAL A 64 0.26 -6.10 -1.40
CA VAL A 64 1.25 -7.05 -0.93
C VAL A 64 1.12 -8.29 -1.80
N ASP A 65 2.22 -8.69 -2.43
CA ASP A 65 2.35 -9.90 -3.20
C ASP A 65 1.24 -9.99 -4.27
N GLN A 66 1.03 -8.87 -4.97
CA GLN A 66 -0.01 -8.68 -5.96
C GLN A 66 -1.43 -8.99 -5.47
N GLN A 67 -1.73 -8.72 -4.20
CA GLN A 67 -3.07 -8.62 -3.69
C GLN A 67 -3.19 -7.23 -3.07
N HIS A 68 -4.30 -6.53 -3.34
CA HIS A 68 -4.57 -5.24 -2.75
C HIS A 68 -4.85 -5.41 -1.26
N ILE A 69 -3.94 -4.92 -0.42
CA ILE A 69 -4.24 -4.74 0.98
C ILE A 69 -4.96 -3.40 1.08
N GLY A 70 -4.26 -2.30 0.76
CA GLY A 70 -4.88 -1.01 0.53
C GLY A 70 -4.35 0.06 1.47
N GLY A 71 -5.17 0.44 2.45
CA GLY A 71 -4.94 1.58 3.31
C GLY A 71 -3.92 1.29 4.40
N TYR A 72 -3.56 2.31 5.19
CA TYR A 72 -2.73 2.12 6.37
C TYR A 72 -3.45 1.16 7.31
N THR A 73 -4.75 1.36 7.54
CA THR A 73 -5.47 0.49 8.46
C THR A 73 -5.37 -0.96 8.01
N ASP A 74 -5.59 -1.17 6.72
CA ASP A 74 -5.69 -2.49 6.12
C ASP A 74 -4.31 -3.15 6.13
N PHE A 75 -3.28 -2.34 5.91
CA PHE A 75 -1.90 -2.80 5.87
C PHE A 75 -1.50 -3.20 7.29
N ALA A 76 -1.73 -2.30 8.25
CA ALA A 76 -1.54 -2.57 9.66
C ALA A 76 -2.29 -3.84 10.04
N ALA A 77 -3.54 -3.97 9.60
CA ALA A 77 -4.35 -5.14 9.87
C ALA A 77 -3.67 -6.39 9.31
N TRP A 78 -3.23 -6.37 8.04
CA TRP A 78 -2.58 -7.49 7.38
C TRP A 78 -1.41 -7.90 8.29
N VAL A 79 -0.47 -6.98 8.57
CA VAL A 79 0.64 -7.24 9.48
C VAL A 79 0.13 -7.91 10.76
N LYS A 80 -0.90 -7.34 11.38
CA LYS A 80 -1.48 -7.82 12.63
C LYS A 80 -2.41 -9.03 12.45
N GLU A 81 -2.31 -9.73 11.32
CA GLU A 81 -3.03 -10.96 11.01
C GLU A 81 -2.06 -12.04 10.58
N ASN A 82 -1.06 -11.71 9.76
CA ASN A 82 -0.10 -12.66 9.25
C ASN A 82 1.09 -12.71 10.19
N LEU A 83 1.63 -11.53 10.53
CA LEU A 83 2.90 -11.42 11.23
C LEU A 83 2.61 -11.36 12.73
N ASP A 84 2.18 -10.19 13.21
CA ASP A 84 2.01 -9.92 14.63
C ASP A 84 0.63 -10.38 15.09
N ALA A 85 0.36 -11.67 14.94
CA ALA A 85 -0.93 -12.29 15.20
C ALA A 85 -0.70 -13.58 15.97
N MET A 1 9.32 -11.74 0.10
CA MET A 1 8.04 -11.02 0.05
C MET A 1 8.29 -9.57 -0.38
N GLN A 2 7.24 -8.88 -0.83
CA GLN A 2 7.32 -7.68 -1.65
C GLN A 2 6.06 -6.85 -1.41
N THR A 3 6.09 -5.58 -1.79
CA THR A 3 4.93 -4.71 -1.79
C THR A 3 5.00 -3.75 -2.97
N VAL A 4 3.84 -3.37 -3.49
CA VAL A 4 3.69 -2.35 -4.50
C VAL A 4 2.87 -1.24 -3.83
N ILE A 5 3.15 0.02 -4.15
CA ILE A 5 2.54 1.18 -3.51
C ILE A 5 2.14 2.11 -4.65
N PHE A 6 1.01 2.81 -4.54
CA PHE A 6 0.42 3.59 -5.59
C PHE A 6 0.31 5.06 -5.14
N GLY A 7 1.12 5.93 -5.76
CA GLY A 7 1.31 7.37 -5.58
C GLY A 7 0.47 8.07 -4.51
N ARG A 8 1.12 8.60 -3.47
CA ARG A 8 0.53 9.48 -2.49
C ARG A 8 1.26 10.83 -2.49
N SER A 9 0.65 11.83 -3.10
CA SER A 9 1.10 13.21 -3.03
C SER A 9 0.58 13.84 -1.74
N GLY A 10 -0.41 14.74 -1.84
CA GLY A 10 -0.94 15.48 -0.70
C GLY A 10 -1.81 14.59 0.18
N CYS A 11 -2.08 15.03 1.42
CA CYS A 11 -2.73 14.35 2.54
C CYS A 11 -1.70 13.58 3.36
N PRO A 12 -1.29 14.09 4.53
CA PRO A 12 -0.10 13.61 5.23
C PRO A 12 -0.30 12.25 5.88
N TYR A 13 -1.34 12.12 6.73
CA TYR A 13 -1.54 10.96 7.60
C TYR A 13 -1.52 9.66 6.78
N SER A 14 -2.01 9.68 5.55
CA SER A 14 -2.14 8.55 4.67
C SER A 14 -0.78 7.97 4.31
N VAL A 15 0.15 8.88 4.07
CA VAL A 15 1.54 8.56 3.77
C VAL A 15 2.12 7.64 4.84
N ARG A 16 1.61 7.65 6.07
CA ARG A 16 2.12 6.76 7.10
C ARG A 16 2.07 5.28 6.69
N ALA A 17 1.19 4.89 5.77
CA ALA A 17 1.25 3.55 5.20
C ALA A 17 2.57 3.31 4.47
N LYS A 18 2.97 4.27 3.64
CA LYS A 18 4.22 4.18 2.89
C LYS A 18 5.38 4.18 3.88
N ASP A 19 5.31 5.08 4.86
CA ASP A 19 6.30 5.14 5.92
C ASP A 19 6.38 3.79 6.64
N LEU A 20 5.24 3.17 6.94
CA LEU A 20 5.16 1.85 7.54
C LEU A 20 5.93 0.85 6.67
N ALA A 21 5.68 0.85 5.36
CA ALA A 21 6.45 0.03 4.43
C ALA A 21 7.95 0.30 4.58
N GLU A 22 8.35 1.56 4.75
CA GLU A 22 9.76 1.92 4.86
C GLU A 22 10.32 1.25 6.13
N LYS A 23 9.64 1.34 7.28
CA LYS A 23 10.09 0.64 8.48
C LYS A 23 10.20 -0.85 8.18
N LEU A 24 9.10 -1.43 7.69
CA LEU A 24 9.03 -2.83 7.37
C LEU A 24 10.16 -3.27 6.46
N SER A 25 10.66 -2.38 5.58
CA SER A 25 11.76 -2.77 4.70
C SER A 25 12.97 -3.16 5.56
N ASN A 26 13.16 -2.45 6.67
CA ASN A 26 14.18 -2.71 7.67
C ASN A 26 13.78 -3.94 8.49
N GLU A 27 12.54 -3.95 8.98
CA GLU A 27 12.13 -4.84 10.05
C GLU A 27 11.90 -6.26 9.56
N ARG A 28 11.50 -6.47 8.32
CA ARG A 28 11.26 -7.84 7.84
C ARG A 28 12.59 -8.45 7.42
N ASP A 29 12.51 -9.68 6.93
CA ASP A 29 13.66 -10.55 6.75
C ASP A 29 14.57 -9.91 5.71
N ASP A 30 14.05 -9.67 4.52
CA ASP A 30 14.75 -9.01 3.43
C ASP A 30 13.75 -8.38 2.47
N PHE A 31 12.59 -7.96 2.97
CA PHE A 31 11.47 -7.63 2.10
C PHE A 31 11.61 -6.20 1.59
N GLN A 32 11.03 -5.96 0.42
CA GLN A 32 11.08 -4.70 -0.27
C GLN A 32 9.67 -4.19 -0.49
N TYR A 33 9.58 -2.92 -0.88
CA TYR A 33 8.41 -2.39 -1.56
C TYR A 33 8.96 -1.56 -2.70
N GLN A 34 8.40 -1.69 -3.89
CA GLN A 34 8.55 -0.73 -4.94
C GLN A 34 7.46 0.33 -4.75
N TYR A 35 7.55 1.47 -5.41
CA TYR A 35 6.52 2.50 -5.31
C TYR A 35 6.30 3.11 -6.70
N VAL A 36 5.07 2.98 -7.20
CA VAL A 36 4.55 3.51 -8.44
C VAL A 36 3.91 4.86 -8.11
N ASP A 37 3.86 5.78 -9.08
CA ASP A 37 3.07 7.00 -8.96
C ASP A 37 1.87 6.89 -9.88
N ILE A 38 0.68 7.01 -9.30
CA ILE A 38 -0.57 6.91 -10.01
C ILE A 38 -0.81 8.09 -10.95
N ARG A 39 -0.38 9.29 -10.59
CA ARG A 39 -0.62 10.45 -11.43
C ARG A 39 0.27 10.44 -12.66
N ALA A 40 1.42 9.80 -12.51
CA ALA A 40 2.40 9.65 -13.56
C ALA A 40 1.80 8.87 -14.73
N GLU A 41 1.31 7.65 -14.45
CA GLU A 41 0.66 6.80 -15.42
C GLU A 41 -0.79 7.20 -15.69
N GLY A 42 -1.48 7.73 -14.67
CA GLY A 42 -2.79 8.36 -14.75
C GLY A 42 -3.92 7.44 -14.24
N ILE A 43 -3.67 6.70 -13.17
CA ILE A 43 -4.59 5.72 -12.60
C ILE A 43 -5.59 6.45 -11.70
N THR A 44 -6.87 6.20 -11.94
CA THR A 44 -7.95 6.74 -11.15
C THR A 44 -8.18 5.86 -9.91
N LYS A 45 -8.97 6.35 -8.96
CA LYS A 45 -9.40 5.55 -7.85
C LYS A 45 -10.34 4.43 -8.32
N GLU A 46 -11.18 4.65 -9.34
CA GLU A 46 -11.93 3.60 -9.98
C GLU A 46 -11.00 2.48 -10.45
N ASP A 47 -10.02 2.84 -11.29
CA ASP A 47 -9.06 1.91 -11.88
C ASP A 47 -8.44 1.06 -10.76
N LEU A 48 -7.92 1.75 -9.74
CA LEU A 48 -7.40 1.12 -8.54
C LEU A 48 -8.39 0.13 -7.96
N GLN A 49 -9.61 0.55 -7.63
CA GLN A 49 -10.60 -0.28 -6.97
C GLN A 49 -10.93 -1.51 -7.82
N GLN A 50 -11.00 -1.33 -9.13
CA GLN A 50 -11.22 -2.40 -10.09
C GLN A 50 -10.08 -3.41 -9.98
N LYS A 51 -8.85 -2.96 -10.14
CA LYS A 51 -7.68 -3.83 -10.16
C LYS A 51 -7.48 -4.52 -8.81
N ALA A 52 -7.78 -3.76 -7.76
CA ALA A 52 -7.68 -4.18 -6.37
C ALA A 52 -8.71 -5.25 -6.04
N GLY A 53 -9.94 -5.05 -6.50
CA GLY A 53 -11.07 -5.88 -6.13
C GLY A 53 -11.51 -5.58 -4.70
N LYS A 54 -11.82 -4.31 -4.44
CA LYS A 54 -12.66 -3.86 -3.33
C LYS A 54 -13.08 -2.43 -3.67
N PRO A 55 -14.20 -1.91 -3.13
CA PRO A 55 -14.67 -0.57 -3.43
C PRO A 55 -13.83 0.44 -2.65
N VAL A 56 -12.52 0.47 -2.88
CA VAL A 56 -11.66 1.41 -2.20
C VAL A 56 -11.85 2.79 -2.79
N GLU A 57 -11.94 3.73 -1.86
CA GLU A 57 -12.06 5.15 -2.06
C GLU A 57 -11.01 5.89 -1.23
N THR A 58 -10.52 5.31 -0.14
CA THR A 58 -9.44 5.91 0.63
C THR A 58 -8.11 5.53 -0.02
N VAL A 59 -7.05 6.28 0.27
CA VAL A 59 -5.71 6.05 -0.25
C VAL A 59 -4.76 5.91 0.94
N PRO A 60 -3.58 5.28 0.80
CA PRO A 60 -3.07 4.64 -0.39
C PRO A 60 -3.75 3.31 -0.72
N GLN A 61 -3.20 2.68 -1.75
CA GLN A 61 -3.44 1.31 -2.14
C GLN A 61 -2.06 0.66 -2.17
N ILE A 62 -1.64 0.14 -1.03
CA ILE A 62 -0.50 -0.73 -0.91
C ILE A 62 -1.06 -2.14 -1.24
N PHE A 63 -0.32 -2.88 -2.07
CA PHE A 63 -0.58 -4.27 -2.42
C PHE A 63 0.59 -5.06 -1.87
N VAL A 64 0.36 -6.08 -1.05
CA VAL A 64 1.43 -6.90 -0.49
C VAL A 64 1.46 -8.21 -1.27
N ASP A 65 2.61 -8.53 -1.86
CA ASP A 65 2.81 -9.58 -2.86
C ASP A 65 1.59 -9.72 -3.78
N GLN A 66 1.26 -8.61 -4.42
CA GLN A 66 0.24 -8.49 -5.43
C GLN A 66 -1.20 -8.59 -4.90
N GLN A 67 -1.44 -8.90 -3.63
CA GLN A 67 -2.78 -8.88 -3.08
C GLN A 67 -2.96 -7.43 -2.64
N HIS A 68 -3.93 -6.72 -3.20
CA HIS A 68 -4.30 -5.40 -2.71
C HIS A 68 -4.63 -5.51 -1.25
N ILE A 69 -4.11 -4.57 -0.46
CA ILE A 69 -4.53 -4.39 0.90
C ILE A 69 -5.36 -3.12 0.97
N GLY A 70 -4.76 -1.98 0.62
CA GLY A 70 -5.41 -0.69 0.76
C GLY A 70 -4.52 0.31 1.49
N GLY A 71 -5.13 1.10 2.37
CA GLY A 71 -4.51 2.26 2.99
C GLY A 71 -3.76 1.85 4.25
N TYR A 72 -3.51 2.83 5.11
CA TYR A 72 -2.69 2.61 6.30
C TYR A 72 -3.36 1.58 7.20
N THR A 73 -4.62 1.77 7.59
CA THR A 73 -5.24 0.85 8.52
C THR A 73 -5.39 -0.54 7.88
N ASP A 74 -5.74 -0.59 6.59
CA ASP A 74 -5.78 -1.84 5.84
C ASP A 74 -4.42 -2.54 5.99
N PHE A 75 -3.34 -1.78 5.80
CA PHE A 75 -2.01 -2.35 5.68
C PHE A 75 -1.55 -2.83 7.04
N ALA A 76 -1.68 -1.97 8.06
CA ALA A 76 -1.36 -2.30 9.43
C ALA A 76 -2.14 -3.55 9.84
N ALA A 77 -3.42 -3.62 9.48
CA ALA A 77 -4.20 -4.82 9.70
C ALA A 77 -3.51 -6.01 9.05
N TRP A 78 -3.24 -5.95 7.74
CA TRP A 78 -2.64 -7.07 7.02
C TRP A 78 -1.38 -7.55 7.76
N VAL A 79 -0.49 -6.60 8.06
CA VAL A 79 0.74 -6.84 8.81
C VAL A 79 0.39 -7.61 10.07
N LYS A 80 -0.55 -7.06 10.85
CA LYS A 80 -0.95 -7.59 12.14
C LYS A 80 -1.97 -8.73 12.03
N GLU A 81 -2.06 -9.37 10.87
CA GLU A 81 -2.73 -10.65 10.68
C GLU A 81 -1.74 -11.66 10.09
N ASN A 82 -0.84 -11.21 9.21
CA ASN A 82 0.07 -12.08 8.46
C ASN A 82 1.37 -12.28 9.21
N LEU A 83 2.00 -11.17 9.60
CA LEU A 83 3.26 -11.20 10.32
C LEU A 83 2.94 -11.31 11.80
N ASP A 84 2.07 -10.41 12.27
CA ASP A 84 1.49 -10.35 13.59
C ASP A 84 2.39 -10.83 14.73
N ALA A 85 3.32 -9.96 15.14
CA ALA A 85 4.14 -10.10 16.32
C ALA A 85 4.78 -8.74 16.55
N MET A 1 7.95 -11.21 0.13
CA MET A 1 6.68 -10.51 -0.11
C MET A 1 6.92 -9.06 -0.53
N GLN A 2 6.82 -8.76 -1.82
CA GLN A 2 7.04 -7.41 -2.32
C GLN A 2 5.75 -6.61 -2.16
N THR A 3 5.92 -5.34 -1.80
CA THR A 3 4.87 -4.42 -1.44
C THR A 3 4.93 -3.24 -2.41
N VAL A 4 4.02 -3.14 -3.37
CA VAL A 4 4.02 -2.07 -4.35
C VAL A 4 2.96 -1.03 -3.94
N ILE A 5 3.34 0.25 -3.89
CA ILE A 5 2.58 1.31 -3.24
C ILE A 5 2.06 2.26 -4.30
N PHE A 6 0.83 2.01 -4.73
CA PHE A 6 0.15 2.84 -5.71
C PHE A 6 -0.38 4.06 -4.96
N GLY A 7 -0.46 5.22 -5.62
CA GLY A 7 -1.00 6.42 -5.01
C GLY A 7 -0.29 7.65 -5.57
N ARG A 8 -0.02 8.64 -4.73
CA ARG A 8 0.88 9.74 -5.06
C ARG A 8 1.50 10.34 -3.82
N SER A 9 0.65 10.43 -2.81
CA SER A 9 0.96 10.79 -1.45
C SER A 9 -0.27 10.41 -0.62
N GLY A 10 -1.25 11.31 -0.62
CA GLY A 10 -2.47 11.19 0.14
C GLY A 10 -2.43 12.19 1.28
N CYS A 11 -2.61 11.74 2.51
CA CYS A 11 -2.77 12.56 3.70
C CYS A 11 -1.78 12.00 4.73
N PRO A 12 -1.30 12.78 5.71
CA PRO A 12 -0.23 12.37 6.60
C PRO A 12 -0.48 10.98 7.22
N TYR A 13 -1.68 10.77 7.76
CA TYR A 13 -2.11 9.49 8.29
C TYR A 13 -1.99 8.39 7.23
N SER A 14 -2.54 8.58 6.05
CA SER A 14 -2.59 7.58 5.00
C SER A 14 -1.14 7.26 4.58
N VAL A 15 -0.31 8.29 4.46
CA VAL A 15 1.11 8.22 4.18
C VAL A 15 1.89 7.45 5.26
N ARG A 16 1.38 7.30 6.49
CA ARG A 16 1.98 6.36 7.44
C ARG A 16 2.15 5.00 6.79
N ALA A 17 1.24 4.59 5.88
CA ALA A 17 1.34 3.30 5.21
C ALA A 17 2.66 3.20 4.47
N LYS A 18 3.00 4.26 3.73
CA LYS A 18 4.18 4.28 2.88
C LYS A 18 5.35 4.17 3.86
N ASP A 19 5.44 5.10 4.82
CA ASP A 19 6.58 5.10 5.72
C ASP A 19 6.73 3.74 6.42
N LEU A 20 5.63 3.22 6.94
CA LEU A 20 5.55 1.92 7.58
C LEU A 20 6.16 0.85 6.69
N ALA A 21 5.72 0.75 5.44
CA ALA A 21 6.28 -0.24 4.51
C ALA A 21 7.79 -0.10 4.42
N GLU A 22 8.30 1.12 4.23
CA GLU A 22 9.72 1.35 4.08
C GLU A 22 10.45 0.88 5.36
N LYS A 23 9.92 1.33 6.49
CA LYS A 23 10.40 0.98 7.81
C LYS A 23 10.48 -0.55 7.93
N LEU A 24 9.37 -1.23 7.64
CA LEU A 24 9.26 -2.68 7.69
C LEU A 24 10.29 -3.32 6.75
N SER A 25 10.45 -2.85 5.52
CA SER A 25 11.51 -3.34 4.66
C SER A 25 12.88 -3.26 5.37
N ASN A 26 13.02 -2.32 6.30
CA ASN A 26 14.20 -2.08 7.09
C ASN A 26 14.08 -2.59 8.53
N GLU A 27 13.15 -3.50 8.81
CA GLU A 27 13.06 -4.27 10.06
C GLU A 27 12.53 -5.70 9.89
N ARG A 28 12.17 -6.11 8.68
CA ARG A 28 11.72 -7.45 8.34
C ARG A 28 12.91 -8.30 7.90
N ASP A 29 12.60 -9.50 7.42
CA ASP A 29 13.53 -10.48 6.91
C ASP A 29 14.25 -9.98 5.65
N ASP A 30 13.51 -9.73 4.57
CA ASP A 30 14.13 -9.55 3.25
C ASP A 30 13.41 -8.65 2.26
N PHE A 31 12.19 -8.16 2.53
CA PHE A 31 11.37 -7.68 1.43
C PHE A 31 11.72 -6.26 1.05
N GLN A 32 11.62 -5.97 -0.25
CA GLN A 32 11.67 -4.61 -0.77
C GLN A 32 10.24 -4.19 -0.99
N TYR A 33 9.93 -2.92 -0.76
CA TYR A 33 8.71 -2.32 -1.26
C TYR A 33 9.11 -1.42 -2.45
N GLN A 34 8.15 -0.99 -3.27
CA GLN A 34 8.39 -0.03 -4.34
C GLN A 34 7.21 0.93 -4.39
N TYR A 35 7.43 2.19 -4.76
CA TYR A 35 6.39 3.21 -4.77
C TYR A 35 6.13 3.64 -6.21
N VAL A 36 4.85 3.75 -6.55
CA VAL A 36 4.33 3.87 -7.90
C VAL A 36 3.33 5.00 -7.88
N ASP A 37 3.58 6.06 -8.63
CA ASP A 37 2.65 7.16 -8.70
C ASP A 37 1.60 6.84 -9.75
N ILE A 38 0.34 6.77 -9.36
CA ILE A 38 -0.74 6.89 -10.31
C ILE A 38 -0.62 8.19 -11.10
N ARG A 39 0.08 9.19 -10.54
CA ARG A 39 0.31 10.48 -11.21
C ARG A 39 1.31 10.37 -12.34
N ALA A 40 2.18 9.36 -12.29
CA ALA A 40 3.13 9.11 -13.36
C ALA A 40 2.36 8.69 -14.61
N GLU A 41 1.67 7.54 -14.52
CA GLU A 41 1.02 6.94 -15.66
C GLU A 41 -0.34 7.59 -15.92
N GLY A 42 -1.14 7.81 -14.89
CA GLY A 42 -2.41 8.52 -14.95
C GLY A 42 -3.57 7.58 -14.59
N ILE A 43 -3.45 6.84 -13.49
CA ILE A 43 -4.44 5.86 -13.07
C ILE A 43 -5.50 6.55 -12.21
N THR A 44 -6.76 6.14 -12.33
CA THR A 44 -7.85 6.68 -11.53
C THR A 44 -8.00 5.86 -10.24
N LYS A 45 -8.68 6.42 -9.25
CA LYS A 45 -9.13 5.67 -8.10
C LYS A 45 -10.02 4.52 -8.57
N GLU A 46 -10.93 4.81 -9.50
CA GLU A 46 -11.86 3.88 -10.09
C GLU A 46 -11.11 2.64 -10.62
N ASP A 47 -10.11 2.89 -11.46
CA ASP A 47 -9.28 1.84 -12.06
C ASP A 47 -8.74 0.96 -10.93
N LEU A 48 -8.08 1.61 -9.97
CA LEU A 48 -7.52 0.98 -8.79
C LEU A 48 -8.54 0.09 -8.09
N GLN A 49 -9.74 0.61 -7.80
CA GLN A 49 -10.75 -0.10 -7.05
C GLN A 49 -11.17 -1.37 -7.78
N GLN A 50 -11.32 -1.28 -9.10
CA GLN A 50 -11.64 -2.43 -9.92
C GLN A 50 -10.46 -3.41 -9.93
N LYS A 51 -9.24 -2.91 -10.02
CA LYS A 51 -8.05 -3.73 -10.07
C LYS A 51 -7.91 -4.54 -8.78
N ALA A 52 -8.02 -3.83 -7.65
CA ALA A 52 -8.06 -4.43 -6.33
C ALA A 52 -9.18 -5.48 -6.34
N GLY A 53 -10.37 -5.02 -6.72
CA GLY A 53 -11.62 -5.73 -6.60
C GLY A 53 -12.25 -5.40 -5.26
N LYS A 54 -12.30 -4.12 -4.93
CA LYS A 54 -12.85 -3.61 -3.69
C LYS A 54 -13.12 -2.11 -3.93
N PRO A 55 -14.28 -1.57 -3.53
CA PRO A 55 -14.63 -0.18 -3.80
C PRO A 55 -13.93 0.78 -2.84
N VAL A 56 -12.60 0.76 -2.85
CA VAL A 56 -11.81 1.74 -2.13
C VAL A 56 -11.63 2.96 -3.02
N GLU A 57 -11.69 4.11 -2.38
CA GLU A 57 -11.35 5.40 -2.86
C GLU A 57 -10.61 6.07 -1.70
N THR A 58 -9.44 5.53 -1.36
CA THR A 58 -8.48 6.15 -0.48
C THR A 58 -7.10 5.91 -1.11
N VAL A 59 -6.13 6.78 -0.84
CA VAL A 59 -4.73 6.53 -1.17
C VAL A 59 -3.92 6.66 0.14
N PRO A 60 -2.75 6.02 0.28
CA PRO A 60 -2.10 5.16 -0.70
C PRO A 60 -2.85 3.82 -0.85
N GLN A 61 -2.40 3.03 -1.81
CA GLN A 61 -2.95 1.76 -2.20
C GLN A 61 -1.77 0.80 -2.25
N ILE A 62 -1.44 0.18 -1.12
CA ILE A 62 -0.39 -0.81 -1.08
C ILE A 62 -1.01 -2.14 -1.51
N PHE A 63 -0.35 -2.81 -2.44
CA PHE A 63 -0.60 -4.17 -2.87
C PHE A 63 0.58 -5.00 -2.37
N VAL A 64 0.33 -6.03 -1.57
CA VAL A 64 1.34 -6.99 -1.14
C VAL A 64 1.14 -8.24 -1.99
N ASP A 65 2.20 -8.81 -2.58
CA ASP A 65 2.08 -10.03 -3.39
C ASP A 65 0.89 -9.93 -4.36
N GLN A 66 0.80 -8.78 -5.05
CA GLN A 66 -0.24 -8.44 -5.99
C GLN A 66 -1.68 -8.62 -5.47
N GLN A 67 -1.88 -8.62 -4.15
CA GLN A 67 -3.17 -8.60 -3.48
C GLN A 67 -3.31 -7.20 -2.89
N HIS A 68 -4.43 -6.54 -3.18
CA HIS A 68 -4.73 -5.22 -2.65
C HIS A 68 -4.88 -5.31 -1.15
N ILE A 69 -4.12 -4.47 -0.44
CA ILE A 69 -4.34 -4.23 0.97
C ILE A 69 -5.06 -2.90 1.13
N GLY A 70 -4.44 -1.80 0.69
CA GLY A 70 -5.02 -0.47 0.73
C GLY A 70 -4.17 0.56 1.46
N GLY A 71 -4.81 1.43 2.25
CA GLY A 71 -4.15 2.56 2.90
C GLY A 71 -3.47 2.15 4.20
N TYR A 72 -3.22 3.10 5.09
CA TYR A 72 -2.43 2.82 6.29
C TYR A 72 -3.18 1.92 7.24
N THR A 73 -4.39 2.27 7.66
CA THR A 73 -5.11 1.38 8.58
C THR A 73 -5.34 0.02 7.92
N ASP A 74 -5.67 0.00 6.63
CA ASP A 74 -5.81 -1.23 5.86
C ASP A 74 -4.52 -2.04 5.99
N PHE A 75 -3.39 -1.38 5.79
CA PHE A 75 -2.09 -2.01 5.69
C PHE A 75 -1.65 -2.50 7.06
N ALA A 76 -1.58 -1.60 8.03
CA ALA A 76 -1.29 -1.94 9.40
C ALA A 76 -2.21 -3.07 9.91
N ALA A 77 -3.44 -3.15 9.41
CA ALA A 77 -4.32 -4.29 9.71
C ALA A 77 -3.75 -5.58 9.11
N TRP A 78 -3.30 -5.56 7.85
CA TRP A 78 -2.61 -6.71 7.25
C TRP A 78 -1.41 -7.07 8.13
N VAL A 79 -0.61 -6.07 8.52
CA VAL A 79 0.61 -6.26 9.27
C VAL A 79 0.30 -7.04 10.55
N LYS A 80 -0.68 -6.61 11.36
CA LYS A 80 -0.92 -7.29 12.62
C LYS A 80 -1.17 -8.78 12.41
N GLU A 81 -1.93 -9.15 11.38
CA GLU A 81 -2.25 -10.54 11.12
C GLU A 81 -1.21 -11.24 10.25
N ASN A 82 -0.06 -10.62 9.97
CA ASN A 82 0.98 -11.23 9.13
C ASN A 82 2.32 -11.27 9.84
N LEU A 83 2.61 -10.28 10.68
CA LEU A 83 3.85 -10.17 11.45
C LEU A 83 3.54 -10.44 12.93
N ASP A 84 2.66 -9.61 13.52
CA ASP A 84 2.49 -9.55 14.97
C ASP A 84 1.73 -10.74 15.55
N ALA A 85 1.23 -11.66 14.73
CA ALA A 85 0.36 -12.75 15.14
C ALA A 85 0.70 -13.99 14.33
N MET A 1 8.34 -11.98 1.15
CA MET A 1 7.43 -11.50 0.10
C MET A 1 8.01 -10.24 -0.54
N GLN A 2 7.16 -9.44 -1.15
CA GLN A 2 7.42 -8.24 -1.93
C GLN A 2 6.11 -7.47 -1.85
N THR A 3 6.15 -6.19 -2.16
CA THR A 3 5.01 -5.33 -2.01
C THR A 3 5.03 -4.34 -3.17
N VAL A 4 3.86 -3.88 -3.59
CA VAL A 4 3.73 -2.78 -4.54
C VAL A 4 2.82 -1.75 -3.86
N ILE A 5 3.05 -0.44 -4.04
CA ILE A 5 2.32 0.58 -3.31
C ILE A 5 2.01 1.71 -4.27
N PHE A 6 0.72 2.04 -4.43
CA PHE A 6 0.23 3.03 -5.35
C PHE A 6 -0.34 4.16 -4.49
N GLY A 7 0.09 5.43 -4.62
CA GLY A 7 -0.65 6.49 -3.93
C GLY A 7 -0.06 7.89 -3.97
N ARG A 8 0.17 8.44 -2.78
CA ARG A 8 0.63 9.81 -2.50
C ARG A 8 -0.42 10.86 -2.83
N SER A 9 -0.05 12.13 -2.65
CA SER A 9 -0.93 13.28 -2.79
C SER A 9 -1.85 13.39 -1.57
N GLY A 10 -2.46 14.57 -1.40
CA GLY A 10 -3.58 14.76 -0.49
C GLY A 10 -3.21 14.87 0.99
N CYS A 11 -2.53 13.88 1.56
CA CYS A 11 -2.43 13.69 3.02
C CYS A 11 -1.12 13.04 3.43
N PRO A 12 -0.53 13.44 4.58
CA PRO A 12 0.52 12.66 5.21
C PRO A 12 -0.03 11.31 5.68
N TYR A 13 -1.26 11.27 6.19
CA TYR A 13 -1.86 10.03 6.69
C TYR A 13 -1.85 8.91 5.63
N SER A 14 -1.95 9.29 4.35
CA SER A 14 -1.83 8.36 3.25
C SER A 14 -0.40 7.80 3.28
N VAL A 15 0.60 8.68 3.25
CA VAL A 15 2.00 8.31 3.17
C VAL A 15 2.49 7.67 4.49
N ARG A 16 1.71 7.71 5.57
CA ARG A 16 1.97 6.85 6.72
C ARG A 16 2.00 5.37 6.28
N ALA A 17 1.23 5.00 5.26
CA ALA A 17 1.25 3.65 4.73
C ALA A 17 2.61 3.35 4.08
N LYS A 18 3.16 4.31 3.33
CA LYS A 18 4.52 4.16 2.84
C LYS A 18 5.43 3.94 4.03
N ASP A 19 5.43 4.86 4.99
CA ASP A 19 6.28 4.78 6.17
C ASP A 19 6.26 3.38 6.74
N LEU A 20 5.07 2.88 7.08
CA LEU A 20 4.85 1.53 7.59
C LEU A 20 5.65 0.49 6.79
N ALA A 21 5.51 0.50 5.47
CA ALA A 21 6.30 -0.42 4.67
C ALA A 21 7.78 -0.06 4.70
N GLU A 22 8.13 1.22 4.66
CA GLU A 22 9.49 1.67 4.47
C GLU A 22 10.32 1.15 5.65
N LYS A 23 9.91 1.40 6.89
CA LYS A 23 10.65 0.83 8.01
C LYS A 23 10.76 -0.67 7.86
N LEU A 24 9.62 -1.32 7.71
CA LEU A 24 9.58 -2.76 7.56
C LEU A 24 10.47 -3.22 6.40
N SER A 25 10.71 -2.38 5.40
CA SER A 25 11.58 -2.76 4.29
C SER A 25 13.05 -2.78 4.73
N ASN A 26 13.41 -1.93 5.69
CA ASN A 26 14.73 -1.90 6.31
C ASN A 26 14.84 -2.91 7.45
N GLU A 27 13.75 -3.22 8.15
CA GLU A 27 13.71 -4.11 9.29
C GLU A 27 13.63 -5.57 8.83
N ARG A 28 12.74 -5.87 7.89
CA ARG A 28 12.62 -7.17 7.26
C ARG A 28 13.67 -7.18 6.16
N ASP A 29 14.24 -8.34 5.86
CA ASP A 29 14.98 -8.54 4.62
C ASP A 29 14.25 -9.56 3.73
N ASP A 30 13.23 -10.25 4.26
CA ASP A 30 12.46 -11.21 3.51
C ASP A 30 11.34 -10.52 2.72
N PHE A 31 10.84 -9.38 3.21
CA PHE A 31 9.99 -8.46 2.47
C PHE A 31 10.81 -7.28 1.95
N GLN A 32 10.36 -6.74 0.82
CA GLN A 32 10.82 -5.51 0.18
C GLN A 32 9.54 -4.84 -0.33
N TYR A 33 9.66 -3.69 -0.97
CA TYR A 33 8.54 -3.00 -1.56
C TYR A 33 8.97 -2.20 -2.79
N GLN A 34 8.04 -2.02 -3.74
CA GLN A 34 8.12 -1.05 -4.81
C GLN A 34 7.02 -0.04 -4.56
N TYR A 35 7.39 1.23 -4.65
CA TYR A 35 6.52 2.35 -4.37
C TYR A 35 6.32 3.16 -5.65
N VAL A 36 5.09 3.59 -5.89
CA VAL A 36 4.58 3.99 -7.19
C VAL A 36 3.63 5.17 -6.97
N ASP A 37 3.47 6.04 -7.97
CA ASP A 37 2.67 7.26 -7.90
C ASP A 37 1.58 7.27 -8.98
N ILE A 38 0.35 7.49 -8.55
CA ILE A 38 -0.82 7.45 -9.41
C ILE A 38 -0.96 8.70 -10.28
N ARG A 39 -0.39 9.83 -9.88
CA ARG A 39 -0.42 11.07 -10.63
C ARG A 39 0.65 11.04 -11.71
N ALA A 40 1.81 10.54 -11.33
CA ALA A 40 2.95 10.39 -12.20
C ALA A 40 2.55 9.58 -13.42
N GLU A 41 1.96 8.41 -13.19
CA GLU A 41 1.42 7.60 -14.27
C GLU A 41 0.13 8.24 -14.79
N GLY A 42 -0.97 8.11 -14.04
CA GLY A 42 -2.31 8.50 -14.49
C GLY A 42 -3.32 7.41 -14.13
N ILE A 43 -3.43 7.09 -12.84
CA ILE A 43 -4.31 6.07 -12.31
C ILE A 43 -5.41 6.78 -11.50
N THR A 44 -6.67 6.58 -11.89
CA THR A 44 -7.85 7.14 -11.27
C THR A 44 -8.36 6.21 -10.15
N LYS A 45 -9.23 6.67 -9.26
CA LYS A 45 -9.73 5.88 -8.15
C LYS A 45 -10.55 4.70 -8.66
N GLU A 46 -11.36 4.89 -9.69
CA GLU A 46 -12.05 3.80 -10.34
C GLU A 46 -11.06 2.71 -10.73
N ASP A 47 -9.98 3.11 -11.42
CA ASP A 47 -8.98 2.19 -11.92
C ASP A 47 -8.42 1.44 -10.74
N LEU A 48 -7.93 2.17 -9.74
CA LEU A 48 -7.43 1.63 -8.48
C LEU A 48 -8.37 0.58 -7.92
N GLN A 49 -9.65 0.89 -7.73
CA GLN A 49 -10.61 -0.03 -7.16
C GLN A 49 -10.73 -1.30 -8.02
N GLN A 50 -10.58 -1.16 -9.32
CA GLN A 50 -10.64 -2.28 -10.26
C GLN A 50 -9.37 -3.13 -10.16
N LYS A 51 -8.19 -2.49 -10.19
CA LYS A 51 -6.87 -3.07 -10.03
C LYS A 51 -6.85 -3.86 -8.72
N ALA A 52 -7.35 -3.23 -7.67
CA ALA A 52 -7.50 -3.79 -6.34
C ALA A 52 -8.44 -4.99 -6.38
N GLY A 53 -9.61 -4.78 -6.98
CA GLY A 53 -10.71 -5.72 -7.00
C GLY A 53 -11.64 -5.50 -5.80
N LYS A 54 -11.62 -4.31 -5.19
CA LYS A 54 -12.47 -3.91 -4.07
C LYS A 54 -13.06 -2.55 -4.41
N PRO A 55 -14.23 -2.17 -3.88
CA PRO A 55 -14.85 -0.87 -4.10
C PRO A 55 -14.15 0.22 -3.28
N VAL A 56 -12.82 0.34 -3.40
CA VAL A 56 -12.02 1.28 -2.65
C VAL A 56 -12.22 2.70 -3.20
N GLU A 57 -11.88 3.73 -2.42
CA GLU A 57 -11.97 5.12 -2.86
C GLU A 57 -10.82 5.98 -2.35
N THR A 58 -9.87 5.45 -1.59
CA THR A 58 -8.81 6.27 -1.00
C THR A 58 -7.41 5.80 -1.41
N VAL A 59 -6.43 6.71 -1.33
CA VAL A 59 -5.02 6.44 -1.57
C VAL A 59 -4.30 6.44 -0.22
N PRO A 60 -3.19 5.69 -0.05
CA PRO A 60 -2.59 4.83 -1.03
C PRO A 60 -3.29 3.48 -0.96
N GLN A 61 -2.84 2.57 -1.80
CA GLN A 61 -3.21 1.17 -1.76
C GLN A 61 -1.91 0.39 -1.83
N ILE A 62 -1.56 -0.27 -0.74
CA ILE A 62 -0.50 -1.26 -0.70
C ILE A 62 -1.10 -2.59 -1.16
N PHE A 63 -0.37 -3.26 -2.02
CA PHE A 63 -0.62 -4.58 -2.57
C PHE A 63 0.51 -5.47 -2.09
N VAL A 64 0.21 -6.48 -1.29
CA VAL A 64 1.19 -7.43 -0.82
C VAL A 64 1.31 -8.50 -1.90
N ASP A 65 2.50 -8.65 -2.49
CA ASP A 65 2.84 -9.54 -3.59
C ASP A 65 2.02 -9.23 -4.84
N GLN A 66 0.71 -9.48 -4.81
CA GLN A 66 -0.26 -8.98 -5.77
C GLN A 66 -1.68 -8.81 -5.17
N GLN A 67 -1.89 -9.16 -3.90
CA GLN A 67 -3.19 -9.00 -3.27
C GLN A 67 -3.21 -7.55 -2.78
N HIS A 68 -4.13 -6.74 -3.29
CA HIS A 68 -4.47 -5.47 -2.67
C HIS A 68 -4.79 -5.70 -1.20
N ILE A 69 -4.10 -5.00 -0.32
CA ILE A 69 -4.51 -4.88 1.07
C ILE A 69 -5.40 -3.65 1.17
N GLY A 70 -4.84 -2.46 0.91
CA GLY A 70 -5.54 -1.19 1.09
C GLY A 70 -4.62 -0.13 1.67
N GLY A 71 -5.19 0.79 2.45
CA GLY A 71 -4.50 1.97 2.95
C GLY A 71 -3.61 1.66 4.15
N TYR A 72 -3.26 2.70 4.90
CA TYR A 72 -2.44 2.55 6.08
C TYR A 72 -3.17 1.68 7.08
N THR A 73 -4.45 1.97 7.33
CA THR A 73 -5.22 1.25 8.34
C THR A 73 -5.31 -0.23 7.95
N ASP A 74 -5.71 -0.49 6.71
CA ASP A 74 -5.82 -1.84 6.14
C ASP A 74 -4.48 -2.54 6.30
N PHE A 75 -3.41 -1.86 5.91
CA PHE A 75 -2.08 -2.44 5.88
C PHE A 75 -1.67 -2.79 7.30
N ALA A 76 -1.86 -1.86 8.23
CA ALA A 76 -1.58 -2.07 9.63
C ALA A 76 -2.40 -3.25 10.16
N ALA A 77 -3.66 -3.39 9.73
CA ALA A 77 -4.43 -4.59 10.05
C ALA A 77 -3.69 -5.83 9.53
N TRP A 78 -3.32 -5.86 8.25
CA TRP A 78 -2.62 -6.98 7.66
C TRP A 78 -1.37 -7.32 8.48
N VAL A 79 -0.59 -6.31 8.87
CA VAL A 79 0.62 -6.47 9.66
C VAL A 79 0.33 -7.26 10.94
N LYS A 80 -0.67 -6.87 11.73
CA LYS A 80 -0.97 -7.64 12.94
C LYS A 80 -1.55 -9.02 12.60
N GLU A 81 -2.27 -9.11 11.48
CA GLU A 81 -2.84 -10.35 11.01
C GLU A 81 -1.72 -11.34 10.61
N ASN A 82 -0.55 -10.83 10.23
CA ASN A 82 0.56 -11.61 9.69
C ASN A 82 1.71 -11.66 10.67
N LEU A 83 2.39 -10.53 10.84
CA LEU A 83 3.64 -10.45 11.57
C LEU A 83 3.36 -10.34 13.05
N ASP A 84 2.55 -9.35 13.45
CA ASP A 84 2.42 -8.86 14.83
C ASP A 84 3.75 -8.95 15.56
N ALA A 85 4.68 -8.09 15.17
CA ALA A 85 6.03 -8.06 15.69
C ALA A 85 6.48 -6.60 15.59
N MET A 1 7.56 -11.71 0.91
CA MET A 1 6.54 -10.92 0.20
C MET A 1 7.21 -9.74 -0.51
N GLN A 2 6.41 -8.90 -1.16
CA GLN A 2 6.85 -7.66 -1.81
C GLN A 2 5.64 -6.73 -1.75
N THR A 3 5.90 -5.48 -1.41
CA THR A 3 4.89 -4.48 -1.12
C THR A 3 4.88 -3.46 -2.25
N VAL A 4 3.90 -3.53 -3.16
CA VAL A 4 3.82 -2.62 -4.29
C VAL A 4 2.94 -1.45 -3.82
N ILE A 5 3.40 -0.19 -3.90
CA ILE A 5 2.70 0.95 -3.32
C ILE A 5 2.09 1.73 -4.47
N PHE A 6 0.78 1.85 -4.56
CA PHE A 6 0.11 2.64 -5.56
C PHE A 6 -0.37 3.93 -4.90
N GLY A 7 0.26 5.06 -5.21
CA GLY A 7 -0.19 6.39 -4.82
C GLY A 7 0.18 6.73 -3.37
N ARG A 8 -0.06 7.99 -2.98
CA ARG A 8 0.15 8.52 -1.64
C ARG A 8 -0.54 9.88 -1.52
N SER A 9 -0.44 10.50 -0.35
CA SER A 9 -0.80 11.87 -0.01
C SER A 9 -2.30 12.06 0.12
N GLY A 10 -2.81 13.28 -0.04
CA GLY A 10 -4.20 13.58 0.26
C GLY A 10 -4.36 13.80 1.76
N CYS A 11 -3.86 12.89 2.59
CA CYS A 11 -3.87 13.01 4.05
C CYS A 11 -2.62 12.34 4.60
N PRO A 12 -2.04 12.83 5.71
CA PRO A 12 -0.84 12.25 6.27
C PRO A 12 -1.05 10.78 6.65
N TYR A 13 -2.26 10.38 7.07
CA TYR A 13 -2.54 8.97 7.35
C TYR A 13 -2.18 8.11 6.14
N SER A 14 -2.46 8.59 4.93
CA SER A 14 -2.25 7.80 3.75
C SER A 14 -0.75 7.51 3.64
N VAL A 15 0.07 8.57 3.72
CA VAL A 15 1.52 8.43 3.64
C VAL A 15 2.05 7.58 4.79
N ARG A 16 1.39 7.57 5.95
CA ARG A 16 1.77 6.71 7.06
C ARG A 16 1.93 5.24 6.62
N ALA A 17 1.21 4.82 5.57
CA ALA A 17 1.29 3.46 5.06
C ALA A 17 2.65 3.24 4.40
N LYS A 18 3.00 4.15 3.49
CA LYS A 18 4.31 4.21 2.86
C LYS A 18 5.37 4.20 3.95
N ASP A 19 5.22 5.08 4.94
CA ASP A 19 6.11 5.16 6.08
C ASP A 19 6.29 3.79 6.74
N LEU A 20 5.18 3.12 7.05
CA LEU A 20 5.18 1.80 7.69
C LEU A 20 6.08 0.84 6.91
N ALA A 21 5.79 0.68 5.61
CA ALA A 21 6.60 -0.18 4.77
C ALA A 21 8.05 0.30 4.72
N GLU A 22 8.27 1.61 4.73
CA GLU A 22 9.59 2.14 4.48
C GLU A 22 10.52 1.64 5.58
N LYS A 23 10.16 1.78 6.86
CA LYS A 23 11.02 1.17 7.87
C LYS A 23 11.13 -0.31 7.65
N LEU A 24 9.97 -0.96 7.60
CA LEU A 24 9.90 -2.41 7.56
C LEU A 24 10.87 -3.00 6.53
N SER A 25 10.99 -2.39 5.34
CA SER A 25 11.92 -2.88 4.34
C SER A 25 13.40 -2.76 4.76
N ASN A 26 13.74 -1.77 5.58
CA ASN A 26 15.06 -1.67 6.21
C ASN A 26 15.21 -2.66 7.36
N GLU A 27 14.23 -2.73 8.27
CA GLU A 27 14.40 -3.51 9.49
C GLU A 27 14.32 -5.01 9.19
N ARG A 28 13.54 -5.40 8.19
CA ARG A 28 13.63 -6.71 7.57
C ARG A 28 14.73 -6.63 6.52
N ASP A 29 15.30 -7.77 6.12
CA ASP A 29 16.32 -7.82 5.08
C ASP A 29 15.88 -8.88 4.08
N ASP A 30 14.57 -8.92 3.81
CA ASP A 30 13.91 -10.02 3.12
C ASP A 30 12.96 -9.44 2.08
N PHE A 31 11.86 -8.87 2.54
CA PHE A 31 10.85 -8.27 1.70
C PHE A 31 11.27 -6.83 1.37
N GLN A 32 11.03 -6.38 0.14
CA GLN A 32 11.15 -4.96 -0.20
C GLN A 32 9.76 -4.44 -0.52
N TYR A 33 9.64 -3.12 -0.59
CA TYR A 33 8.54 -2.50 -1.27
C TYR A 33 9.12 -1.81 -2.50
N GLN A 34 8.37 -1.73 -3.60
CA GLN A 34 8.62 -0.82 -4.67
C GLN A 34 7.36 0.04 -4.78
N TYR A 35 7.54 1.31 -5.09
CA TYR A 35 6.48 2.29 -5.07
C TYR A 35 6.19 2.74 -6.50
N VAL A 36 4.96 3.21 -6.72
CA VAL A 36 4.36 3.56 -7.98
C VAL A 36 3.42 4.73 -7.69
N ASP A 37 3.52 5.84 -8.42
CA ASP A 37 2.41 6.79 -8.51
C ASP A 37 1.54 6.40 -9.66
N ILE A 38 0.32 5.99 -9.33
CA ILE A 38 -0.76 5.88 -10.27
C ILE A 38 -0.90 7.21 -11.03
N ARG A 39 -0.86 8.34 -10.29
CA ARG A 39 -0.89 9.68 -10.85
C ARG A 39 0.44 10.10 -11.49
N ALA A 40 1.19 9.17 -12.07
CA ALA A 40 2.39 9.43 -12.85
C ALA A 40 2.46 8.38 -13.95
N GLU A 41 2.16 7.13 -13.59
CA GLU A 41 2.20 6.01 -14.49
C GLU A 41 1.02 6.12 -15.44
N GLY A 42 -0.13 6.54 -14.91
CA GLY A 42 -1.35 6.77 -15.66
C GLY A 42 -2.42 5.73 -15.35
N ILE A 43 -2.31 5.07 -14.20
CA ILE A 43 -3.41 4.31 -13.63
C ILE A 43 -4.23 5.35 -12.90
N THR A 44 -5.55 5.35 -13.04
CA THR A 44 -6.37 6.36 -12.40
C THR A 44 -6.84 5.87 -11.03
N LYS A 45 -7.50 6.77 -10.30
CA LYS A 45 -8.03 6.48 -9.00
C LYS A 45 -9.21 5.52 -9.09
N GLU A 46 -10.07 5.75 -10.08
CA GLU A 46 -11.19 4.84 -10.30
C GLU A 46 -10.59 3.46 -10.63
N ASP A 47 -9.65 3.42 -11.57
CA ASP A 47 -9.00 2.17 -11.98
C ASP A 47 -8.51 1.44 -10.74
N LEU A 48 -7.81 2.16 -9.86
CA LEU A 48 -7.33 1.67 -8.59
C LEU A 48 -8.36 0.85 -7.83
N GLN A 49 -9.61 1.30 -7.77
CA GLN A 49 -10.68 0.57 -7.14
C GLN A 49 -10.95 -0.76 -7.86
N GLN A 50 -10.93 -0.74 -9.20
CA GLN A 50 -11.04 -1.94 -10.00
C GLN A 50 -9.88 -2.87 -9.64
N LYS A 51 -8.65 -2.39 -9.72
CA LYS A 51 -7.42 -3.10 -9.37
C LYS A 51 -7.49 -3.66 -7.95
N ALA A 52 -8.00 -2.88 -7.01
CA ALA A 52 -8.20 -3.25 -5.62
C ALA A 52 -9.22 -4.37 -5.50
N GLY A 53 -10.12 -4.44 -6.48
CA GLY A 53 -11.22 -5.38 -6.51
C GLY A 53 -12.22 -5.02 -5.43
N LYS A 54 -12.38 -3.72 -5.14
CA LYS A 54 -13.37 -3.22 -4.21
C LYS A 54 -13.49 -1.70 -4.40
N PRO A 55 -14.63 -1.07 -4.08
CA PRO A 55 -14.85 0.36 -4.25
C PRO A 55 -14.06 1.19 -3.24
N VAL A 56 -12.72 1.17 -3.31
CA VAL A 56 -11.91 1.96 -2.42
C VAL A 56 -11.82 3.42 -2.87
N GLU A 57 -12.26 4.26 -1.96
CA GLU A 57 -12.35 5.70 -2.12
C GLU A 57 -11.00 6.33 -1.80
N THR A 58 -10.20 5.69 -0.96
CA THR A 58 -9.01 6.31 -0.43
C THR A 58 -7.82 6.12 -1.38
N VAL A 59 -6.65 6.59 -0.95
CA VAL A 59 -5.30 6.24 -1.36
C VAL A 59 -4.53 6.09 -0.04
N PRO A 60 -3.29 5.57 -0.02
CA PRO A 60 -2.66 4.81 -1.08
C PRO A 60 -3.35 3.45 -1.18
N GLN A 61 -2.86 2.62 -2.08
CA GLN A 61 -3.12 1.21 -2.08
C GLN A 61 -1.77 0.52 -2.03
N ILE A 62 -1.41 0.01 -0.86
CA ILE A 62 -0.32 -0.94 -0.78
C ILE A 62 -0.98 -2.27 -1.12
N PHE A 63 -0.41 -2.95 -2.11
CA PHE A 63 -0.70 -4.33 -2.43
C PHE A 63 0.45 -5.12 -1.81
N VAL A 64 0.20 -6.12 -0.98
CA VAL A 64 1.23 -7.03 -0.51
C VAL A 64 1.02 -8.31 -1.31
N ASP A 65 2.09 -8.87 -1.87
CA ASP A 65 2.07 -10.06 -2.71
C ASP A 65 0.83 -10.10 -3.62
N GLN A 66 0.61 -8.99 -4.33
CA GLN A 66 -0.43 -8.80 -5.33
C GLN A 66 -1.85 -8.70 -4.74
N GLN A 67 -2.06 -8.99 -3.45
CA GLN A 67 -3.31 -8.76 -2.77
C GLN A 67 -3.33 -7.27 -2.43
N HIS A 68 -4.33 -6.54 -2.91
CA HIS A 68 -4.64 -5.21 -2.39
C HIS A 68 -4.84 -5.30 -0.89
N ILE A 69 -4.17 -4.42 -0.14
CA ILE A 69 -4.50 -4.16 1.24
C ILE A 69 -5.23 -2.82 1.31
N GLY A 70 -4.58 -1.74 0.88
CA GLY A 70 -5.17 -0.41 0.93
C GLY A 70 -4.26 0.59 1.63
N GLY A 71 -4.85 1.45 2.46
CA GLY A 71 -4.20 2.56 3.13
C GLY A 71 -3.46 2.12 4.40
N TYR A 72 -3.13 3.08 5.28
CA TYR A 72 -2.30 2.79 6.44
C TYR A 72 -3.03 1.90 7.43
N THR A 73 -4.16 2.31 8.00
CA THR A 73 -4.79 1.55 9.06
C THR A 73 -5.16 0.16 8.54
N ASP A 74 -5.47 0.11 7.25
CA ASP A 74 -5.68 -1.09 6.45
C ASP A 74 -4.43 -1.97 6.58
N PHE A 75 -3.29 -1.39 6.23
CA PHE A 75 -2.03 -2.09 6.13
C PHE A 75 -1.52 -2.50 7.50
N ALA A 76 -1.43 -1.56 8.44
CA ALA A 76 -1.07 -1.78 9.82
C ALA A 76 -1.94 -2.84 10.46
N ALA A 77 -3.23 -2.90 10.09
CA ALA A 77 -4.02 -4.05 10.44
C ALA A 77 -3.40 -5.28 9.77
N TRP A 78 -3.46 -5.38 8.45
CA TRP A 78 -3.14 -6.58 7.70
C TRP A 78 -1.83 -7.20 8.22
N VAL A 79 -0.79 -6.37 8.31
CA VAL A 79 0.52 -6.76 8.78
C VAL A 79 0.34 -7.50 10.10
N LYS A 80 -0.19 -6.85 11.14
CA LYS A 80 -0.31 -7.47 12.44
C LYS A 80 -1.62 -8.23 12.57
N GLU A 81 -1.97 -9.01 11.55
CA GLU A 81 -3.01 -10.04 11.59
C GLU A 81 -2.53 -11.22 10.74
N ASN A 82 -2.09 -10.95 9.52
CA ASN A 82 -1.84 -11.94 8.49
C ASN A 82 -0.37 -12.30 8.39
N LEU A 83 0.50 -11.30 8.53
CA LEU A 83 1.93 -11.49 8.38
C LEU A 83 2.50 -11.75 9.77
N ASP A 84 2.05 -10.97 10.76
CA ASP A 84 2.44 -11.02 12.15
C ASP A 84 3.94 -11.24 12.29
N ALA A 85 4.66 -10.21 11.83
CA ALA A 85 6.11 -10.14 11.75
C ALA A 85 6.71 -10.38 13.13
#